data_8UGS
#
_entry.id   8UGS
#
_cell.length_a   1.00
_cell.length_b   1.00
_cell.length_c   1.00
_cell.angle_alpha   90.00
_cell.angle_beta   90.00
_cell.angle_gamma   90.00
#
_symmetry.space_group_name_H-M   'P 1'
#
loop_
_entity.id
_entity.type
_entity.pdbx_description
1 polymer "Rod cGMP-specific 3',5'-cyclic phosphodiesterase subunit alpha"
2 polymer "Rod cGMP-specific 3',5'-cyclic phosphodiesterase subunit beta"
3 polymer "Retinal rod rhodopsin-sensitive cGMP 3',5'-cyclic phosphodiesterase subunit gamma"
4 non-polymer 'CYCLIC GUANOSINE MONOPHOSPHATE'
5 non-polymer 'ZINC ION'
6 non-polymer 'MAGNESIUM ION'
#
loop_
_entity_poly.entity_id
_entity_poly.type
_entity_poly.pdbx_seq_one_letter_code
_entity_poly.pdbx_strand_id
1 'polypeptide(L)'
;MGEVTAEEVEKFLDSNVSFAKQYYNLRYRAKVISDLLGPREAAVDFSNYHALNSVEESEIIFDLLRDFQDNLQAEKCVFN
VMKKLCFLLQADRMSLFMYRARNGIAELATRLFNVHKDAVLEECLVAPDSEIVFPLDMGVVGHVALSKKIVNVPNTEEDE
HFCDFVDTLTEYQTKNILASPIMNGKDVVAIIMVVNKVDGPHFTENDEEILLKYLNFANLIMKVFHLSYLHNCETRRGQI
LLWSGSKVFEELTDIERQFHKALYTVRAFLNCDRYSVGLLDMTKQKEFFDVWPVLMGEAPPYAGPRTPDGREINFYKVID
YILHGKEDIKVIPNPPPDHWALVSGLPTYVAQNGLICNIMNAPSEDFFAFQKEPLDESGWMIKNVLSMPIVNKKEEIVGV
ATFYNRKDGKPFDEMDETLMESLTQFLGWSVLNPDTYELMNKLENRKDIFQDMVKYHVKCDNEEIQTILKTREVYGKEPW
ECEEEELAEILQGELPDADKYEINKFHFSDLPLTELELVKCGIQMYYELKVVDKFHIPQEALVRFMYSLSKGYRRITYHN
WRHGFNVGQTMFSLLVTGKLKRYFTDLEALAMVTAAFCHDIDHRGTNNLYQMKSQNPLAKLHGSSILERHHLEFGKTLLR
DESLNIFQNLNRRQHEHAIHMMDIAIIATDLALYFKKRTMFQKIVDQSKTYETQQEWTQYMMLDQTRKEIVMAMMMTACD
LSAITKPWEVQSKVALLVAAEFWEQGDLERTVLQQNPIPMMDRNKADELPKLQVGFIDFVCTFVYKEFSRFHEEITPMLD
GITNNRKEWKALADEYETKMKGLEEEKQKQQAANQAAAGSQHGGKQPGGGPASKSCCVQ
;
A
2 'polypeptide(L)'
;MSLSEGQVHRFLDQNPGFADQYFGRKLSPEDVANACEDGCPEGCTSFRELCQVEESAALFELVQDMQENVNMERVVFKIL
RRLCSILHADRCSLFMYRQRNGVAELATRLFSVQPDSVLEDCLVPPDSEIVFPLDIGVVGHVAQTKKMVNVQDVMECPHF
SSFADELTDYVTRNILATPIMNGKDVVAVIMAVNKLDGPCFTSEDEDVFLKYLNFGTLNLKIYHLSYLHNCETRRGQVLL
WSANKVFEELTDIERQFHKAFYTVRAYLNCDRYSVGLLDMTKEKEFFDVWPVLMGEAQAYSGPRTPDGREILFYKVIDYI
LHGKEDIKVIPSPPADHWALASGLPTYVAESGFICNIMNAPADEMFNFQEGPLDDSGWIVKNVLSMPIVNKKEEIVGVAT
FYNRKDGKPFDEQDEVLMESLTQFLGWSVLNTDTYDKMNKLENRKDIAQDMVLYHVRCDREEIQLILPTRERLGKEPADC
EEDELGKILKEVLPGPAKFDIYEFHFSDLECTELELVKCGIQMYYELGVVRKFQIPQEVLVRFLFSVSKGYRRITYHNWR
HGFNVAQTMFTLLMTGKLKSYYTDLEAFAMVTAGLCHDIDHRGTNNLYQMKSQNPLAKLHGSSILERHHLEFGKFLLSEE
TLNIYQNLNRRQHEHVIHLMDIAIIATDLALYFKKRTMFQKIVDESKNYEDRKSWVEYLSLETTRKEIVMAMMMTACDLS
AITKPWEVQSKVALLVAAEFWEQGDLERTVLDQQPIPMMDRNKAAELPKLQVGFIDFVCTFVYKEFSRFHEEILPMFDRL
QNNRKEWKALADEYEAKVKALEEDQKKETTAKKVGTEICNGGPAPRSSTCRIL
;
B
3 'polypeptide(L)'
;MNLEPPKAEIRSATRVMGGPVTPRKGPPKFKQRQTRQFKSKPPKKGVQGFGDDIPGMEGLGTDITVICPWEAFNHLELHE
LAQYGII
;
C,D
#
# COMPACT_ATOMS: atom_id res chain seq x y z
N GLU A 7 -46.08 -78.42 13.51
CA GLU A 7 -47.24 -77.56 13.34
C GLU A 7 -47.74 -77.08 14.71
N GLU A 8 -47.43 -77.86 15.75
CA GLU A 8 -47.82 -77.48 17.11
C GLU A 8 -47.12 -76.21 17.57
N VAL A 9 -45.99 -75.85 16.93
CA VAL A 9 -45.30 -74.62 17.29
C VAL A 9 -46.17 -73.40 17.04
N GLU A 10 -47.10 -73.49 16.07
CA GLU A 10 -48.00 -72.38 15.80
C GLU A 10 -48.79 -71.98 17.04
N LYS A 11 -49.13 -72.95 17.88
CA LYS A 11 -49.77 -72.64 19.15
C LYS A 11 -48.83 -71.89 20.08
N PHE A 12 -47.55 -72.26 20.08
CA PHE A 12 -46.57 -71.58 20.93
C PHE A 12 -46.44 -70.11 20.55
N LEU A 13 -46.43 -69.82 19.25
CA LEU A 13 -46.29 -68.44 18.80
C LEU A 13 -47.50 -67.60 19.21
N ASP A 14 -48.70 -68.17 19.14
CA ASP A 14 -49.90 -67.43 19.51
C ASP A 14 -50.00 -67.24 21.02
N SER A 15 -49.46 -68.17 21.80
CA SER A 15 -49.58 -68.08 23.26
C SER A 15 -48.86 -66.84 23.78
N ASN A 16 -47.68 -66.54 23.24
CA ASN A 16 -46.91 -65.36 23.64
C ASN A 16 -46.57 -64.57 22.38
N VAL A 17 -47.39 -63.57 22.07
CA VAL A 17 -47.16 -62.75 20.88
C VAL A 17 -45.93 -61.87 21.03
N SER A 18 -45.46 -61.66 22.27
CA SER A 18 -44.23 -60.89 22.46
C SER A 18 -43.04 -61.58 21.83
N PHE A 19 -42.96 -62.91 21.97
CA PHE A 19 -41.89 -63.66 21.32
C PHE A 19 -42.00 -63.54 19.80
N ALA A 20 -43.22 -63.60 19.27
CA ALA A 20 -43.40 -63.44 17.83
C ALA A 20 -42.95 -62.06 17.36
N LYS A 21 -43.27 -61.02 18.12
CA LYS A 21 -42.85 -59.68 17.76
C LYS A 21 -41.33 -59.56 17.77
N GLN A 22 -40.68 -60.12 18.79
CA GLN A 22 -39.22 -60.09 18.84
C GLN A 22 -38.63 -60.87 17.67
N TYR A 23 -39.22 -62.01 17.33
CA TYR A 23 -38.73 -62.78 16.19
C TYR A 23 -38.84 -61.97 14.90
N TYR A 24 -39.98 -61.29 14.71
CA TYR A 24 -40.12 -60.43 13.54
C TYR A 24 -39.10 -59.30 13.57
N ASN A 25 -38.95 -58.64 14.72
CA ASN A 25 -37.95 -57.57 14.82
C ASN A 25 -36.55 -58.11 14.58
N LEU A 26 -36.36 -59.43 14.69
CA LEU A 26 -35.06 -60.01 14.42
C LEU A 26 -34.87 -60.32 12.94
N ARG A 27 -35.88 -60.87 12.27
CA ARG A 27 -35.66 -61.47 10.96
C ARG A 27 -36.44 -60.85 9.81
N TYR A 28 -37.28 -59.84 10.05
CA TYR A 28 -38.06 -59.24 8.98
C TYR A 28 -38.11 -57.71 9.04
N ARG A 29 -37.72 -57.09 10.15
CA ARG A 29 -37.78 -55.63 10.23
C ARG A 29 -36.85 -54.99 9.23
N ALA A 30 -35.64 -55.54 9.07
CA ALA A 30 -34.69 -55.00 8.11
C ALA A 30 -35.25 -55.11 6.69
N LYS A 31 -35.86 -56.25 6.36
CA LYS A 31 -36.44 -56.41 5.03
C LYS A 31 -37.58 -55.42 4.80
N VAL A 32 -38.45 -55.23 5.79
CA VAL A 32 -39.57 -54.32 5.61
C VAL A 32 -39.09 -52.88 5.46
N ILE A 33 -38.12 -52.47 6.28
CA ILE A 33 -37.59 -51.11 6.18
C ILE A 33 -36.92 -50.90 4.83
N SER A 34 -36.25 -51.93 4.31
CA SER A 34 -35.64 -51.83 2.98
C SER A 34 -36.69 -51.60 1.92
N ASP A 35 -37.83 -52.30 2.01
CA ASP A 35 -38.91 -52.08 1.04
C ASP A 35 -39.46 -50.68 1.15
N LEU A 36 -39.67 -50.18 2.37
CA LEU A 36 -40.23 -48.84 2.56
C LEU A 36 -39.26 -47.77 2.05
N LEU A 37 -37.97 -47.94 2.31
CA LEU A 37 -36.97 -46.97 1.89
C LEU A 37 -36.59 -47.11 0.43
N GLY A 38 -37.08 -48.13 -0.27
CA GLY A 38 -36.85 -48.26 -1.68
C GLY A 38 -37.58 -47.18 -2.46
N PRO A 39 -37.33 -47.10 -3.77
CA PRO A 39 -38.00 -46.08 -4.59
C PRO A 39 -39.52 -46.07 -4.40
N ARG A 40 -40.17 -47.19 -4.73
CA ARG A 40 -41.57 -47.43 -4.46
C ARG A 40 -42.48 -46.24 -4.81
N GLU A 41 -43.57 -46.10 -4.07
CA GLU A 41 -44.51 -44.99 -4.22
C GLU A 41 -45.48 -45.04 -3.05
N ALA A 42 -46.22 -43.93 -2.87
CA ALA A 42 -47.23 -43.88 -1.83
C ALA A 42 -48.37 -44.83 -2.15
N ALA A 43 -48.86 -45.54 -1.13
CA ALA A 43 -49.95 -46.49 -1.28
C ALA A 43 -51.27 -45.95 -0.74
N VAL A 44 -51.33 -44.67 -0.39
CA VAL A 44 -52.55 -44.08 0.16
C VAL A 44 -53.43 -43.60 -0.99
N ASP A 45 -54.73 -43.90 -0.90
CA ASP A 45 -55.68 -43.47 -1.91
C ASP A 45 -55.88 -41.96 -1.81
N PHE A 46 -55.45 -41.25 -2.84
CA PHE A 46 -55.50 -39.79 -2.85
C PHE A 46 -56.77 -39.24 -3.51
N SER A 47 -57.69 -40.11 -3.91
CA SER A 47 -58.91 -39.69 -4.59
C SER A 47 -60.08 -39.44 -3.66
N ASN A 48 -59.88 -39.61 -2.34
CA ASN A 48 -60.96 -39.40 -1.39
C ASN A 48 -60.56 -38.39 -0.32
N TYR A 49 -61.38 -38.26 0.73
CA TYR A 49 -61.10 -37.34 1.82
C TYR A 49 -61.25 -38.04 3.16
N HIS A 50 -61.01 -39.35 3.21
CA HIS A 50 -61.16 -40.10 4.44
C HIS A 50 -60.08 -39.71 5.44
N ALA A 51 -60.35 -39.96 6.72
CA ALA A 51 -59.38 -39.70 7.77
C ALA A 51 -58.14 -40.58 7.57
N LEU A 52 -56.97 -39.98 7.76
CA LEU A 52 -55.71 -40.68 7.52
C LEU A 52 -55.45 -41.69 8.62
N ASN A 53 -55.36 -42.97 8.25
CA ASN A 53 -55.05 -44.02 9.21
C ASN A 53 -53.56 -43.98 9.56
N SER A 54 -53.22 -44.63 10.68
CA SER A 54 -51.82 -44.73 11.08
C SER A 54 -50.99 -45.43 10.03
N VAL A 55 -51.56 -46.42 9.34
CA VAL A 55 -50.88 -47.04 8.21
C VAL A 55 -50.67 -46.00 7.10
N GLU A 56 -51.74 -45.28 6.76
CA GLU A 56 -51.64 -44.24 5.74
C GLU A 56 -50.70 -43.13 6.19
N GLU A 57 -50.73 -42.78 7.48
CA GLU A 57 -49.79 -41.81 8.01
C GLU A 57 -48.36 -42.29 7.86
N SER A 58 -48.12 -43.58 8.16
CA SER A 58 -46.78 -44.14 8.01
C SER A 58 -46.33 -44.12 6.55
N GLU A 59 -47.23 -44.47 5.63
CA GLU A 59 -46.87 -44.47 4.22
C GLU A 59 -46.54 -43.07 3.73
N ILE A 60 -47.30 -42.07 4.16
CA ILE A 60 -47.01 -40.68 3.79
C ILE A 60 -45.66 -40.26 4.36
N ILE A 61 -45.41 -40.59 5.64
CA ILE A 61 -44.15 -40.21 6.27
C ILE A 61 -42.98 -40.90 5.58
N PHE A 62 -43.13 -42.19 5.26
CA PHE A 62 -42.08 -42.90 4.53
C PHE A 62 -41.90 -42.32 3.14
N ASP A 63 -42.98 -41.90 2.49
CA ASP A 63 -42.85 -41.28 1.18
C ASP A 63 -42.07 -39.98 1.25
N LEU A 64 -42.33 -39.17 2.28
CA LEU A 64 -41.55 -37.94 2.47
C LEU A 64 -40.09 -38.24 2.75
N LEU A 65 -39.82 -39.26 3.59
CA LEU A 65 -38.43 -39.59 3.89
C LEU A 65 -37.71 -40.18 2.68
N ARG A 66 -38.46 -40.75 1.74
CA ARG A 66 -37.83 -41.30 0.54
C ARG A 66 -37.12 -40.22 -0.27
N ASP A 67 -37.70 -39.02 -0.31
CA ASP A 67 -37.10 -37.93 -1.08
C ASP A 67 -35.79 -37.42 -0.48
N PHE A 68 -35.45 -37.83 0.74
CA PHE A 68 -34.23 -37.39 1.38
C PHE A 68 -33.02 -38.10 0.79
N GLN A 69 -32.42 -37.52 -0.24
CA GLN A 69 -31.27 -38.08 -0.92
C GLN A 69 -30.15 -37.04 -0.99
N ASP A 70 -28.99 -37.49 -1.46
CA ASP A 70 -27.85 -36.58 -1.60
C ASP A 70 -28.14 -35.48 -2.61
N ASN A 71 -28.73 -35.83 -3.75
CA ASN A 71 -29.10 -34.85 -4.77
C ASN A 71 -30.44 -34.21 -4.39
N LEU A 72 -30.42 -33.52 -3.25
CA LEU A 72 -31.63 -32.93 -2.67
C LEU A 72 -32.02 -31.70 -3.48
N GLN A 73 -32.94 -31.87 -4.41
CA GLN A 73 -33.51 -30.74 -5.16
C GLN A 73 -34.60 -30.12 -4.29
N ALA A 74 -34.33 -28.92 -3.78
CA ALA A 74 -35.23 -28.29 -2.82
C ALA A 74 -36.60 -28.03 -3.44
N GLU A 75 -36.63 -27.53 -4.67
CA GLU A 75 -37.89 -27.18 -5.30
C GLU A 75 -38.78 -28.40 -5.49
N LYS A 76 -38.20 -29.51 -5.95
CA LYS A 76 -38.99 -30.71 -6.18
C LYS A 76 -39.48 -31.32 -4.88
N CYS A 77 -38.59 -31.45 -3.89
CA CYS A 77 -38.96 -32.09 -2.64
C CYS A 77 -40.02 -31.30 -1.88
N VAL A 78 -39.89 -29.97 -1.86
CA VAL A 78 -40.91 -29.14 -1.23
C VAL A 78 -42.23 -29.25 -1.99
N PHE A 79 -42.16 -29.36 -3.32
CA PHE A 79 -43.39 -29.47 -4.11
C PHE A 79 -44.17 -30.74 -3.76
N ASN A 80 -43.45 -31.85 -3.53
CA ASN A 80 -44.12 -33.10 -3.19
C ASN A 80 -44.83 -32.99 -1.84
N VAL A 81 -44.13 -32.46 -0.83
CA VAL A 81 -44.75 -32.31 0.48
C VAL A 81 -45.86 -31.27 0.42
N MET A 82 -45.80 -30.33 -0.53
CA MET A 82 -46.92 -29.41 -0.73
C MET A 82 -48.16 -30.16 -1.21
N LYS A 83 -48.00 -31.10 -2.13
CA LYS A 83 -49.12 -31.91 -2.58
C LYS A 83 -49.65 -32.79 -1.45
N LYS A 84 -48.75 -33.37 -0.66
CA LYS A 84 -49.19 -34.15 0.49
C LYS A 84 -49.95 -33.30 1.49
N LEU A 85 -49.50 -32.06 1.70
CA LEU A 85 -50.22 -31.13 2.57
C LEU A 85 -51.59 -30.80 1.98
N CYS A 86 -51.68 -30.65 0.66
CA CYS A 86 -52.99 -30.44 0.04
C CYS A 86 -53.94 -31.57 0.38
N PHE A 87 -53.50 -32.81 0.15
CA PHE A 87 -54.38 -33.95 0.42
C PHE A 87 -54.73 -34.04 1.91
N LEU A 88 -53.74 -33.81 2.78
CA LEU A 88 -53.98 -33.93 4.22
C LEU A 88 -54.93 -32.84 4.72
N LEU A 89 -54.72 -31.60 4.27
CA LEU A 89 -55.47 -30.46 4.77
C LEU A 89 -56.77 -30.22 4.03
N GLN A 90 -57.09 -31.02 3.01
CA GLN A 90 -58.37 -30.93 2.32
C GLN A 90 -58.52 -29.58 1.61
N ALA A 91 -57.41 -29.05 1.14
CA ALA A 91 -57.37 -27.72 0.55
C ALA A 91 -57.56 -27.78 -0.97
N ASP A 92 -57.68 -26.60 -1.56
CA ASP A 92 -57.78 -26.47 -3.01
C ASP A 92 -56.41 -26.24 -3.63
N ARG A 93 -55.72 -25.19 -3.21
CA ARG A 93 -54.40 -24.86 -3.73
C ARG A 93 -53.56 -24.32 -2.58
N MET A 94 -52.24 -24.33 -2.77
CA MET A 94 -51.32 -23.63 -1.90
C MET A 94 -50.18 -23.06 -2.72
N SER A 95 -49.45 -22.11 -2.12
CA SER A 95 -48.31 -21.48 -2.77
C SER A 95 -47.19 -21.29 -1.76
N LEU A 96 -45.98 -21.10 -2.27
CA LEU A 96 -44.81 -20.86 -1.45
C LEU A 96 -44.07 -19.63 -1.95
N PHE A 97 -43.77 -18.71 -1.04
CA PHE A 97 -43.09 -17.47 -1.36
C PHE A 97 -41.72 -17.43 -0.70
N MET A 98 -40.68 -17.20 -1.49
CA MET A 98 -39.34 -17.00 -0.95
C MET A 98 -39.23 -15.61 -0.33
N TYR A 99 -38.27 -15.47 0.58
CA TYR A 99 -38.02 -14.21 1.27
C TYR A 99 -36.75 -13.58 0.71
N ARG A 100 -36.90 -12.49 -0.04
CA ARG A 100 -35.79 -11.79 -0.64
C ARG A 100 -35.68 -10.38 -0.05
N ALA A 101 -34.44 -9.93 0.13
CA ALA A 101 -34.17 -8.64 0.75
C ALA A 101 -33.53 -7.71 -0.27
N ARG A 102 -34.32 -6.76 -0.77
CA ARG A 102 -33.86 -5.67 -1.61
C ARG A 102 -33.27 -4.57 -0.73
N ASN A 103 -33.19 -3.35 -1.23
CA ASN A 103 -32.39 -2.29 -0.58
C ASN A 103 -33.03 -1.94 0.75
N GLY A 104 -32.75 -2.78 1.75
CA GLY A 104 -33.24 -2.58 3.09
C GLY A 104 -34.64 -3.11 3.29
N ILE A 105 -35.52 -2.86 2.34
CA ILE A 105 -36.92 -3.28 2.42
C ILE A 105 -37.01 -4.74 1.97
N ALA A 106 -37.51 -5.59 2.85
CA ALA A 106 -37.66 -7.00 2.52
C ALA A 106 -38.82 -7.21 1.56
N GLU A 107 -38.79 -8.34 0.86
CA GLU A 107 -39.81 -8.65 -0.13
C GLU A 107 -40.11 -10.14 -0.10
N LEU A 108 -41.29 -10.49 -0.61
CA LEU A 108 -41.72 -11.88 -0.73
C LEU A 108 -42.08 -12.15 -2.18
N ALA A 109 -41.36 -13.09 -2.80
CA ALA A 109 -41.57 -13.44 -4.21
C ALA A 109 -41.94 -14.91 -4.30
N THR A 110 -42.95 -15.20 -5.13
CA THR A 110 -43.43 -16.57 -5.25
C THR A 110 -42.43 -17.43 -6.01
N ARG A 111 -42.36 -18.70 -5.63
CA ARG A 111 -41.57 -19.71 -6.34
C ARG A 111 -42.40 -20.91 -6.74
N LEU A 112 -43.29 -21.38 -5.86
CA LEU A 112 -44.23 -22.44 -6.17
C LEU A 112 -45.63 -21.87 -6.04
N PHE A 113 -46.41 -21.97 -7.10
CA PHE A 113 -47.73 -21.35 -7.16
C PHE A 113 -48.76 -22.33 -7.70
N ASN A 114 -50.00 -22.16 -7.24
CA ASN A 114 -51.14 -22.91 -7.75
C ASN A 114 -50.94 -24.42 -7.61
N VAL A 115 -50.39 -24.84 -6.48
CA VAL A 115 -50.10 -26.25 -6.24
C VAL A 115 -51.37 -26.94 -5.77
N HIS A 116 -51.87 -27.88 -6.57
CA HIS A 116 -53.02 -28.69 -6.21
C HIS A 116 -52.62 -30.17 -6.21
N LYS A 117 -53.55 -31.02 -5.80
CA LYS A 117 -53.27 -32.44 -5.62
C LYS A 117 -53.00 -33.17 -6.93
N ASP A 118 -53.36 -32.59 -8.06
CA ASP A 118 -53.18 -33.22 -9.37
C ASP A 118 -52.34 -32.33 -10.27
N ALA A 119 -51.26 -31.78 -9.71
CA ALA A 119 -50.38 -30.87 -10.43
C ALA A 119 -48.98 -31.49 -10.56
N VAL A 120 -48.15 -30.84 -11.37
CA VAL A 120 -46.77 -31.25 -11.59
C VAL A 120 -45.87 -30.03 -11.40
N LEU A 121 -44.56 -30.28 -11.39
CA LEU A 121 -43.60 -29.20 -11.16
C LEU A 121 -43.65 -28.17 -12.28
N GLU A 122 -43.87 -28.60 -13.52
CA GLU A 122 -43.87 -27.67 -14.64
C GLU A 122 -45.01 -26.66 -14.54
N GLU A 123 -46.13 -27.06 -13.94
CA GLU A 123 -47.29 -26.18 -13.80
C GLU A 123 -47.30 -25.41 -12.49
N CYS A 124 -46.27 -25.55 -11.66
CA CYS A 124 -46.24 -24.88 -10.37
C CYS A 124 -44.97 -24.05 -10.19
N LEU A 125 -43.88 -24.48 -10.82
CA LEU A 125 -42.64 -23.73 -10.75
C LEU A 125 -42.80 -22.38 -11.42
N VAL A 126 -42.29 -21.34 -10.78
CA VAL A 126 -42.44 -19.96 -11.22
C VAL A 126 -41.10 -19.45 -11.70
N ALA A 127 -41.05 -18.99 -12.94
CA ALA A 127 -39.83 -18.41 -13.50
C ALA A 127 -39.53 -17.08 -12.82
N PRO A 128 -38.27 -16.65 -12.83
CA PRO A 128 -37.93 -15.37 -12.19
C PRO A 128 -38.68 -14.17 -12.77
N ASP A 129 -39.03 -14.21 -14.05
CA ASP A 129 -39.82 -13.13 -14.64
C ASP A 129 -41.31 -13.28 -14.38
N SER A 130 -41.75 -14.38 -13.78
CA SER A 130 -43.15 -14.59 -13.46
C SER A 130 -43.45 -14.47 -11.96
N GLU A 131 -42.45 -14.14 -11.15
CA GLU A 131 -42.66 -14.05 -9.72
C GLU A 131 -43.51 -12.83 -9.36
N ILE A 132 -44.16 -12.90 -8.20
CA ILE A 132 -45.02 -11.83 -7.70
C ILE A 132 -44.38 -11.33 -6.41
N VAL A 133 -43.58 -10.26 -6.51
CA VAL A 133 -42.93 -9.72 -5.33
C VAL A 133 -43.94 -9.05 -4.43
N PHE A 134 -43.78 -9.22 -3.12
CA PHE A 134 -44.71 -8.69 -2.13
C PHE A 134 -43.95 -7.99 -1.02
N PRO A 135 -44.30 -6.74 -0.70
CA PRO A 135 -43.66 -6.06 0.43
C PRO A 135 -44.09 -6.67 1.76
N LEU A 136 -43.30 -6.38 2.79
CA LEU A 136 -43.60 -6.90 4.12
C LEU A 136 -44.87 -6.29 4.70
N ASP A 137 -45.15 -5.02 4.39
CA ASP A 137 -46.23 -4.33 5.09
C ASP A 137 -47.60 -4.86 4.68
N MET A 138 -47.83 -5.05 3.39
CA MET A 138 -49.17 -5.39 2.92
C MET A 138 -49.32 -6.90 2.75
N GLY A 139 -50.53 -7.40 3.00
CA GLY A 139 -50.87 -8.77 2.69
C GLY A 139 -50.79 -9.70 3.90
N VAL A 140 -51.59 -10.78 3.82
CA VAL A 140 -51.57 -11.80 4.86
C VAL A 140 -50.19 -12.44 4.95
N VAL A 141 -49.57 -12.70 3.80
CA VAL A 141 -48.21 -13.23 3.80
C VAL A 141 -47.25 -12.25 4.45
N GLY A 142 -47.41 -10.96 4.15
CA GLY A 142 -46.59 -9.95 4.81
C GLY A 142 -46.85 -9.90 6.31
N HIS A 143 -48.11 -10.10 6.70
CA HIS A 143 -48.43 -10.21 8.13
C HIS A 143 -47.76 -11.43 8.74
N VAL A 144 -47.71 -12.54 8.01
CA VAL A 144 -47.08 -13.75 8.51
C VAL A 144 -45.59 -13.53 8.74
N ALA A 145 -44.91 -12.94 7.75
CA ALA A 145 -43.47 -12.74 7.88
C ALA A 145 -43.14 -11.75 8.99
N LEU A 146 -43.91 -10.66 9.08
CA LEU A 146 -43.67 -9.68 10.14
C LEU A 146 -43.93 -10.28 11.52
N SER A 147 -45.01 -11.05 11.66
CA SER A 147 -45.33 -11.64 12.95
C SER A 147 -44.40 -12.81 13.28
N LYS A 148 -43.80 -13.42 12.26
CA LYS A 148 -42.89 -14.56 12.45
C LYS A 148 -43.57 -15.70 13.20
N LYS A 149 -44.85 -15.94 12.89
CA LYS A 149 -45.62 -16.99 13.53
C LYS A 149 -46.77 -17.40 12.63
N ILE A 150 -47.38 -18.54 12.95
CA ILE A 150 -48.49 -19.04 12.16
C ILE A 150 -49.68 -18.09 12.25
N VAL A 151 -50.29 -17.82 11.11
CA VAL A 151 -51.48 -16.97 11.03
C VAL A 151 -52.59 -17.77 10.36
N ASN A 152 -53.75 -17.83 11.02
CA ASN A 152 -54.93 -18.51 10.49
C ASN A 152 -56.01 -17.48 10.23
N VAL A 153 -56.58 -17.51 9.03
CA VAL A 153 -57.60 -16.56 8.64
C VAL A 153 -58.90 -17.29 8.34
N PRO A 154 -59.83 -17.37 9.29
CA PRO A 154 -61.11 -18.05 9.02
C PRO A 154 -61.94 -17.37 7.94
N ASN A 155 -61.72 -16.09 7.67
CA ASN A 155 -62.45 -15.40 6.61
C ASN A 155 -61.60 -14.24 6.12
N THR A 156 -61.39 -14.17 4.79
CA THR A 156 -60.55 -13.12 4.22
C THR A 156 -61.21 -11.75 4.32
N GLU A 157 -62.55 -11.70 4.30
CA GLU A 157 -63.25 -10.42 4.33
C GLU A 157 -62.97 -9.66 5.63
N GLU A 158 -62.97 -10.37 6.76
CA GLU A 158 -62.74 -9.73 8.05
C GLU A 158 -61.27 -9.43 8.32
N ASP A 159 -60.36 -10.01 7.54
CA ASP A 159 -58.95 -9.76 7.75
C ASP A 159 -58.59 -8.31 7.38
N GLU A 160 -57.77 -7.68 8.22
CA GLU A 160 -57.35 -6.31 8.00
C GLU A 160 -56.13 -6.19 7.09
N HIS A 161 -55.48 -7.30 6.75
CA HIS A 161 -54.32 -7.28 5.87
C HIS A 161 -54.59 -7.90 4.51
N PHE A 162 -55.76 -8.48 4.30
CA PHE A 162 -56.04 -9.17 3.05
C PHE A 162 -56.10 -8.18 1.89
N CYS A 163 -55.55 -8.59 0.75
CA CYS A 163 -55.55 -7.77 -0.45
C CYS A 163 -55.93 -8.61 -1.65
N ASP A 164 -56.49 -7.95 -2.67
CA ASP A 164 -57.02 -8.62 -3.84
C ASP A 164 -56.15 -8.45 -5.08
N PHE A 165 -54.89 -8.05 -4.92
CA PHE A 165 -54.03 -7.81 -6.07
C PHE A 165 -53.84 -9.10 -6.87
N VAL A 166 -53.40 -10.18 -6.21
CA VAL A 166 -53.20 -11.44 -6.91
C VAL A 166 -54.54 -12.04 -7.32
N ASP A 167 -55.56 -11.89 -6.47
CA ASP A 167 -56.87 -12.46 -6.76
C ASP A 167 -57.43 -11.92 -8.07
N THR A 168 -57.32 -10.60 -8.26
CA THR A 168 -57.69 -10.02 -9.55
C THR A 168 -56.72 -10.45 -10.64
N LEU A 169 -55.44 -10.55 -10.31
CA LEU A 169 -54.43 -10.92 -11.31
C LEU A 169 -54.57 -12.38 -11.74
N THR A 170 -55.06 -13.25 -10.86
CA THR A 170 -55.18 -14.66 -11.16
C THR A 170 -56.63 -15.12 -11.35
N GLU A 171 -57.59 -14.20 -11.27
CA GLU A 171 -59.02 -14.53 -11.43
C GLU A 171 -59.45 -15.64 -10.47
N TYR A 172 -59.04 -15.51 -9.21
CA TYR A 172 -59.36 -16.48 -8.18
C TYR A 172 -59.89 -15.77 -6.95
N GLN A 173 -60.73 -16.46 -6.18
CA GLN A 173 -61.30 -15.94 -4.95
C GLN A 173 -60.82 -16.79 -3.79
N THR A 174 -60.24 -16.13 -2.77
CA THR A 174 -59.72 -16.81 -1.60
C THR A 174 -60.60 -16.48 -0.41
N LYS A 175 -61.03 -17.51 0.31
CA LYS A 175 -61.91 -17.36 1.47
C LYS A 175 -61.19 -17.60 2.79
N ASN A 176 -60.37 -18.64 2.87
CA ASN A 176 -59.67 -19.00 4.09
C ASN A 176 -58.17 -19.12 3.80
N ILE A 177 -57.37 -18.37 4.56
CA ILE A 177 -55.92 -18.35 4.37
C ILE A 177 -55.26 -18.92 5.61
N LEU A 178 -54.45 -19.95 5.42
CA LEU A 178 -53.66 -20.55 6.49
C LEU A 178 -52.21 -20.59 6.04
N ALA A 179 -51.32 -20.00 6.84
CA ALA A 179 -49.92 -19.86 6.46
C ALA A 179 -49.02 -20.18 7.65
N SER A 180 -47.74 -20.32 7.37
CA SER A 180 -46.72 -20.56 8.38
C SER A 180 -45.35 -20.28 7.77
N PRO A 181 -44.53 -19.44 8.42
CA PRO A 181 -43.21 -19.12 7.87
C PRO A 181 -42.20 -20.21 8.21
N ILE A 182 -41.44 -20.63 7.20
CA ILE A 182 -40.39 -21.62 7.42
C ILE A 182 -39.25 -20.97 8.17
N MET A 183 -38.83 -21.59 9.27
CA MET A 183 -37.86 -21.01 10.18
C MET A 183 -36.50 -21.66 10.00
N ASN A 184 -35.48 -20.84 9.75
CA ASN A 184 -34.09 -21.27 9.74
C ASN A 184 -33.36 -20.36 10.72
N GLY A 185 -33.37 -20.75 11.99
CA GLY A 185 -32.84 -19.90 13.05
C GLY A 185 -33.84 -18.86 13.47
N LYS A 186 -33.61 -17.61 13.07
CA LYS A 186 -34.56 -16.54 13.34
C LYS A 186 -34.97 -15.89 12.02
N ASP A 187 -34.05 -15.77 11.09
CA ASP A 187 -34.35 -15.18 9.80
C ASP A 187 -35.27 -16.09 9.00
N VAL A 188 -36.36 -15.53 8.49
CA VAL A 188 -37.31 -16.30 7.70
C VAL A 188 -36.72 -16.59 6.33
N VAL A 189 -37.03 -17.75 5.78
CA VAL A 189 -36.52 -18.18 4.49
C VAL A 189 -37.63 -18.33 3.46
N ALA A 190 -38.78 -18.87 3.85
CA ALA A 190 -39.89 -19.06 2.93
C ALA A 190 -41.19 -19.11 3.72
N ILE A 191 -42.29 -18.84 3.01
CA ILE A 191 -43.63 -18.88 3.59
C ILE A 191 -44.50 -19.77 2.73
N ILE A 192 -45.16 -20.75 3.35
CA ILE A 192 -46.09 -21.65 2.69
C ILE A 192 -47.48 -21.35 3.22
N MET A 193 -48.41 -21.08 2.31
CA MET A 193 -49.75 -20.63 2.68
C MET A 193 -50.79 -21.37 1.86
N VAL A 194 -52.02 -21.41 2.38
CA VAL A 194 -53.14 -22.12 1.77
C VAL A 194 -54.22 -21.11 1.41
N VAL A 195 -54.97 -21.41 0.35
CA VAL A 195 -55.91 -20.44 -0.22
C VAL A 195 -57.37 -20.76 0.08
N ASN A 196 -57.74 -22.03 0.24
CA ASN A 196 -59.15 -22.36 0.39
C ASN A 196 -59.31 -23.72 1.06
N LYS A 197 -60.48 -23.92 1.68
CA LYS A 197 -60.88 -25.20 2.23
C LYS A 197 -61.94 -25.81 1.34
N VAL A 198 -61.71 -27.05 0.89
CA VAL A 198 -62.66 -27.70 -0.01
C VAL A 198 -63.98 -27.97 0.68
N ASP A 199 -63.94 -28.55 1.87
CA ASP A 199 -65.16 -28.88 2.63
C ASP A 199 -64.95 -28.43 4.07
N GLY A 200 -65.69 -27.40 4.47
CA GLY A 200 -65.60 -26.88 5.81
C GLY A 200 -65.61 -25.36 5.83
N PRO A 201 -66.14 -24.78 6.92
CA PRO A 201 -66.16 -23.31 7.02
C PRO A 201 -64.77 -22.69 7.00
N HIS A 202 -63.78 -23.36 7.59
CA HIS A 202 -62.41 -22.85 7.64
C HIS A 202 -61.51 -24.00 8.08
N PHE A 203 -60.23 -23.67 8.29
CA PHE A 203 -59.27 -24.65 8.76
C PHE A 203 -59.31 -24.69 10.29
N THR A 204 -59.56 -25.88 10.84
CA THR A 204 -59.71 -26.04 12.28
C THR A 204 -58.33 -26.14 12.94
N GLU A 205 -58.34 -26.31 14.26
CA GLU A 205 -57.08 -26.44 14.99
C GLU A 205 -56.38 -27.75 14.66
N ASN A 206 -57.15 -28.80 14.33
CA ASN A 206 -56.55 -30.05 13.90
C ASN A 206 -55.79 -29.87 12.59
N ASP A 207 -56.36 -29.09 11.66
CA ASP A 207 -55.65 -28.79 10.42
C ASP A 207 -54.36 -28.02 10.70
N GLU A 208 -54.40 -27.07 11.63
CA GLU A 208 -53.19 -26.37 12.02
C GLU A 208 -52.16 -27.32 12.60
N GLU A 209 -52.58 -28.23 13.47
CA GLU A 209 -51.65 -29.18 14.07
C GLU A 209 -51.00 -30.06 13.02
N ILE A 210 -51.75 -30.40 11.96
CA ILE A 210 -51.17 -31.16 10.86
C ILE A 210 -50.11 -30.34 10.15
N LEU A 211 -50.36 -29.03 9.99
CA LEU A 211 -49.43 -28.17 9.26
C LEU A 211 -48.07 -28.10 9.96
N LEU A 212 -48.06 -27.78 11.25
CA LEU A 212 -46.79 -27.74 11.98
C LEU A 212 -46.15 -29.11 12.07
N LYS A 213 -46.95 -30.17 12.15
CA LYS A 213 -46.39 -31.52 12.21
C LYS A 213 -45.65 -31.86 10.92
N TYR A 214 -46.23 -31.52 9.77
CA TYR A 214 -45.61 -31.84 8.49
C TYR A 214 -44.65 -30.78 7.99
N LEU A 215 -44.54 -29.65 8.70
CA LEU A 215 -43.57 -28.63 8.33
C LEU A 215 -42.13 -29.03 8.64
N ASN A 216 -41.92 -30.12 9.36
CA ASN A 216 -40.56 -30.53 9.70
C ASN A 216 -39.78 -30.88 8.43
N PHE A 217 -40.38 -31.66 7.54
CA PHE A 217 -39.70 -32.03 6.30
C PHE A 217 -39.42 -30.81 5.43
N ALA A 218 -40.40 -29.90 5.33
CA ALA A 218 -40.21 -28.69 4.54
C ALA A 218 -39.09 -27.82 5.12
N ASN A 219 -39.04 -27.70 6.44
CA ASN A 219 -37.97 -26.93 7.07
C ASN A 219 -36.61 -27.57 6.83
N LEU A 220 -36.52 -28.90 6.96
CA LEU A 220 -35.25 -29.57 6.72
C LEU A 220 -34.78 -29.39 5.29
N ILE A 221 -35.69 -29.54 4.32
CA ILE A 221 -35.33 -29.35 2.93
C ILE A 221 -34.94 -27.90 2.67
N MET A 222 -35.72 -26.96 3.22
CA MET A 222 -35.41 -25.55 3.02
C MET A 222 -34.13 -25.15 3.74
N LYS A 223 -33.89 -25.75 4.92
CA LYS A 223 -32.67 -25.43 5.66
C LYS A 223 -31.42 -25.80 4.89
N VAL A 224 -31.43 -26.98 4.24
CA VAL A 224 -30.28 -27.42 3.47
C VAL A 224 -30.02 -26.45 2.32
N PHE A 225 -31.08 -26.07 1.61
CA PHE A 225 -30.94 -25.15 0.49
C PHE A 225 -30.39 -23.80 0.96
N HIS A 226 -30.93 -23.27 2.06
CA HIS A 226 -30.47 -21.99 2.57
C HIS A 226 -29.02 -22.06 2.99
N LEU A 227 -28.63 -23.13 3.69
CA LEU A 227 -27.24 -23.27 4.13
C LEU A 227 -26.30 -23.38 2.94
N SER A 228 -26.69 -24.15 1.92
CA SER A 228 -25.85 -24.29 0.74
C SER A 228 -25.67 -22.95 0.03
N TYR A 229 -26.76 -22.20 -0.13
CA TYR A 229 -26.67 -20.89 -0.79
C TYR A 229 -25.79 -19.94 0.01
N LEU A 230 -25.96 -19.91 1.32
CA LEU A 230 -25.15 -19.02 2.16
C LEU A 230 -23.68 -19.41 2.11
N HIS A 231 -23.38 -20.71 2.16
CA HIS A 231 -22.00 -21.16 2.10
C HIS A 231 -21.36 -20.80 0.77
N ASN A 232 -22.09 -20.99 -0.34
CA ASN A 232 -21.55 -20.63 -1.65
C ASN A 232 -21.30 -19.13 -1.73
N CYS A 233 -22.23 -18.32 -1.22
CA CYS A 233 -22.05 -16.87 -1.27
C CYS A 233 -20.85 -16.43 -0.44
N GLU A 234 -20.67 -17.02 0.75
CA GLU A 234 -19.52 -16.66 1.58
C GLU A 234 -18.21 -17.09 0.93
N THR A 235 -18.20 -18.26 0.30
CA THR A 235 -17.01 -18.69 -0.43
C THR A 235 -16.67 -17.71 -1.55
N ARG A 236 -17.70 -17.29 -2.30
CA ARG A 236 -17.48 -16.33 -3.38
C ARG A 236 -16.93 -15.01 -2.83
N ARG A 237 -17.47 -14.55 -1.70
CA ARG A 237 -16.99 -13.31 -1.09
C ARG A 237 -15.53 -13.43 -0.69
N GLY A 238 -15.17 -14.55 -0.06
CA GLY A 238 -13.78 -14.74 0.34
C GLY A 238 -12.83 -14.77 -0.84
N GLN A 239 -13.21 -15.49 -1.89
CA GLN A 239 -12.36 -15.55 -3.08
C GLN A 239 -12.24 -14.17 -3.72
N ILE A 240 -13.34 -13.42 -3.78
CA ILE A 240 -13.30 -12.07 -4.35
C ILE A 240 -12.32 -11.21 -3.58
N LEU A 241 -12.43 -11.22 -2.25
CA LEU A 241 -11.54 -10.39 -1.44
C LEU A 241 -10.08 -10.80 -1.62
N LEU A 242 -9.81 -12.10 -1.64
CA LEU A 242 -8.42 -12.56 -1.72
C LEU A 242 -7.81 -12.20 -3.08
N TRP A 243 -8.53 -12.47 -4.18
CA TRP A 243 -7.98 -12.17 -5.49
C TRP A 243 -7.84 -10.66 -5.69
N SER A 244 -8.81 -9.88 -5.20
CA SER A 244 -8.70 -8.43 -5.30
C SER A 244 -7.50 -7.90 -4.53
N GLY A 245 -7.25 -8.46 -3.34
CA GLY A 245 -6.07 -8.06 -2.58
C GLY A 245 -4.79 -8.42 -3.31
N SER A 246 -4.75 -9.60 -3.94
CA SER A 246 -3.57 -9.99 -4.70
C SER A 246 -3.31 -9.01 -5.84
N LYS A 247 -4.36 -8.66 -6.58
CA LYS A 247 -4.17 -7.76 -7.72
C LYS A 247 -3.83 -6.35 -7.25
N VAL A 248 -4.36 -5.93 -6.10
CA VAL A 248 -4.03 -4.60 -5.59
C VAL A 248 -2.57 -4.54 -5.15
N PHE A 249 -2.09 -5.59 -4.47
CA PHE A 249 -0.73 -5.60 -3.95
C PHE A 249 0.29 -6.12 -4.95
N GLU A 250 -0.14 -6.46 -6.17
CA GLU A 250 0.82 -6.83 -7.21
C GLU A 250 1.89 -5.75 -7.39
N GLU A 251 1.48 -4.50 -7.55
CA GLU A 251 2.42 -3.40 -7.69
C GLU A 251 1.71 -2.09 -7.37
N LEU A 252 2.46 -0.99 -7.45
CA LEU A 252 1.94 0.34 -7.18
C LEU A 252 1.69 1.03 -8.52
N THR A 253 0.42 1.33 -8.81
CA THR A 253 0.04 1.96 -10.07
C THR A 253 -1.05 2.99 -9.79
N ASP A 254 -1.56 3.58 -10.86
CA ASP A 254 -2.62 4.58 -10.75
C ASP A 254 -3.97 3.90 -10.54
N ILE A 255 -5.00 4.72 -10.33
CA ILE A 255 -6.32 4.19 -10.01
C ILE A 255 -6.94 3.48 -11.20
N GLU A 256 -6.59 3.91 -12.42
CA GLU A 256 -7.17 3.31 -13.62
C GLU A 256 -6.68 1.88 -13.80
N ARG A 257 -5.37 1.67 -13.71
CA ARG A 257 -4.82 0.34 -13.92
C ARG A 257 -5.18 -0.59 -12.76
N GLN A 258 -5.22 -0.05 -11.54
CA GLN A 258 -5.49 -0.88 -10.38
C GLN A 258 -6.93 -1.40 -10.39
N PHE A 259 -7.90 -0.51 -10.64
CA PHE A 259 -9.29 -0.92 -10.68
C PHE A 259 -9.55 -1.86 -11.85
N HIS A 260 -8.78 -1.73 -12.93
CA HIS A 260 -8.91 -2.63 -14.07
C HIS A 260 -8.55 -4.06 -13.69
N LYS A 261 -7.45 -4.22 -12.95
CA LYS A 261 -6.96 -5.56 -12.63
C LYS A 261 -7.91 -6.29 -11.68
N ALA A 262 -8.29 -5.63 -10.59
CA ALA A 262 -9.06 -6.30 -9.54
C ALA A 262 -10.42 -6.75 -10.05
N LEU A 263 -11.11 -5.90 -10.80
CA LEU A 263 -12.44 -6.25 -11.30
C LEU A 263 -12.39 -7.24 -12.44
N TYR A 264 -11.37 -7.18 -13.30
CA TYR A 264 -11.20 -8.18 -14.34
C TYR A 264 -10.88 -9.55 -13.74
N THR A 265 -10.14 -9.59 -12.63
CA THR A 265 -9.73 -10.87 -12.06
C THR A 265 -10.90 -11.59 -11.40
N VAL A 266 -11.85 -10.84 -10.83
CA VAL A 266 -12.96 -11.43 -10.08
C VAL A 266 -14.17 -11.56 -11.00
N ARG A 267 -13.95 -11.56 -12.31
CA ARG A 267 -15.05 -11.64 -13.26
C ARG A 267 -15.78 -12.97 -13.16
N ALA A 268 -15.07 -14.04 -12.78
CA ALA A 268 -15.73 -15.34 -12.65
C ALA A 268 -16.59 -15.41 -11.40
N PHE A 269 -16.10 -14.83 -10.29
CA PHE A 269 -16.84 -14.87 -9.04
C PHE A 269 -17.99 -13.87 -9.02
N LEU A 270 -17.91 -12.80 -9.81
CA LEU A 270 -18.94 -11.76 -9.75
C LEU A 270 -20.30 -12.28 -10.18
N ASN A 271 -20.36 -13.13 -11.20
CA ASN A 271 -21.60 -13.70 -11.71
C ASN A 271 -22.55 -12.60 -12.20
N CYS A 272 -22.06 -11.80 -13.14
CA CYS A 272 -22.85 -10.76 -13.77
C CYS A 272 -22.58 -10.77 -15.26
N ASP A 273 -23.64 -10.63 -16.06
CA ASP A 273 -23.46 -10.63 -17.51
C ASP A 273 -22.69 -9.41 -17.97
N ARG A 274 -22.86 -8.26 -17.32
CA ARG A 274 -22.17 -7.04 -17.68
C ARG A 274 -22.01 -6.18 -16.44
N TYR A 275 -20.93 -5.40 -16.41
CA TYR A 275 -20.80 -4.37 -15.41
C TYR A 275 -19.82 -3.33 -15.92
N SER A 276 -20.08 -2.08 -15.54
CA SER A 276 -19.26 -0.94 -15.97
C SER A 276 -18.97 -0.06 -14.76
N VAL A 277 -17.75 0.49 -14.73
CA VAL A 277 -17.31 1.35 -13.64
C VAL A 277 -16.88 2.68 -14.25
N GLY A 278 -17.46 3.76 -13.74
CA GLY A 278 -17.11 5.11 -14.16
C GLY A 278 -16.39 5.84 -13.05
N LEU A 279 -15.23 6.40 -13.39
CA LEU A 279 -14.36 7.06 -12.43
C LEU A 279 -14.61 8.56 -12.44
N LEU A 280 -14.79 9.13 -11.25
CA LEU A 280 -15.06 10.55 -11.10
C LEU A 280 -13.77 11.35 -11.10
N ASP A 281 -13.79 12.51 -11.75
CA ASP A 281 -12.65 13.41 -11.71
C ASP A 281 -12.46 13.96 -10.31
N MET A 282 -11.20 14.12 -9.91
CA MET A 282 -10.85 14.54 -8.56
C MET A 282 -10.46 16.01 -8.50
N THR A 283 -10.68 16.78 -9.56
CA THR A 283 -10.30 18.18 -9.61
C THR A 283 -11.27 19.00 -8.77
N LYS A 284 -10.88 19.29 -7.53
CA LYS A 284 -11.76 20.05 -6.64
C LYS A 284 -11.78 21.53 -7.00
N GLN A 285 -10.62 22.09 -7.35
CA GLN A 285 -10.46 23.53 -7.50
C GLN A 285 -9.73 23.79 -8.81
N LYS A 286 -10.23 24.74 -9.59
CA LYS A 286 -9.70 25.06 -10.90
C LYS A 286 -8.83 26.32 -10.83
N GLU A 287 -7.79 26.33 -11.66
CA GLU A 287 -6.79 27.39 -11.62
C GLU A 287 -7.43 28.74 -11.93
N PHE A 288 -6.67 29.80 -11.63
CA PHE A 288 -7.20 31.16 -11.72
C PHE A 288 -7.58 31.52 -13.15
N PHE A 289 -6.76 31.14 -14.13
CA PHE A 289 -7.06 31.48 -15.52
C PHE A 289 -8.27 30.72 -16.04
N ASP A 290 -8.53 29.53 -15.49
CA ASP A 290 -9.71 28.76 -15.92
C ASP A 290 -11.00 29.33 -15.34
N VAL A 291 -10.93 29.97 -14.17
CA VAL A 291 -12.13 30.52 -13.53
C VAL A 291 -12.38 31.97 -13.92
N TRP A 292 -11.42 32.63 -14.55
CA TRP A 292 -11.63 34.03 -14.97
C TRP A 292 -12.79 34.19 -15.93
N PRO A 293 -12.95 33.40 -17.00
CA PRO A 293 -14.10 33.60 -17.88
C PRO A 293 -15.44 33.42 -17.20
N VAL A 294 -15.53 32.52 -16.22
CA VAL A 294 -16.79 32.32 -15.51
C VAL A 294 -17.18 33.59 -14.74
N LEU A 295 -16.22 34.19 -14.04
CA LEU A 295 -16.49 35.39 -13.28
C LEU A 295 -16.61 36.62 -14.17
N MET A 296 -16.04 36.58 -15.38
CA MET A 296 -16.11 37.71 -16.30
C MET A 296 -17.28 37.62 -17.27
N GLY A 297 -18.09 36.57 -17.19
CA GLY A 297 -19.24 36.42 -18.06
C GLY A 297 -18.95 35.84 -19.42
N GLU A 298 -17.71 35.45 -19.70
CA GLU A 298 -17.39 34.84 -20.99
C GLU A 298 -18.12 33.51 -21.17
N ALA A 299 -18.18 32.70 -20.12
CA ALA A 299 -18.85 31.42 -20.13
C ALA A 299 -19.76 31.31 -18.92
N PRO A 300 -20.87 30.58 -19.05
CA PRO A 300 -21.79 30.43 -17.92
C PRO A 300 -21.24 29.44 -16.90
N PRO A 301 -21.62 29.58 -15.64
CA PRO A 301 -21.13 28.64 -14.62
C PRO A 301 -21.79 27.28 -14.75
N TYR A 302 -21.17 26.29 -14.10
CA TYR A 302 -21.69 24.93 -14.13
C TYR A 302 -23.06 24.86 -13.45
N ALA A 303 -23.95 24.07 -14.04
CA ALA A 303 -25.31 23.91 -13.53
C ALA A 303 -25.74 22.46 -13.46
N GLY A 304 -24.90 21.54 -13.93
CA GLY A 304 -25.25 20.13 -13.97
C GLY A 304 -25.16 19.45 -12.62
N PRO A 305 -25.21 18.12 -12.62
CA PRO A 305 -25.12 17.37 -11.36
C PRO A 305 -23.82 17.67 -10.63
N ARG A 306 -23.91 17.70 -9.29
CA ARG A 306 -22.77 18.01 -8.45
C ARG A 306 -22.62 16.96 -7.36
N THR A 307 -21.38 16.65 -7.01
CA THR A 307 -21.10 15.68 -5.96
C THR A 307 -21.49 16.24 -4.61
N PRO A 308 -21.73 15.37 -3.62
CA PRO A 308 -21.96 15.87 -2.25
C PRO A 308 -20.79 16.70 -1.73
N ASP A 309 -19.57 16.38 -2.15
CA ASP A 309 -18.40 17.16 -1.76
C ASP A 309 -18.35 18.52 -2.41
N GLY A 310 -19.19 18.78 -3.40
CA GLY A 310 -19.26 20.08 -4.05
C GLY A 310 -18.57 20.18 -5.39
N ARG A 311 -17.90 19.12 -5.84
CA ARG A 311 -17.22 19.14 -7.13
C ARG A 311 -18.16 18.66 -8.23
N GLU A 312 -17.84 19.04 -9.46
CA GLU A 312 -18.65 18.66 -10.61
C GLU A 312 -18.54 17.16 -10.87
N ILE A 313 -19.66 16.56 -11.29
CA ILE A 313 -19.68 15.15 -11.66
C ILE A 313 -19.17 15.07 -13.10
N ASN A 314 -18.04 14.39 -13.29
CA ASN A 314 -17.41 14.26 -14.61
C ASN A 314 -16.79 12.87 -14.71
N PHE A 315 -17.50 11.96 -15.38
CA PHE A 315 -16.99 10.62 -15.64
C PHE A 315 -15.96 10.72 -16.75
N TYR A 316 -14.71 10.94 -16.36
CA TYR A 316 -13.65 11.12 -17.34
C TYR A 316 -13.17 9.82 -17.98
N LYS A 317 -13.48 8.68 -17.37
CA LYS A 317 -13.04 7.40 -17.91
C LYS A 317 -13.98 6.31 -17.42
N VAL A 318 -14.55 5.54 -18.34
CA VAL A 318 -15.48 4.47 -18.01
C VAL A 318 -14.91 3.17 -18.57
N ILE A 319 -14.82 2.14 -17.73
CA ILE A 319 -14.38 0.82 -18.13
C ILE A 319 -15.56 -0.13 -17.99
N ASP A 320 -15.86 -0.86 -19.07
CA ASP A 320 -17.01 -1.76 -19.12
C ASP A 320 -16.53 -3.18 -19.41
N TYR A 321 -17.22 -4.15 -18.81
CA TYR A 321 -16.90 -5.56 -18.97
C TYR A 321 -18.13 -6.27 -19.52
N ILE A 322 -17.97 -6.95 -20.65
CA ILE A 322 -19.04 -7.71 -21.29
C ILE A 322 -18.71 -9.19 -21.14
N LEU A 323 -19.63 -9.93 -20.53
CA LEU A 323 -19.38 -11.33 -20.19
C LEU A 323 -20.42 -12.31 -20.69
N HIS A 324 -21.59 -11.86 -21.17
CA HIS A 324 -22.63 -12.80 -21.56
C HIS A 324 -22.23 -13.59 -22.80
N GLY A 325 -21.51 -12.97 -23.73
CA GLY A 325 -21.07 -13.65 -24.93
C GLY A 325 -19.56 -13.79 -24.99
N LYS A 326 -18.92 -12.99 -25.84
CA LYS A 326 -17.47 -12.96 -25.96
C LYS A 326 -16.93 -11.81 -25.12
N GLU A 327 -15.86 -12.07 -24.38
CA GLU A 327 -15.24 -11.06 -23.54
C GLU A 327 -14.80 -9.87 -24.37
N ASP A 328 -15.38 -8.71 -24.11
CA ASP A 328 -15.17 -7.49 -24.87
C ASP A 328 -14.85 -6.33 -23.94
N ILE A 329 -13.91 -6.54 -23.02
CA ILE A 329 -13.51 -5.50 -22.09
C ILE A 329 -13.02 -4.30 -22.85
N LYS A 330 -13.59 -3.13 -22.55
CA LYS A 330 -13.30 -1.90 -23.29
C LYS A 330 -13.05 -0.77 -22.31
N VAL A 331 -12.14 0.14 -22.68
CA VAL A 331 -11.85 1.34 -21.92
C VAL A 331 -12.24 2.53 -22.78
N ILE A 332 -13.10 3.39 -22.26
CA ILE A 332 -13.65 4.51 -22.99
C ILE A 332 -13.21 5.80 -22.32
N PRO A 333 -12.17 6.45 -22.83
CA PRO A 333 -11.77 7.75 -22.27
C PRO A 333 -12.78 8.83 -22.64
N ASN A 334 -13.15 9.63 -21.65
CA ASN A 334 -14.15 10.68 -21.80
C ASN A 334 -15.43 10.17 -22.48
N PRO A 335 -16.15 9.24 -21.84
CA PRO A 335 -17.34 8.67 -22.45
C PRO A 335 -18.42 9.73 -22.65
N PRO A 336 -19.17 9.64 -23.74
CA PRO A 336 -20.28 10.56 -23.96
C PRO A 336 -21.50 10.11 -23.17
N PRO A 337 -22.48 10.99 -22.96
CA PRO A 337 -23.71 10.57 -22.28
C PRO A 337 -24.49 9.50 -23.04
N ASP A 338 -24.23 9.33 -24.34
CA ASP A 338 -24.88 8.29 -25.13
C ASP A 338 -24.39 6.89 -24.78
N HIS A 339 -23.34 6.77 -23.97
CA HIS A 339 -22.83 5.47 -23.58
C HIS A 339 -23.91 4.67 -22.86
N TRP A 340 -23.94 3.36 -23.11
CA TRP A 340 -25.01 2.52 -22.59
C TRP A 340 -25.04 2.51 -21.07
N ALA A 341 -23.90 2.67 -20.42
CA ALA A 341 -23.86 2.66 -18.96
C ALA A 341 -24.42 3.95 -18.37
N LEU A 342 -24.07 5.10 -18.96
CA LEU A 342 -24.44 6.38 -18.39
C LEU A 342 -25.73 6.96 -18.98
N VAL A 343 -26.26 6.37 -20.04
CA VAL A 343 -27.45 6.94 -20.67
C VAL A 343 -28.65 6.84 -19.74
N SER A 344 -28.72 5.76 -18.94
CA SER A 344 -29.85 5.61 -18.02
C SER A 344 -29.82 6.66 -16.92
N GLY A 345 -28.65 7.20 -16.60
CA GLY A 345 -28.51 8.19 -15.56
C GLY A 345 -28.38 7.64 -14.16
N LEU A 346 -28.46 6.32 -13.99
CA LEU A 346 -28.27 5.73 -12.66
C LEU A 346 -26.88 5.97 -12.09
N PRO A 347 -25.79 5.76 -12.83
CA PRO A 347 -24.48 6.11 -12.26
C PRO A 347 -24.35 7.58 -11.93
N THR A 348 -24.97 8.46 -12.71
CA THR A 348 -24.97 9.88 -12.38
C THR A 348 -25.72 10.14 -11.08
N TYR A 349 -26.88 9.50 -10.90
CA TYR A 349 -27.65 9.67 -9.67
C TYR A 349 -26.87 9.19 -8.45
N VAL A 350 -26.20 8.04 -8.58
CA VAL A 350 -25.44 7.50 -7.44
C VAL A 350 -24.33 8.46 -7.04
N ALA A 351 -23.63 9.04 -8.02
CA ALA A 351 -22.61 10.03 -7.70
C ALA A 351 -23.21 11.25 -7.03
N GLN A 352 -24.44 11.62 -7.41
CA GLN A 352 -25.12 12.75 -6.77
C GLN A 352 -25.38 12.46 -5.30
N ASN A 353 -25.84 11.25 -4.99
CA ASN A 353 -26.28 10.91 -3.64
C ASN A 353 -25.28 10.04 -2.89
N GLY A 354 -24.90 8.90 -3.46
CA GLY A 354 -24.02 7.98 -2.78
C GLY A 354 -24.78 6.91 -2.02
N LEU A 355 -25.72 6.25 -2.69
CA LEU A 355 -26.55 5.22 -2.08
C LEU A 355 -26.54 3.98 -2.94
N ILE A 356 -26.48 2.81 -2.28
CA ILE A 356 -26.52 1.54 -3.00
C ILE A 356 -27.92 1.33 -3.55
N CYS A 357 -28.01 1.07 -4.86
CA CYS A 357 -29.28 0.94 -5.55
C CYS A 357 -29.38 -0.44 -6.17
N ASN A 358 -30.47 -1.14 -5.88
CA ASN A 358 -30.82 -2.40 -6.52
C ASN A 358 -32.09 -2.17 -7.32
N ILE A 359 -32.04 -2.50 -8.62
CA ILE A 359 -33.15 -2.29 -9.53
C ILE A 359 -33.66 -3.63 -10.01
N MET A 360 -34.96 -3.86 -9.83
CA MET A 360 -35.63 -5.05 -10.35
C MET A 360 -36.57 -4.63 -11.45
N ASN A 361 -36.48 -5.29 -12.60
CA ASN A 361 -37.26 -4.95 -13.80
C ASN A 361 -37.01 -3.48 -14.18
N ALA A 362 -35.75 -3.21 -14.54
CA ALA A 362 -35.35 -1.85 -14.90
C ALA A 362 -36.18 -1.22 -16.01
N PRO A 363 -36.56 -1.91 -17.09
CA PRO A 363 -37.41 -1.26 -18.10
C PRO A 363 -38.72 -0.73 -17.53
N SER A 364 -39.30 -1.41 -16.54
CA SER A 364 -40.52 -0.94 -15.92
C SER A 364 -40.30 0.27 -15.01
N GLU A 365 -39.05 0.58 -14.67
CA GLU A 365 -38.77 1.74 -13.84
C GLU A 365 -39.03 3.02 -14.62
N ASP A 366 -39.51 4.04 -13.91
CA ASP A 366 -39.83 5.33 -14.53
C ASP A 366 -38.84 6.43 -14.16
N PHE A 367 -38.16 6.32 -13.02
CA PHE A 367 -37.22 7.35 -12.61
C PHE A 367 -36.06 7.45 -13.59
N PHE A 368 -35.52 6.31 -14.01
CA PHE A 368 -34.36 6.28 -14.89
C PHE A 368 -34.76 5.77 -16.27
N ALA A 369 -34.18 6.38 -17.31
CA ALA A 369 -34.51 6.02 -18.69
C ALA A 369 -33.64 4.85 -19.13
N PHE A 370 -33.92 3.69 -18.53
CA PHE A 370 -33.23 2.46 -18.90
C PHE A 370 -33.69 2.00 -20.28
N GLN A 371 -32.78 1.40 -21.03
CA GLN A 371 -33.10 0.94 -22.37
C GLN A 371 -34.14 -0.17 -22.32
N LYS A 372 -35.20 -0.01 -23.10
CA LYS A 372 -36.28 -0.98 -23.17
C LYS A 372 -36.19 -1.85 -24.42
N GLU A 373 -35.06 -1.81 -25.11
CA GLU A 373 -34.82 -2.56 -26.33
C GLU A 373 -33.54 -3.35 -26.19
N PRO A 374 -33.41 -4.46 -26.93
CA PRO A 374 -32.18 -5.26 -26.84
C PRO A 374 -30.94 -4.45 -27.18
N LEU A 375 -30.03 -4.34 -26.22
CA LEU A 375 -28.79 -3.60 -26.41
C LEU A 375 -27.79 -4.36 -27.28
N ASP A 376 -27.92 -5.68 -27.38
CA ASP A 376 -26.99 -6.50 -28.13
C ASP A 376 -27.73 -7.18 -29.30
N GLU A 377 -26.94 -7.60 -30.29
CA GLU A 377 -27.52 -8.26 -31.46
C GLU A 377 -28.13 -9.61 -31.11
N SER A 378 -27.72 -10.23 -30.01
CA SER A 378 -28.27 -11.51 -29.58
C SER A 378 -29.55 -11.37 -28.76
N GLY A 379 -30.00 -10.15 -28.51
CA GLY A 379 -31.21 -9.93 -27.75
C GLY A 379 -31.01 -9.63 -26.27
N TRP A 380 -29.78 -9.37 -25.84
CA TRP A 380 -29.53 -9.06 -24.44
C TRP A 380 -30.27 -7.79 -24.04
N MET A 381 -31.01 -7.87 -22.94
CA MET A 381 -31.87 -6.77 -22.51
C MET A 381 -31.70 -6.57 -21.01
N ILE A 382 -31.54 -5.31 -20.60
CA ILE A 382 -31.31 -4.97 -19.20
C ILE A 382 -32.56 -5.29 -18.39
N LYS A 383 -32.41 -6.11 -17.36
CA LYS A 383 -33.51 -6.44 -16.46
C LYS A 383 -33.21 -6.08 -15.01
N ASN A 384 -32.05 -6.46 -14.49
CA ASN A 384 -31.68 -6.20 -13.09
C ASN A 384 -30.37 -5.44 -13.05
N VAL A 385 -30.35 -4.35 -12.28
CA VAL A 385 -29.20 -3.46 -12.20
C VAL A 385 -28.87 -3.20 -10.74
N LEU A 386 -27.57 -3.15 -10.44
CA LEU A 386 -27.11 -2.83 -9.09
C LEU A 386 -25.92 -1.88 -9.21
N SER A 387 -26.09 -0.66 -8.72
CA SER A 387 -25.07 0.38 -8.82
C SER A 387 -24.70 0.88 -7.43
N MET A 388 -23.40 0.92 -7.14
CA MET A 388 -22.91 1.26 -5.81
C MET A 388 -21.69 2.16 -5.96
N PRO A 389 -21.39 2.97 -4.94
CA PRO A 389 -20.21 3.84 -5.00
C PRO A 389 -18.96 3.13 -4.50
N ILE A 390 -17.83 3.84 -4.61
CA ILE A 390 -16.53 3.34 -4.16
C ILE A 390 -16.05 4.03 -2.89
N VAL A 391 -16.92 4.82 -2.26
CA VAL A 391 -16.75 5.25 -0.87
C VAL A 391 -15.51 6.13 -0.70
N ASN A 392 -14.31 5.54 -0.85
CA ASN A 392 -13.03 6.19 -0.60
C ASN A 392 -12.84 6.48 0.90
N LYS A 393 -11.59 6.60 1.34
CA LYS A 393 -11.30 6.81 2.75
C LYS A 393 -11.85 8.14 3.26
N LYS A 394 -11.77 9.19 2.45
CA LYS A 394 -12.26 10.51 2.82
C LYS A 394 -13.72 10.73 2.48
N GLU A 395 -14.47 9.66 2.22
CA GLU A 395 -15.89 9.69 1.86
C GLU A 395 -16.15 10.45 0.56
N GLU A 396 -15.11 10.69 -0.25
CA GLU A 396 -15.27 11.37 -1.53
C GLU A 396 -15.40 10.32 -2.63
N ILE A 397 -16.59 10.19 -3.19
CA ILE A 397 -16.87 9.14 -4.16
C ILE A 397 -15.92 9.28 -5.34
N VAL A 398 -15.09 8.24 -5.56
CA VAL A 398 -14.14 8.24 -6.66
C VAL A 398 -14.63 7.46 -7.87
N GLY A 399 -15.74 6.75 -7.75
CA GLY A 399 -16.26 5.98 -8.87
C GLY A 399 -17.62 5.41 -8.54
N VAL A 400 -18.25 4.87 -9.57
CA VAL A 400 -19.55 4.21 -9.44
C VAL A 400 -19.47 2.88 -10.17
N ALA A 401 -19.72 1.79 -9.44
CA ALA A 401 -19.71 0.45 -10.02
C ALA A 401 -21.14 -0.01 -10.22
N THR A 402 -21.49 -0.36 -11.46
CA THR A 402 -22.84 -0.75 -11.83
C THR A 402 -22.83 -2.17 -12.36
N PHE A 403 -23.57 -3.06 -11.71
CA PHE A 403 -23.61 -4.48 -12.06
C PHE A 403 -24.96 -4.79 -12.70
N TYR A 404 -24.92 -5.33 -13.92
CA TYR A 404 -26.12 -5.59 -14.71
C TYR A 404 -26.59 -7.02 -14.49
N ASN A 405 -27.44 -7.52 -15.39
CA ASN A 405 -28.16 -8.78 -15.29
C ASN A 405 -27.38 -9.91 -14.65
N ARG A 406 -27.98 -10.56 -13.66
CA ARG A 406 -27.36 -11.71 -13.00
C ARG A 406 -27.37 -12.92 -13.93
N LYS A 407 -26.39 -13.80 -13.75
CA LYS A 407 -26.24 -14.94 -14.64
C LYS A 407 -27.39 -15.92 -14.49
N ASP A 408 -27.80 -16.22 -13.25
CA ASP A 408 -28.84 -17.21 -13.05
C ASP A 408 -30.23 -16.70 -13.40
N GLY A 409 -30.40 -15.39 -13.53
CA GLY A 409 -31.66 -14.78 -13.91
C GLY A 409 -32.46 -14.23 -12.75
N LYS A 410 -32.18 -14.65 -11.52
CA LYS A 410 -32.87 -14.11 -10.37
C LYS A 410 -32.43 -12.68 -10.11
N PRO A 411 -33.32 -11.85 -9.55
CA PRO A 411 -32.92 -10.48 -9.22
C PRO A 411 -31.92 -10.45 -8.08
N PHE A 412 -31.14 -9.38 -8.04
CA PHE A 412 -30.15 -9.21 -6.99
C PHE A 412 -30.81 -9.17 -5.61
N ASP A 413 -30.26 -9.92 -4.67
CA ASP A 413 -30.77 -10.01 -3.32
C ASP A 413 -29.72 -9.50 -2.34
N GLU A 414 -30.00 -9.67 -1.04
CA GLU A 414 -29.12 -9.13 -0.02
C GLU A 414 -27.76 -9.82 0.00
N MET A 415 -27.71 -11.11 -0.35
CA MET A 415 -26.43 -11.80 -0.39
C MET A 415 -25.54 -11.24 -1.49
N ASP A 416 -26.11 -10.97 -2.67
CA ASP A 416 -25.34 -10.35 -3.74
C ASP A 416 -25.02 -8.90 -3.41
N GLU A 417 -25.93 -8.21 -2.72
CA GLU A 417 -25.64 -6.85 -2.28
C GLU A 417 -24.44 -6.82 -1.33
N THR A 418 -24.40 -7.77 -0.39
CA THR A 418 -23.29 -7.82 0.55
C THR A 418 -21.99 -8.22 -0.14
N LEU A 419 -22.08 -9.17 -1.08
CA LEU A 419 -20.88 -9.61 -1.79
C LEU A 419 -20.25 -8.47 -2.59
N MET A 420 -21.09 -7.69 -3.28
CA MET A 420 -20.57 -6.55 -4.03
C MET A 420 -20.22 -5.40 -3.10
N GLU A 421 -20.91 -5.28 -1.96
CA GLU A 421 -20.59 -4.22 -1.01
C GLU A 421 -19.18 -4.40 -0.44
N SER A 422 -18.81 -5.64 -0.13
CA SER A 422 -17.45 -5.90 0.36
C SER A 422 -16.42 -5.55 -0.71
N LEU A 423 -16.69 -5.92 -1.97
CA LEU A 423 -15.75 -5.62 -3.04
C LEU A 423 -15.59 -4.12 -3.24
N THR A 424 -16.70 -3.37 -3.23
CA THR A 424 -16.62 -1.93 -3.39
C THR A 424 -15.92 -1.27 -2.20
N GLN A 425 -16.20 -1.75 -0.98
CA GLN A 425 -15.51 -1.22 0.19
C GLN A 425 -14.01 -1.47 0.10
N PHE A 426 -13.61 -2.66 -0.32
CA PHE A 426 -12.19 -2.97 -0.47
C PHE A 426 -11.55 -2.09 -1.53
N LEU A 427 -12.24 -1.90 -2.66
CA LEU A 427 -11.69 -1.04 -3.72
C LEU A 427 -11.54 0.39 -3.23
N GLY A 428 -12.52 0.89 -2.48
CA GLY A 428 -12.42 2.23 -1.94
C GLY A 428 -11.30 2.37 -0.92
N TRP A 429 -11.09 1.33 -0.11
CA TRP A 429 -9.94 1.33 0.80
C TRP A 429 -8.63 1.33 0.02
N SER A 430 -8.58 0.57 -1.07
CA SER A 430 -7.38 0.47 -1.88
C SER A 430 -7.26 1.63 -2.85
N VAL A 431 -7.40 2.85 -2.34
CA VAL A 431 -7.03 4.05 -3.10
C VAL A 431 -5.79 4.71 -2.52
N LEU A 432 -5.36 4.31 -1.32
CA LEU A 432 -4.11 4.80 -0.76
C LEU A 432 -2.93 4.48 -1.67
N ASN A 433 -2.97 3.33 -2.36
CA ASN A 433 -1.87 2.99 -3.25
C ASN A 433 -1.79 3.94 -4.45
N PRO A 434 -2.86 4.19 -5.21
CA PRO A 434 -2.75 5.21 -6.27
C PRO A 434 -2.42 6.59 -5.73
N ASP A 435 -2.95 6.95 -4.56
CA ASP A 435 -2.62 8.24 -3.97
C ASP A 435 -1.13 8.33 -3.64
N THR A 436 -0.58 7.24 -3.09
CA THR A 436 0.85 7.22 -2.79
C THR A 436 1.68 7.18 -4.06
N TYR A 437 1.17 6.54 -5.12
CA TYR A 437 1.92 6.43 -6.37
C TYR A 437 2.20 7.81 -6.97
N GLU A 438 1.18 8.68 -6.99
CA GLU A 438 1.38 10.03 -7.49
C GLU A 438 2.29 10.83 -6.55
N LEU A 439 2.09 10.67 -5.24
CA LEU A 439 2.89 11.41 -4.26
C LEU A 439 4.36 11.01 -4.37
N MET A 440 4.65 9.72 -4.50
CA MET A 440 6.03 9.28 -4.61
C MET A 440 6.67 9.78 -5.89
N ASN A 441 5.93 9.77 -6.99
CA ASN A 441 6.46 10.27 -8.25
C ASN A 441 6.79 11.76 -8.17
N LYS A 442 5.87 12.55 -7.59
CA LYS A 442 6.12 13.97 -7.43
C LYS A 442 7.30 14.23 -6.52
N LEU A 443 7.41 13.47 -5.42
CA LEU A 443 8.53 13.64 -4.51
C LEU A 443 9.85 13.31 -5.18
N GLU A 444 9.88 12.23 -5.96
CA GLU A 444 11.10 11.86 -6.67
C GLU A 444 11.49 12.92 -7.69
N ASN A 445 10.50 13.45 -8.42
CA ASN A 445 10.80 14.51 -9.38
C ASN A 445 11.35 15.75 -8.69
N ARG A 446 10.75 16.15 -7.56
CA ARG A 446 11.24 17.30 -6.82
C ARG A 446 12.65 17.06 -6.30
N LYS A 447 12.92 15.85 -5.80
CA LYS A 447 14.26 15.52 -5.33
C LYS A 447 15.27 15.59 -6.46
N ASP A 448 14.91 15.09 -7.65
CA ASP A 448 15.81 15.17 -8.79
C ASP A 448 16.06 16.62 -9.18
N ILE A 449 15.03 17.46 -9.15
CA ILE A 449 15.19 18.87 -9.49
C ILE A 449 16.16 19.55 -8.53
N PHE A 450 15.98 19.32 -7.23
CA PHE A 450 16.85 19.96 -6.25
C PHE A 450 18.27 19.39 -6.29
N GLN A 451 18.41 18.11 -6.62
CA GLN A 451 19.74 17.54 -6.81
C GLN A 451 20.43 18.16 -8.01
N ASP A 452 19.69 18.40 -9.09
CA ASP A 452 20.25 19.12 -10.23
C ASP A 452 20.68 20.53 -9.82
N MET A 453 19.86 21.19 -8.99
CA MET A 453 20.22 22.52 -8.49
C MET A 453 21.54 22.49 -7.73
N VAL A 454 21.68 21.56 -6.78
CA VAL A 454 22.91 21.52 -5.99
C VAL A 454 24.09 21.12 -6.86
N LYS A 455 23.87 20.25 -7.83
CA LYS A 455 24.95 19.86 -8.74
C LYS A 455 25.45 21.06 -9.52
N TYR A 456 24.53 21.88 -10.04
CA TYR A 456 24.95 23.09 -10.74
C TYR A 456 25.67 24.05 -9.80
N HIS A 457 25.15 24.22 -8.59
CA HIS A 457 25.74 25.18 -7.66
C HIS A 457 27.11 24.76 -7.18
N VAL A 458 27.43 23.47 -7.21
CA VAL A 458 28.75 23.02 -6.77
C VAL A 458 29.68 22.81 -7.97
N LYS A 459 29.11 22.68 -9.16
CA LYS A 459 29.94 22.44 -10.34
C LYS A 459 30.65 23.70 -10.79
N CYS A 460 31.90 23.55 -11.19
CA CYS A 460 32.68 24.66 -11.73
C CYS A 460 32.19 24.97 -13.14
N ASP A 461 31.75 26.20 -13.35
CA ASP A 461 31.20 26.59 -14.64
C ASP A 461 32.32 26.75 -15.67
N ASN A 462 31.92 27.13 -16.89
CA ASN A 462 32.89 27.23 -17.98
C ASN A 462 33.80 28.43 -17.82
N GLU A 463 33.34 29.49 -17.16
CA GLU A 463 34.17 30.67 -16.96
C GLU A 463 35.20 30.46 -15.87
N GLU A 464 34.84 29.74 -14.81
CA GLU A 464 35.74 29.57 -13.68
C GLU A 464 36.91 28.64 -14.03
N ILE A 465 36.67 27.66 -14.90
CA ILE A 465 37.73 26.71 -15.25
C ILE A 465 38.86 27.40 -16.00
N GLN A 466 38.58 28.55 -16.62
CA GLN A 466 39.61 29.29 -17.33
C GLN A 466 40.64 29.91 -16.39
N THR A 467 40.38 29.93 -15.09
CA THR A 467 41.36 30.42 -14.14
C THR A 467 42.56 29.48 -14.03
N ILE A 468 42.39 28.21 -14.41
CA ILE A 468 43.48 27.23 -14.37
C ILE A 468 43.82 26.82 -15.80
N LEU A 469 42.83 26.26 -16.49
CA LEU A 469 43.01 25.78 -17.86
C LEU A 469 42.78 26.94 -18.82
N LYS A 470 43.80 27.81 -18.91
CA LYS A 470 43.70 29.02 -19.71
C LYS A 470 43.82 28.72 -21.20
N THR A 471 42.82 28.03 -21.76
CA THR A 471 42.86 27.72 -23.18
C THR A 471 42.49 28.94 -24.02
N ARG A 472 41.59 29.79 -23.51
CA ARG A 472 41.17 30.97 -24.26
C ARG A 472 42.32 31.93 -24.49
N GLU A 473 43.14 32.16 -23.46
CA GLU A 473 44.26 33.09 -23.57
C GLU A 473 45.46 32.50 -24.29
N VAL A 474 45.47 31.21 -24.57
CA VAL A 474 46.59 30.55 -25.23
C VAL A 474 46.25 30.15 -26.65
N TYR A 475 45.15 29.41 -26.85
CA TYR A 475 44.75 28.95 -28.17
C TYR A 475 43.48 29.60 -28.68
N GLY A 476 42.70 30.26 -27.82
CA GLY A 476 41.47 30.90 -28.23
C GLY A 476 40.27 29.98 -28.32
N LYS A 477 40.43 28.70 -28.04
CA LYS A 477 39.33 27.74 -28.07
C LYS A 477 38.84 27.45 -26.66
N GLU A 478 37.67 26.82 -26.59
CA GLU A 478 37.11 26.39 -25.33
C GLU A 478 37.81 25.12 -24.85
N PRO A 479 37.79 24.86 -23.53
CA PRO A 479 38.49 23.66 -23.03
C PRO A 479 38.01 22.36 -23.65
N TRP A 480 36.72 22.24 -23.95
CA TRP A 480 36.20 21.01 -24.54
C TRP A 480 36.59 20.85 -26.00
N GLU A 481 37.17 21.87 -26.63
CA GLU A 481 37.60 21.78 -28.02
C GLU A 481 39.08 21.45 -28.17
N CYS A 482 39.89 21.78 -27.17
CA CYS A 482 41.33 21.57 -27.29
C CYS A 482 41.67 20.09 -27.22
N GLU A 483 42.77 19.73 -27.87
CA GLU A 483 43.27 18.36 -27.86
C GLU A 483 43.89 18.03 -26.50
N GLU A 484 44.07 16.73 -26.25
CA GLU A 484 44.60 16.28 -24.97
C GLU A 484 46.02 16.80 -24.76
N GLU A 485 46.84 16.79 -25.81
CA GLU A 485 48.22 17.28 -25.68
C GLU A 485 48.23 18.78 -25.36
N GLU A 486 47.33 19.54 -25.96
CA GLU A 486 47.30 20.99 -25.73
C GLU A 486 46.93 21.30 -24.28
N LEU A 487 45.98 20.56 -23.71
CA LEU A 487 45.62 20.76 -22.31
C LEU A 487 46.79 20.44 -21.39
N ALA A 488 47.56 19.41 -21.72
CA ALA A 488 48.71 19.03 -20.90
C ALA A 488 49.77 20.13 -20.89
N GLU A 489 50.05 20.71 -22.06
CA GLU A 489 51.07 21.76 -22.14
C GLU A 489 50.66 22.98 -21.33
N ILE A 490 49.39 23.37 -21.40
CA ILE A 490 48.90 24.45 -20.55
C ILE A 490 48.99 24.08 -19.09
N LEU A 491 48.58 22.85 -18.75
CA LEU A 491 48.62 22.40 -17.36
C LEU A 491 50.06 22.30 -16.86
N GLN A 492 50.97 21.84 -17.71
CA GLN A 492 52.38 21.73 -17.29
C GLN A 492 52.94 23.09 -16.93
N GLY A 493 52.66 24.11 -17.74
CA GLY A 493 53.12 25.45 -17.41
C GLY A 493 52.44 26.04 -16.20
N GLU A 494 51.13 25.80 -16.06
CA GLU A 494 50.34 26.43 -15.00
C GLU A 494 50.57 25.80 -13.63
N LEU A 495 50.75 24.49 -13.55
CA LEU A 495 50.76 23.80 -12.27
C LEU A 495 52.06 24.09 -11.52
N PRO A 496 52.00 24.11 -10.19
CA PRO A 496 53.23 24.31 -9.40
C PRO A 496 54.11 23.08 -9.42
N ASP A 497 55.37 23.28 -9.01
CA ASP A 497 56.35 22.21 -8.95
C ASP A 497 56.28 21.55 -7.58
N ALA A 498 56.27 20.21 -7.57
CA ALA A 498 56.14 19.47 -6.31
C ALA A 498 57.34 19.72 -5.40
N ASP A 499 58.55 19.72 -5.96
CA ASP A 499 59.75 19.90 -5.14
C ASP A 499 59.78 21.29 -4.51
N LYS A 500 59.39 22.31 -5.27
CA LYS A 500 59.45 23.68 -4.75
C LYS A 500 58.50 23.88 -3.58
N TYR A 501 57.30 23.32 -3.67
CA TYR A 501 56.27 23.52 -2.66
C TYR A 501 56.28 22.47 -1.57
N GLU A 502 57.22 21.53 -1.61
CA GLU A 502 57.31 20.45 -0.61
C GLU A 502 56.00 19.67 -0.52
N ILE A 503 55.46 19.31 -1.68
CA ILE A 503 54.17 18.63 -1.74
C ILE A 503 54.23 17.24 -1.12
N ASN A 504 55.34 16.54 -1.27
CA ASN A 504 55.48 15.16 -0.78
C ASN A 504 56.25 15.12 0.53
N LYS A 505 56.03 16.09 1.40
CA LYS A 505 56.67 16.16 2.70
C LYS A 505 55.61 16.07 3.80
N PHE A 506 56.07 15.77 5.01
CA PHE A 506 55.19 15.63 6.17
C PHE A 506 54.98 16.95 6.91
N HIS A 507 55.63 18.03 6.49
CA HIS A 507 55.49 19.32 7.15
C HIS A 507 54.91 20.38 6.21
N PHE A 508 54.19 19.96 5.18
CA PHE A 508 53.56 20.90 4.26
C PHE A 508 52.56 21.78 4.98
N SER A 509 52.62 23.08 4.72
CA SER A 509 51.72 24.05 5.32
C SER A 509 51.00 24.82 4.22
N ASP A 510 49.67 24.91 4.33
CA ASP A 510 48.85 25.60 3.34
C ASP A 510 48.57 27.05 3.71
N LEU A 511 49.12 27.54 4.81
CA LEU A 511 48.88 28.93 5.22
C LEU A 511 49.31 29.96 4.18
N PRO A 512 50.49 29.90 3.58
CA PRO A 512 50.87 30.91 2.58
C PRO A 512 50.36 30.67 1.17
N LEU A 513 49.39 29.78 0.98
CA LEU A 513 48.88 29.46 -0.35
C LEU A 513 47.40 29.79 -0.43
N THR A 514 46.99 30.30 -1.59
CA THR A 514 45.59 30.62 -1.84
C THR A 514 44.81 29.35 -2.18
N GLU A 515 43.48 29.47 -2.11
CA GLU A 515 42.62 28.31 -2.38
C GLU A 515 42.79 27.83 -3.82
N LEU A 516 42.94 28.76 -4.77
CA LEU A 516 43.21 28.37 -6.15
C LEU A 516 44.53 27.65 -6.26
N GLU A 517 45.55 28.11 -5.53
CA GLU A 517 46.84 27.43 -5.54
C GLU A 517 46.72 26.02 -4.98
N LEU A 518 45.93 25.84 -3.93
CA LEU A 518 45.70 24.51 -3.38
C LEU A 518 45.00 23.61 -4.39
N VAL A 519 44.04 24.18 -5.13
CA VAL A 519 43.38 23.41 -6.19
C VAL A 519 44.38 23.01 -7.27
N LYS A 520 45.24 23.95 -7.66
CA LYS A 520 46.28 23.64 -8.64
C LYS A 520 47.24 22.58 -8.11
N CYS A 521 47.44 22.55 -6.79
CA CYS A 521 48.35 21.57 -6.21
C CYS A 521 47.81 20.16 -6.37
N GLY A 522 46.50 19.97 -6.18
CA GLY A 522 45.93 18.62 -6.23
C GLY A 522 46.08 17.96 -7.58
N ILE A 523 45.87 18.72 -8.66
CA ILE A 523 46.09 18.18 -9.99
C ILE A 523 47.56 17.80 -10.17
N GLN A 524 48.46 18.58 -9.56
CA GLN A 524 49.87 18.23 -9.59
C GLN A 524 50.14 16.92 -8.87
N MET A 525 49.46 16.69 -7.74
CA MET A 525 49.59 15.42 -7.04
C MET A 525 49.11 14.27 -7.91
N TYR A 526 47.98 14.45 -8.58
CA TYR A 526 47.46 13.41 -9.46
C TYR A 526 48.43 13.14 -10.60
N TYR A 527 49.05 14.18 -11.15
CA TYR A 527 50.06 13.99 -12.20
C TYR A 527 51.28 13.25 -11.67
N GLU A 528 51.74 13.61 -10.46
CA GLU A 528 52.94 12.99 -9.90
C GLU A 528 52.70 11.52 -9.59
N LEU A 529 51.49 11.17 -9.16
CA LEU A 529 51.18 9.76 -8.90
C LEU A 529 51.12 8.92 -10.17
N LYS A 530 51.25 9.54 -11.35
CA LYS A 530 51.27 8.83 -12.63
C LYS A 530 49.99 8.04 -12.85
N VAL A 531 48.87 8.54 -12.33
CA VAL A 531 47.57 7.91 -12.58
C VAL A 531 46.80 8.58 -13.70
N VAL A 532 47.30 9.67 -14.26
CA VAL A 532 46.62 10.35 -15.35
C VAL A 532 46.86 9.62 -16.67
N ASP A 533 48.12 9.34 -16.98
CA ASP A 533 48.44 8.66 -18.24
C ASP A 533 48.05 7.19 -18.19
N LYS A 534 48.20 6.55 -17.02
CA LYS A 534 47.93 5.12 -16.91
C LYS A 534 46.46 4.81 -17.18
N PHE A 535 45.56 5.61 -16.63
CA PHE A 535 44.12 5.38 -16.78
C PHE A 535 43.46 6.33 -17.78
N HIS A 536 44.25 7.15 -18.47
CA HIS A 536 43.75 8.07 -19.48
C HIS A 536 42.62 8.95 -18.94
N ILE A 537 42.83 9.48 -17.74
CA ILE A 537 41.84 10.38 -17.14
C ILE A 537 41.77 11.66 -17.97
N PRO A 538 40.59 12.12 -18.36
CA PRO A 538 40.49 13.38 -19.10
C PRO A 538 40.96 14.54 -18.25
N GLN A 539 41.96 15.27 -18.76
CA GLN A 539 42.58 16.34 -17.99
C GLN A 539 41.60 17.46 -17.71
N GLU A 540 40.73 17.78 -18.67
CA GLU A 540 39.72 18.82 -18.44
C GLU A 540 38.78 18.42 -17.31
N ALA A 541 38.35 17.16 -17.29
CA ALA A 541 37.49 16.70 -16.20
C ALA A 541 38.22 16.71 -14.87
N LEU A 542 39.50 16.37 -14.88
CA LEU A 542 40.28 16.35 -13.64
C LEU A 542 40.37 17.75 -13.03
N VAL A 543 40.63 18.76 -13.87
CA VAL A 543 40.67 20.13 -13.38
C VAL A 543 39.30 20.58 -12.90
N ARG A 544 38.26 20.24 -13.66
CA ARG A 544 36.91 20.63 -13.27
C ARG A 544 36.46 19.90 -12.01
N PHE A 545 36.93 18.65 -11.82
CA PHE A 545 36.54 17.89 -10.64
C PHE A 545 37.08 18.52 -9.37
N MET A 546 38.36 18.93 -9.39
CA MET A 546 38.96 19.50 -8.20
C MET A 546 38.33 20.85 -7.85
N TYR A 547 38.03 21.67 -8.86
CA TYR A 547 37.37 22.94 -8.60
C TYR A 547 35.96 22.74 -8.06
N SER A 548 35.25 21.73 -8.58
CA SER A 548 33.93 21.42 -8.05
C SER A 548 34.03 20.95 -6.61
N LEU A 549 35.07 20.18 -6.27
CA LEU A 549 35.29 19.80 -4.88
C LEU A 549 35.52 21.03 -4.01
N SER A 550 36.33 21.97 -4.50
CA SER A 550 36.62 23.18 -3.75
C SER A 550 35.35 23.98 -3.49
N LYS A 551 34.48 24.09 -4.51
CA LYS A 551 33.23 24.82 -4.32
C LYS A 551 32.27 24.05 -3.42
N GLY A 552 32.23 22.72 -3.54
CA GLY A 552 31.33 21.94 -2.70
C GLY A 552 31.69 21.98 -1.23
N TYR A 553 32.99 22.03 -0.93
CA TYR A 553 33.41 22.21 0.46
C TYR A 553 32.86 23.52 1.00
N ARG A 554 32.21 23.46 2.16
CA ARG A 554 31.57 24.63 2.73
C ARG A 554 32.62 25.62 3.23
N ARG A 555 32.17 26.85 3.45
CA ARG A 555 33.03 27.92 3.95
C ARG A 555 33.01 28.04 5.46
N ILE A 556 32.72 26.95 6.17
CA ILE A 556 32.68 26.95 7.63
C ILE A 556 34.11 27.00 8.16
N THR A 557 34.24 27.20 9.47
CA THR A 557 35.53 27.53 10.09
C THR A 557 36.63 26.51 9.81
N TYR A 558 36.47 25.27 10.28
CA TYR A 558 37.55 24.29 10.20
C TYR A 558 37.36 23.31 9.04
N HIS A 559 36.21 22.63 8.97
CA HIS A 559 35.99 21.59 7.97
C HIS A 559 35.69 22.23 6.60
N ASN A 560 36.62 23.05 6.16
CA ASN A 560 36.51 23.74 4.88
C ASN A 560 37.40 23.04 3.84
N TRP A 561 37.55 23.66 2.67
CA TRP A 561 38.34 23.06 1.61
C TRP A 561 39.81 22.91 2.00
N ARG A 562 40.33 23.83 2.82
CA ARG A 562 41.73 23.73 3.23
C ARG A 562 41.97 22.48 4.06
N HIS A 563 41.03 22.13 4.94
CA HIS A 563 41.13 20.86 5.66
C HIS A 563 41.03 19.68 4.71
N GLY A 564 40.16 19.78 3.71
CA GLY A 564 40.02 18.71 2.73
C GLY A 564 41.29 18.47 1.94
N PHE A 565 41.99 19.55 1.58
CA PHE A 565 43.24 19.41 0.83
C PHE A 565 44.35 18.85 1.73
N ASN A 566 44.43 19.33 2.97
CA ASN A 566 45.52 18.93 3.85
C ASN A 566 45.49 17.43 4.12
N VAL A 567 44.29 16.87 4.33
CA VAL A 567 44.17 15.42 4.52
C VAL A 567 44.60 14.68 3.26
N GLY A 568 44.15 15.15 2.09
CA GLY A 568 44.63 14.58 0.85
C GLY A 568 46.11 14.77 0.65
N GLN A 569 46.63 15.94 1.05
CA GLN A 569 48.07 16.15 1.01
C GLN A 569 48.79 15.19 1.93
N THR A 570 48.23 14.93 3.12
CA THR A 570 48.83 13.97 4.02
C THR A 570 48.86 12.58 3.42
N MET A 571 47.76 12.19 2.75
CA MET A 571 47.72 10.87 2.13
C MET A 571 48.74 10.75 0.99
N PHE A 572 48.87 11.81 0.18
CA PHE A 572 49.86 11.78 -0.89
C PHE A 572 51.27 11.70 -0.32
N SER A 573 51.55 12.48 0.72
CA SER A 573 52.86 12.44 1.36
C SER A 573 53.14 11.07 1.95
N LEU A 574 52.15 10.46 2.59
CA LEU A 574 52.30 9.08 3.04
C LEU A 574 52.68 8.17 1.87
N LEU A 575 51.79 8.05 0.88
CA LEU A 575 51.96 7.10 -0.21
C LEU A 575 53.28 7.31 -0.95
N VAL A 576 53.83 8.53 -0.93
CA VAL A 576 55.08 8.75 -1.65
C VAL A 576 56.29 8.61 -0.74
N THR A 577 56.37 9.46 0.29
CA THR A 577 57.56 9.49 1.14
C THR A 577 57.66 8.24 2.01
N GLY A 578 56.57 7.86 2.70
CA GLY A 578 56.67 6.74 3.61
C GLY A 578 56.73 5.39 2.95
N LYS A 579 56.70 5.35 1.63
CA LYS A 579 56.80 4.12 0.85
C LYS A 579 55.69 3.13 1.24
N LEU A 580 54.50 3.66 1.50
CA LEU A 580 53.32 2.85 1.78
C LEU A 580 52.55 2.53 0.51
N LYS A 581 53.04 2.97 -0.65
CA LYS A 581 52.42 2.61 -1.92
C LYS A 581 52.84 1.23 -2.39
N ARG A 582 53.88 0.64 -1.77
CA ARG A 582 54.34 -0.68 -2.18
C ARG A 582 53.23 -1.72 -2.05
N TYR A 583 52.32 -1.53 -1.09
CA TYR A 583 51.23 -2.48 -0.88
C TYR A 583 49.99 -2.15 -1.70
N PHE A 584 49.97 -1.02 -2.40
CA PHE A 584 48.76 -0.55 -3.08
C PHE A 584 49.03 -0.37 -4.57
N THR A 585 48.04 -0.74 -5.38
CA THR A 585 48.11 -0.56 -6.82
C THR A 585 47.91 0.91 -7.16
N ASP A 586 48.22 1.26 -8.42
CA ASP A 586 48.05 2.64 -8.87
C ASP A 586 46.59 3.07 -8.81
N LEU A 587 45.68 2.19 -9.20
CA LEU A 587 44.25 2.50 -9.09
C LEU A 587 43.85 2.67 -7.63
N GLU A 588 44.39 1.84 -6.75
CA GLU A 588 44.12 1.97 -5.32
C GLU A 588 44.66 3.29 -4.79
N ALA A 589 45.85 3.69 -5.25
CA ALA A 589 46.37 5.01 -4.89
C ALA A 589 45.48 6.12 -5.41
N LEU A 590 44.98 5.96 -6.65
CA LEU A 590 44.11 6.98 -7.23
C LEU A 590 42.83 7.15 -6.42
N ALA A 591 42.22 6.04 -6.01
CA ALA A 591 40.97 6.12 -5.27
C ALA A 591 41.20 6.63 -3.85
N MET A 592 42.36 6.32 -3.26
CA MET A 592 42.61 6.69 -1.88
C MET A 592 42.80 8.19 -1.73
N VAL A 593 43.54 8.81 -2.65
CA VAL A 593 43.73 10.26 -2.59
C VAL A 593 42.42 10.98 -2.84
N THR A 594 41.63 10.48 -3.80
CA THR A 594 40.31 11.07 -4.04
C THR A 594 39.41 10.91 -2.82
N ALA A 595 39.48 9.75 -2.15
CA ALA A 595 38.71 9.54 -0.93
C ALA A 595 39.14 10.51 0.15
N ALA A 596 40.44 10.73 0.31
CA ALA A 596 40.92 11.69 1.30
C ALA A 596 40.43 13.10 0.98
N PHE A 597 40.44 13.47 -0.30
CA PHE A 597 39.98 14.79 -0.70
C PHE A 597 38.48 14.96 -0.42
N CYS A 598 37.68 13.92 -0.68
CA CYS A 598 36.24 14.00 -0.56
C CYS A 598 35.71 13.57 0.81
N HIS A 599 36.60 13.21 1.74
CA HIS A 599 36.17 12.66 3.02
C HIS A 599 35.29 13.63 3.82
N ASP A 600 35.51 14.93 3.68
CA ASP A 600 34.76 15.92 4.46
C ASP A 600 34.01 16.89 3.56
N ILE A 601 33.51 16.41 2.42
CA ILE A 601 32.79 17.28 1.50
C ILE A 601 31.44 17.64 2.09
N ASP A 602 31.11 18.94 2.02
CA ASP A 602 29.83 19.46 2.49
C ASP A 602 29.58 19.11 3.96
N HIS A 603 30.50 19.57 4.82
CA HIS A 603 30.40 19.37 6.25
C HIS A 603 29.61 20.53 6.85
N ARG A 604 28.50 20.21 7.54
CA ARG A 604 27.66 21.26 8.11
C ARG A 604 28.36 22.01 9.23
N GLY A 605 29.38 21.40 9.84
CA GLY A 605 30.06 21.99 10.96
C GLY A 605 29.69 21.43 12.31
N THR A 606 28.85 20.41 12.36
CA THR A 606 28.44 19.77 13.61
C THR A 606 28.69 18.28 13.50
N ASN A 607 29.08 17.65 14.61
CA ASN A 607 29.48 16.26 14.59
C ASN A 607 28.25 15.35 14.51
N ASN A 608 28.49 14.04 14.63
CA ASN A 608 27.42 13.06 14.47
C ASN A 608 26.37 13.19 15.57
N LEU A 609 26.82 13.46 16.80
CA LEU A 609 25.88 13.53 17.92
C LEU A 609 24.84 14.62 17.73
N TYR A 610 25.26 15.78 17.22
CA TYR A 610 24.33 16.87 16.97
C TYR A 610 23.29 16.48 15.93
N GLN A 611 23.70 15.68 14.93
CA GLN A 611 22.76 15.25 13.91
C GLN A 611 21.68 14.34 14.50
N MET A 612 22.06 13.41 15.36
CA MET A 612 21.07 12.58 16.05
C MET A 612 20.17 13.41 16.94
N LYS A 613 20.76 14.27 17.77
CA LYS A 613 19.99 14.99 18.78
C LYS A 613 19.00 15.96 18.14
N SER A 614 19.41 16.64 17.08
CA SER A 614 18.55 17.60 16.40
C SER A 614 17.59 16.95 15.41
N GLN A 615 17.68 15.63 15.24
CA GLN A 615 16.83 14.90 14.29
C GLN A 615 16.93 15.47 12.88
N ASN A 616 18.15 15.78 12.46
CA ASN A 616 18.40 16.27 11.12
C ASN A 616 18.03 15.20 10.10
N PRO A 617 17.55 15.60 8.91
CA PRO A 617 17.20 14.59 7.89
C PRO A 617 18.32 13.64 7.55
N LEU A 618 19.57 14.03 7.76
CA LEU A 618 20.68 13.10 7.61
C LEU A 618 20.58 11.95 8.61
N ALA A 619 20.21 12.26 9.85
CA ALA A 619 20.11 11.22 10.88
C ALA A 619 19.00 10.23 10.55
N LYS A 620 17.87 10.72 10.04
CA LYS A 620 16.79 9.82 9.65
C LYS A 620 17.21 8.93 8.49
N LEU A 621 17.96 9.48 7.54
CA LEU A 621 18.37 8.70 6.37
C LEU A 621 19.50 7.74 6.73
N HIS A 622 20.62 8.27 7.22
CA HIS A 622 21.77 7.45 7.58
C HIS A 622 21.73 7.10 9.06
N GLY A 623 21.92 5.82 9.36
CA GLY A 623 21.74 5.34 10.72
C GLY A 623 22.99 5.30 11.57
N SER A 624 24.06 4.70 11.06
CA SER A 624 25.26 4.47 11.87
C SER A 624 26.22 5.65 11.81
N SER A 625 26.73 5.95 10.62
CA SER A 625 27.64 7.07 10.41
C SER A 625 26.89 8.13 9.61
N ILE A 626 26.43 9.16 10.30
CA ILE A 626 25.56 10.16 9.67
C ILE A 626 26.33 10.95 8.62
N LEU A 627 27.36 11.69 9.05
CA LEU A 627 28.07 12.57 8.13
C LEU A 627 28.98 11.79 7.20
N GLU A 628 29.64 10.75 7.71
CA GLU A 628 30.60 10.01 6.89
C GLU A 628 29.92 9.36 5.70
N ARG A 629 28.71 8.83 5.88
CA ARG A 629 27.97 8.30 4.75
C ARG A 629 27.51 9.41 3.83
N HIS A 630 27.13 10.56 4.39
CA HIS A 630 26.69 11.68 3.57
C HIS A 630 27.82 12.21 2.70
N HIS A 631 29.02 12.33 3.26
CA HIS A 631 30.17 12.76 2.47
C HIS A 631 30.46 11.77 1.35
N LEU A 632 30.36 10.47 1.65
CA LEU A 632 30.54 9.46 0.61
C LEU A 632 29.46 9.58 -0.46
N GLU A 633 28.20 9.77 -0.04
CA GLU A 633 27.12 9.89 -1.00
C GLU A 633 27.29 11.12 -1.90
N PHE A 634 27.65 12.26 -1.30
CA PHE A 634 27.81 13.47 -2.09
C PHE A 634 29.02 13.37 -3.01
N GLY A 635 30.10 12.75 -2.54
CA GLY A 635 31.25 12.54 -3.41
C GLY A 635 30.94 11.64 -4.58
N LYS A 636 30.21 10.55 -4.34
CA LYS A 636 29.82 9.65 -5.42
C LYS A 636 28.87 10.36 -6.40
N THR A 637 27.97 11.19 -5.87
CA THR A 637 27.10 11.97 -6.74
C THR A 637 27.90 12.94 -7.61
N LEU A 638 28.90 13.58 -7.02
CA LEU A 638 29.77 14.48 -7.78
C LEU A 638 30.51 13.71 -8.88
N LEU A 639 31.01 12.52 -8.55
CA LEU A 639 31.73 11.73 -9.55
C LEU A 639 30.80 11.18 -10.63
N ARG A 640 29.52 11.00 -10.30
CA ARG A 640 28.58 10.46 -11.28
C ARG A 640 28.35 11.40 -12.45
N ASP A 641 28.60 12.70 -12.25
CA ASP A 641 28.41 13.66 -13.31
C ASP A 641 29.35 13.36 -14.47
N GLU A 642 28.84 13.52 -15.70
CA GLU A 642 29.65 13.21 -16.88
C GLU A 642 30.84 14.13 -17.00
N SER A 643 30.65 15.44 -16.76
CA SER A 643 31.74 16.39 -16.90
C SER A 643 32.71 16.35 -15.74
N LEU A 644 32.32 15.79 -14.60
CA LEU A 644 33.17 15.72 -13.42
C LEU A 644 33.71 14.32 -13.16
N ASN A 645 33.36 13.35 -14.00
CA ASN A 645 33.78 11.96 -13.78
C ASN A 645 35.22 11.79 -14.25
N ILE A 646 36.12 11.49 -13.32
CA ILE A 646 37.49 11.15 -13.68
C ILE A 646 37.70 9.65 -13.84
N PHE A 647 36.69 8.84 -13.51
CA PHE A 647 36.75 7.39 -13.67
C PHE A 647 36.06 6.92 -14.93
N GLN A 648 35.71 7.83 -15.84
CA GLN A 648 34.93 7.46 -17.02
C GLN A 648 35.73 6.55 -17.95
N ASN A 649 37.05 6.59 -17.90
CA ASN A 649 37.89 5.78 -18.76
C ASN A 649 38.33 4.48 -18.09
N LEU A 650 37.84 4.19 -16.89
CA LEU A 650 38.19 2.96 -16.20
C LEU A 650 37.30 1.81 -16.65
N ASN A 651 37.77 0.60 -16.40
CA ASN A 651 37.00 -0.59 -16.71
C ASN A 651 35.82 -0.74 -15.74
N ARG A 652 34.87 -1.59 -16.13
CA ARG A 652 33.73 -1.86 -15.25
C ARG A 652 34.20 -2.47 -13.94
N ARG A 653 35.11 -3.45 -14.01
CA ARG A 653 35.72 -3.99 -12.80
C ARG A 653 36.58 -2.96 -12.10
N GLN A 654 37.34 -2.17 -12.88
CA GLN A 654 38.19 -1.15 -12.29
C GLN A 654 37.37 -0.08 -11.58
N HIS A 655 36.28 0.36 -12.20
CA HIS A 655 35.45 1.39 -11.57
C HIS A 655 34.82 0.87 -10.29
N GLU A 656 34.34 -0.37 -10.29
CA GLU A 656 33.72 -0.93 -9.09
C GLU A 656 34.74 -1.05 -7.96
N HIS A 657 35.96 -1.47 -8.28
CA HIS A 657 36.99 -1.60 -7.26
C HIS A 657 37.33 -0.26 -6.64
N ALA A 658 37.43 0.80 -7.46
CA ALA A 658 37.73 2.12 -6.93
C ALA A 658 36.59 2.65 -6.07
N ILE A 659 35.35 2.45 -6.49
CA ILE A 659 34.21 2.94 -5.73
C ILE A 659 34.12 2.24 -4.38
N HIS A 660 34.31 0.91 -4.37
CA HIS A 660 34.31 0.18 -3.11
C HIS A 660 35.42 0.67 -2.17
N MET A 661 36.62 0.89 -2.72
CA MET A 661 37.74 1.29 -1.87
C MET A 661 37.52 2.70 -1.32
N MET A 662 36.98 3.60 -2.14
CA MET A 662 36.60 4.93 -1.68
C MET A 662 35.55 4.86 -0.59
N ASP A 663 34.57 3.97 -0.76
CA ASP A 663 33.53 3.81 0.25
C ASP A 663 34.14 3.37 1.57
N ILE A 664 35.03 2.37 1.52
CA ILE A 664 35.70 1.90 2.72
C ILE A 664 36.42 3.05 3.40
N ALA A 665 37.21 3.82 2.63
CA ALA A 665 38.00 4.89 3.22
C ALA A 665 37.11 5.96 3.84
N ILE A 666 36.12 6.44 3.10
CA ILE A 666 35.30 7.56 3.58
C ILE A 666 34.48 7.15 4.80
N ILE A 667 33.94 5.92 4.79
CA ILE A 667 33.18 5.49 5.95
C ILE A 667 34.10 5.27 7.15
N ALA A 668 35.31 4.73 6.93
CA ALA A 668 36.25 4.51 8.01
C ALA A 668 36.87 5.79 8.54
N THR A 669 36.65 6.91 7.84
CA THR A 669 37.19 8.19 8.32
C THR A 669 36.75 8.51 9.76
N ASP A 670 35.59 8.02 10.18
CA ASP A 670 35.11 8.32 11.52
C ASP A 670 35.95 7.62 12.58
N LEU A 671 35.85 8.12 13.82
CA LEU A 671 36.63 7.59 14.92
C LEU A 671 35.98 6.39 15.60
N ALA A 672 34.64 6.32 15.60
CA ALA A 672 33.97 5.22 16.29
C ALA A 672 34.33 3.88 15.68
N LEU A 673 34.35 3.81 14.34
CA LEU A 673 34.78 2.58 13.68
C LEU A 673 36.27 2.35 13.88
N TYR A 674 37.06 3.42 13.86
CA TYR A 674 38.51 3.28 14.06
C TYR A 674 38.83 2.72 15.43
N PHE A 675 38.15 3.21 16.47
CA PHE A 675 38.46 2.78 17.83
C PHE A 675 38.23 1.28 18.00
N LYS A 676 37.12 0.77 17.47
CA LYS A 676 36.84 -0.66 17.57
C LYS A 676 37.83 -1.47 16.75
N LYS A 677 38.03 -1.10 15.49
CA LYS A 677 38.89 -1.86 14.58
C LYS A 677 40.30 -1.27 14.51
N ARG A 678 40.94 -1.18 15.67
CA ARG A 678 42.33 -0.75 15.74
C ARG A 678 43.25 -1.80 16.36
N THR A 679 42.72 -2.74 17.15
CA THR A 679 43.52 -3.86 17.61
C THR A 679 43.93 -4.75 16.44
N MET A 680 43.12 -4.78 15.39
CA MET A 680 43.50 -5.52 14.19
C MET A 680 44.77 -4.94 13.57
N PHE A 681 44.89 -3.61 13.56
CA PHE A 681 46.11 -2.98 13.06
C PHE A 681 47.31 -3.36 13.92
N GLN A 682 47.08 -3.57 15.21
CA GLN A 682 48.17 -3.99 16.10
C GLN A 682 48.71 -5.35 15.68
N LYS A 683 47.82 -6.26 15.28
CA LYS A 683 48.26 -7.56 14.81
C LYS A 683 48.94 -7.47 13.45
N ILE A 684 48.50 -6.54 12.59
CA ILE A 684 49.05 -6.45 11.24
C ILE A 684 50.52 -6.04 11.29
N VAL A 685 50.84 -5.02 12.09
CA VAL A 685 52.24 -4.63 12.24
C VAL A 685 53.03 -5.71 12.95
N ASP A 686 52.38 -6.45 13.86
CA ASP A 686 53.04 -7.58 14.51
C ASP A 686 53.43 -8.65 13.51
N GLN A 687 52.57 -8.91 12.53
CA GLN A 687 52.92 -9.85 11.46
C GLN A 687 54.11 -9.35 10.65
N SER A 688 54.16 -8.04 10.40
CA SER A 688 55.29 -7.46 9.68
C SER A 688 56.58 -7.66 10.46
N LYS A 689 56.55 -7.45 11.77
CA LYS A 689 57.73 -7.67 12.60
C LYS A 689 58.10 -9.15 12.65
N THR A 690 57.10 -10.03 12.66
CA THR A 690 57.38 -11.46 12.65
C THR A 690 58.08 -11.87 11.36
N TYR A 691 57.65 -11.33 10.23
CA TYR A 691 58.29 -11.62 8.95
C TYR A 691 59.75 -11.15 8.98
N GLU A 692 60.58 -11.85 8.21
CA GLU A 692 62.03 -11.66 8.28
C GLU A 692 62.48 -10.42 7.53
N THR A 693 62.25 -10.37 6.22
CA THR A 693 62.62 -9.22 5.40
C THR A 693 61.36 -8.54 4.86
N GLN A 694 61.54 -7.32 4.37
CA GLN A 694 60.39 -6.54 3.91
C GLN A 694 59.81 -7.09 2.61
N GLN A 695 60.61 -7.82 1.83
CA GLN A 695 60.15 -8.27 0.52
C GLN A 695 59.04 -9.29 0.64
N GLU A 696 59.20 -10.30 1.50
CA GLU A 696 58.15 -11.29 1.69
C GLU A 696 56.89 -10.64 2.27
N TRP A 697 57.07 -9.75 3.24
CA TRP A 697 55.93 -9.05 3.82
C TRP A 697 55.22 -8.18 2.80
N THR A 698 55.97 -7.49 1.94
CA THR A 698 55.35 -6.70 0.87
C THR A 698 54.57 -7.60 -0.08
N GLN A 699 55.13 -8.77 -0.39
CA GLN A 699 54.42 -9.72 -1.25
C GLN A 699 53.12 -10.19 -0.61
N TYR A 700 53.15 -10.46 0.70
CA TYR A 700 51.95 -10.90 1.40
C TYR A 700 50.85 -9.85 1.34
N MET A 701 51.22 -8.59 1.59
CA MET A 701 50.24 -7.51 1.52
C MET A 701 49.72 -7.32 0.10
N MET A 702 50.59 -7.48 -0.90
CA MET A 702 50.18 -7.31 -2.29
C MET A 702 49.08 -8.28 -2.69
N LEU A 703 48.92 -9.39 -1.97
CA LEU A 703 47.85 -10.34 -2.24
C LEU A 703 46.68 -10.17 -1.27
N ASP A 704 46.95 -10.18 0.04
CA ASP A 704 45.86 -10.16 1.01
C ASP A 704 45.11 -8.83 0.97
N GLN A 705 43.78 -8.91 0.99
CA GLN A 705 42.93 -7.74 0.81
C GLN A 705 42.36 -7.20 2.11
N THR A 706 41.94 -8.08 3.03
CA THR A 706 41.39 -7.61 4.30
C THR A 706 42.45 -6.93 5.14
N ARG A 707 43.71 -7.30 4.93
CA ARG A 707 44.81 -6.63 5.64
C ARG A 707 45.05 -5.25 5.07
N LYS A 708 44.97 -5.12 3.74
CA LYS A 708 45.14 -3.83 3.09
C LYS A 708 44.01 -2.87 3.46
N GLU A 709 42.77 -3.38 3.49
CA GLU A 709 41.63 -2.51 3.79
C GLU A 709 41.72 -1.97 5.21
N ILE A 710 42.12 -2.80 6.17
CA ILE A 710 42.29 -2.33 7.54
C ILE A 710 43.42 -1.33 7.60
N VAL A 711 44.51 -1.59 6.88
CA VAL A 711 45.62 -0.64 6.83
C VAL A 711 45.17 0.69 6.24
N MET A 712 44.34 0.64 5.18
CA MET A 712 43.86 1.87 4.56
C MET A 712 43.05 2.71 5.54
N ALA A 713 42.21 2.06 6.35
CA ALA A 713 41.42 2.79 7.34
C ALA A 713 42.33 3.50 8.33
N MET A 714 43.41 2.83 8.76
CA MET A 714 44.39 3.47 9.63
C MET A 714 45.05 4.65 8.94
N MET A 715 45.35 4.53 7.65
CA MET A 715 45.91 5.66 6.91
C MET A 715 44.94 6.82 6.87
N MET A 716 43.64 6.53 6.68
CA MET A 716 42.64 7.61 6.68
C MET A 716 42.56 8.29 8.04
N THR A 717 42.52 7.52 9.12
CA THR A 717 42.40 8.13 10.44
C THR A 717 43.70 8.76 10.90
N ALA A 718 44.83 8.46 10.23
CA ALA A 718 46.06 9.17 10.50
C ALA A 718 46.17 10.46 9.70
N CYS A 719 45.66 10.46 8.47
CA CYS A 719 45.66 11.68 7.66
C CYS A 719 44.65 12.68 8.19
N ASP A 720 43.52 12.21 8.71
CA ASP A 720 42.51 13.13 9.24
C ASP A 720 43.05 13.90 10.44
N LEU A 721 43.79 13.24 11.32
CA LEU A 721 44.39 13.87 12.48
C LEU A 721 45.81 14.36 12.22
N SER A 722 46.17 14.57 10.96
CA SER A 722 47.52 14.97 10.60
C SER A 722 47.85 16.41 11.00
N ALA A 723 46.85 17.18 11.44
CA ALA A 723 47.15 18.53 11.94
C ALA A 723 47.98 18.46 13.21
N ILE A 724 47.82 17.41 14.01
CA ILE A 724 48.50 17.33 15.30
C ILE A 724 49.99 17.06 15.14
N THR A 725 50.40 16.45 14.02
CA THR A 725 51.80 16.12 13.80
C THR A 725 52.55 17.18 13.00
N LYS A 726 51.88 18.24 12.58
CA LYS A 726 52.55 19.33 11.88
C LYS A 726 53.40 20.14 12.86
N PRO A 727 54.37 20.92 12.36
CA PRO A 727 55.18 21.77 13.25
C PRO A 727 54.33 22.66 14.15
N TRP A 728 54.95 23.16 15.22
CA TRP A 728 54.20 23.86 16.27
C TRP A 728 53.54 25.12 15.73
N GLU A 729 54.16 25.79 14.76
CA GLU A 729 53.58 27.00 14.20
C GLU A 729 52.27 26.71 13.47
N VAL A 730 52.17 25.53 12.84
CA VAL A 730 50.94 25.18 12.14
C VAL A 730 49.91 24.59 13.10
N GLN A 731 50.36 23.75 14.03
CA GLN A 731 49.43 23.12 14.96
C GLN A 731 48.75 24.15 15.86
N SER A 732 49.47 25.22 16.21
CA SER A 732 48.91 26.21 17.12
C SER A 732 47.68 26.88 16.52
N LYS A 733 47.68 27.14 15.22
CA LYS A 733 46.56 27.81 14.57
C LYS A 733 45.42 26.85 14.24
N VAL A 734 45.73 25.63 13.78
CA VAL A 734 44.69 24.69 13.40
C VAL A 734 43.88 24.25 14.63
N ALA A 735 44.55 24.06 15.76
CA ALA A 735 43.85 23.71 16.98
C ALA A 735 42.86 24.80 17.38
N LEU A 736 43.22 26.07 17.17
CA LEU A 736 42.30 27.16 17.45
C LEU A 736 41.08 27.09 16.55
N LEU A 737 41.27 26.76 15.27
CA LEU A 737 40.14 26.62 14.35
C LEU A 737 39.23 25.47 14.78
N VAL A 738 39.82 24.35 15.19
CA VAL A 738 39.01 23.22 15.65
C VAL A 738 38.21 23.61 16.90
N ALA A 739 38.87 24.30 17.83
CA ALA A 739 38.19 24.75 19.05
C ALA A 739 37.07 25.72 18.71
N ALA A 740 37.29 26.62 17.74
CA ALA A 740 36.26 27.57 17.35
C ALA A 740 35.06 26.85 16.75
N GLU A 741 35.30 25.85 15.90
CA GLU A 741 34.19 25.10 15.33
C GLU A 741 33.42 24.34 16.41
N PHE A 742 34.14 23.75 17.37
CA PHE A 742 33.46 23.05 18.45
C PHE A 742 32.66 24.01 19.32
N TRP A 743 33.19 25.21 19.56
CA TRP A 743 32.46 26.22 20.32
C TRP A 743 31.20 26.65 19.57
N GLU A 744 31.29 26.80 18.25
CA GLU A 744 30.11 27.13 17.46
C GLU A 744 29.06 26.03 17.58
N GLN A 745 29.48 24.77 17.50
CA GLN A 745 28.53 23.68 17.65
C GLN A 745 27.91 23.67 19.04
N GLY A 746 28.71 23.94 20.07
CA GLY A 746 28.17 24.00 21.42
C GLY A 746 27.17 25.11 21.60
N ASP A 747 27.45 26.29 21.02
CA ASP A 747 26.49 27.39 21.07
C ASP A 747 25.20 27.02 20.33
N LEU A 748 25.33 26.36 19.18
CA LEU A 748 24.15 25.91 18.46
C LEU A 748 23.33 24.93 19.30
N GLU A 749 24.01 24.01 19.98
CA GLU A 749 23.33 23.07 20.87
C GLU A 749 22.58 23.81 21.96
N ARG A 750 23.27 24.72 22.66
CA ARG A 750 22.64 25.44 23.76
C ARG A 750 21.45 26.26 23.29
N THR A 751 21.53 26.83 22.09
CA THR A 751 20.44 27.65 21.59
C THR A 751 19.25 26.81 21.11
N VAL A 752 19.52 25.67 20.48
CA VAL A 752 18.48 24.93 19.76
C VAL A 752 17.88 23.82 20.61
N LEU A 753 18.72 22.99 21.21
CA LEU A 753 18.25 21.79 21.90
C LEU A 753 18.05 21.99 23.40
N GLN A 754 18.41 23.15 23.95
CA GLN A 754 18.40 23.38 25.40
C GLN A 754 19.14 22.27 26.16
N GLN A 755 20.34 21.93 25.70
CA GLN A 755 21.20 20.97 26.38
C GLN A 755 22.54 21.62 26.69
N ASN A 756 23.07 21.30 27.87
CA ASN A 756 24.36 21.84 28.29
C ASN A 756 25.48 21.23 27.46
N PRO A 757 26.33 22.03 26.83
CA PRO A 757 27.42 21.47 26.02
C PRO A 757 28.48 20.81 26.89
N ILE A 758 29.19 19.85 26.29
CA ILE A 758 30.28 19.15 26.95
C ILE A 758 31.46 20.11 27.12
N PRO A 759 32.35 19.89 28.09
CA PRO A 759 33.47 20.82 28.28
C PRO A 759 34.35 20.99 27.06
N MET A 760 34.50 19.94 26.24
CA MET A 760 35.28 20.07 25.02
C MET A 760 34.66 21.09 24.07
N MET A 761 33.34 21.08 23.96
CA MET A 761 32.61 21.96 23.04
C MET A 761 32.21 23.27 23.69
N ASP A 762 32.48 23.46 24.97
CA ASP A 762 32.03 24.65 25.70
C ASP A 762 32.88 25.85 25.32
N ARG A 763 32.22 26.96 24.97
CA ARG A 763 32.94 28.18 24.67
C ARG A 763 33.50 28.82 25.93
N ASN A 764 32.80 28.69 27.07
CA ASN A 764 33.27 29.30 28.31
C ASN A 764 34.60 28.71 28.75
N LYS A 765 34.76 27.40 28.63
CA LYS A 765 36.00 26.73 29.01
C LYS A 765 37.04 26.79 27.90
N ALA A 766 37.33 28.00 27.41
CA ALA A 766 38.31 28.17 26.35
C ALA A 766 39.74 28.01 26.82
N ASP A 767 39.99 28.17 28.12
CA ASP A 767 41.34 28.05 28.66
C ASP A 767 41.72 26.61 28.99
N GLU A 768 40.81 25.66 28.84
CA GLU A 768 41.10 24.25 29.05
C GLU A 768 41.50 23.54 27.76
N LEU A 769 41.66 24.28 26.66
CA LEU A 769 42.01 23.66 25.40
C LEU A 769 43.32 22.88 25.43
N PRO A 770 44.42 23.37 26.02
CA PRO A 770 45.65 22.55 26.07
C PRO A 770 45.45 21.22 26.79
N LYS A 771 44.70 21.20 27.88
CA LYS A 771 44.46 19.95 28.59
C LYS A 771 43.67 18.96 27.73
N LEU A 772 42.66 19.45 27.03
CA LEU A 772 41.88 18.58 26.15
C LEU A 772 42.73 18.05 25.01
N GLN A 773 43.59 18.91 24.45
CA GLN A 773 44.47 18.46 23.38
C GLN A 773 45.46 17.41 23.87
N VAL A 774 45.99 17.59 25.09
CA VAL A 774 46.88 16.59 25.66
C VAL A 774 46.16 15.26 25.84
N GLY A 775 44.94 15.30 26.37
CA GLY A 775 44.16 14.09 26.51
C GLY A 775 43.83 13.45 25.17
N PHE A 776 43.48 14.28 24.18
CA PHE A 776 43.21 13.76 22.84
C PHE A 776 44.45 13.12 22.23
N ILE A 777 45.61 13.75 22.41
CA ILE A 777 46.85 13.18 21.88
C ILE A 777 47.15 11.84 22.53
N ASP A 778 47.04 11.77 23.86
CA ASP A 778 47.32 10.53 24.56
C ASP A 778 46.27 9.47 24.27
N PHE A 779 45.09 9.88 23.82
CA PHE A 779 43.97 8.94 23.64
C PHE A 779 43.93 8.35 22.24
N VAL A 780 44.07 9.18 21.20
CA VAL A 780 43.78 8.79 19.83
C VAL A 780 45.04 8.79 18.97
N CYS A 781 45.68 9.96 18.82
CA CYS A 781 46.73 10.10 17.81
C CYS A 781 47.99 9.32 18.18
N THR A 782 48.26 9.17 19.48
CA THR A 782 49.49 8.51 19.91
C THR A 782 49.52 7.06 19.43
N PHE A 783 48.41 6.34 19.57
CA PHE A 783 48.37 4.93 19.16
C PHE A 783 48.61 4.79 17.67
N VAL A 784 47.99 5.66 16.87
CA VAL A 784 48.13 5.56 15.41
C VAL A 784 49.55 5.88 14.99
N TYR A 785 50.10 6.99 15.49
CA TYR A 785 51.40 7.43 14.99
C TYR A 785 52.54 6.59 15.57
N LYS A 786 52.34 6.00 16.74
CA LYS A 786 53.36 5.11 17.29
C LYS A 786 53.42 3.80 16.51
N GLU A 787 52.25 3.25 16.14
CA GLU A 787 52.23 1.99 15.40
C GLU A 787 52.67 2.19 13.96
N PHE A 788 52.31 3.31 13.34
CA PHE A 788 52.73 3.57 11.98
C PHE A 788 54.24 3.75 11.87
N SER A 789 54.84 4.40 12.87
CA SER A 789 56.29 4.55 12.88
C SER A 789 56.98 3.19 13.03
N ARG A 790 56.41 2.31 13.86
CA ARG A 790 56.95 0.96 13.98
C ARG A 790 56.80 0.19 12.66
N PHE A 791 55.67 0.37 11.99
CA PHE A 791 55.44 -0.30 10.71
C PHE A 791 56.45 0.16 9.67
N HIS A 792 56.58 1.47 9.49
CA HIS A 792 57.50 2.04 8.51
C HIS A 792 58.38 3.07 9.19
N GLU A 793 59.70 2.93 9.03
CA GLU A 793 60.63 3.86 9.64
C GLU A 793 60.52 5.26 9.05
N GLU A 794 60.03 5.37 7.81
CA GLU A 794 59.90 6.68 7.18
C GLU A 794 58.83 7.54 7.83
N ILE A 795 57.91 6.93 8.60
CA ILE A 795 56.88 7.69 9.30
C ILE A 795 57.38 8.27 10.61
N THR A 796 58.66 8.08 10.93
CA THR A 796 59.21 8.61 12.17
C THR A 796 59.03 10.12 12.33
N PRO A 797 59.21 10.97 11.31
CA PRO A 797 58.96 12.41 11.52
C PRO A 797 57.56 12.72 12.01
N MET A 798 56.57 11.92 11.62
CA MET A 798 55.23 12.08 12.19
C MET A 798 55.23 11.86 13.70
N LEU A 799 55.93 10.81 14.15
CA LEU A 799 55.99 10.53 15.58
C LEU A 799 56.78 11.61 16.32
N ASP A 800 57.81 12.16 15.67
CA ASP A 800 58.54 13.28 16.26
C ASP A 800 57.64 14.50 16.38
N GLY A 801 56.79 14.75 15.37
CA GLY A 801 55.93 15.91 15.41
C GLY A 801 54.89 15.84 16.52
N ILE A 802 54.25 14.68 16.70
CA ILE A 802 53.20 14.57 17.70
C ILE A 802 53.80 14.67 19.11
N THR A 803 54.99 14.11 19.31
CA THR A 803 55.64 14.21 20.63
C THR A 803 55.94 15.65 21.00
N ASN A 804 56.49 16.42 20.05
CA ASN A 804 56.80 17.82 20.32
C ASN A 804 55.54 18.63 20.59
N ASN A 805 54.50 18.42 19.78
CA ASN A 805 53.25 19.13 19.99
C ASN A 805 52.62 18.77 21.33
N ARG A 806 52.69 17.49 21.71
CA ARG A 806 52.19 17.07 23.01
C ARG A 806 52.98 17.73 24.14
N LYS A 807 54.29 17.86 23.97
CA LYS A 807 55.10 18.55 24.98
C LYS A 807 54.70 20.01 25.11
N GLU A 808 54.49 20.69 23.98
CA GLU A 808 54.07 22.09 24.04
C GLU A 808 52.70 22.24 24.69
N TRP A 809 51.75 21.37 24.32
CA TRP A 809 50.42 21.44 24.92
C TRP A 809 50.46 21.11 26.40
N LYS A 810 51.31 20.17 26.80
CA LYS A 810 51.46 19.86 28.22
C LYS A 810 52.04 21.04 28.98
N ALA A 811 53.02 21.74 28.38
CA ALA A 811 53.56 22.94 29.01
C ALA A 811 52.47 24.00 29.17
N LEU A 812 51.66 24.21 28.14
CA LEU A 812 50.58 25.18 28.23
C LEU A 812 49.56 24.79 29.30
N ALA A 813 49.22 23.50 29.37
CA ALA A 813 48.28 23.03 30.38
C ALA A 813 48.84 23.19 31.79
N ASP A 814 50.13 22.93 31.97
CA ASP A 814 50.76 23.13 33.26
C ASP A 814 50.76 24.60 33.65
N GLU A 815 51.02 25.50 32.68
CA GLU A 815 50.96 26.92 32.96
C GLU A 815 49.55 27.34 33.37
N TYR A 816 48.54 26.82 32.67
CA TYR A 816 47.16 27.15 33.03
C TYR A 816 46.79 26.63 34.41
N GLU A 817 47.24 25.42 34.74
CA GLU A 817 46.98 24.86 36.07
C GLU A 817 47.66 25.69 37.15
N THR A 818 48.89 26.13 36.90
CA THR A 818 49.58 26.98 37.86
C THR A 818 48.86 28.31 38.03
N LYS A 819 48.35 28.88 36.93
CA LYS A 819 47.59 30.12 37.02
C LYS A 819 46.31 29.93 37.82
N MET A 820 45.61 28.80 37.60
CA MET A 820 44.38 28.54 38.33
C MET A 820 44.66 28.22 39.80
N LYS A 821 45.88 27.78 40.13
CA LYS A 821 46.28 27.58 41.52
C LYS A 821 46.47 28.95 42.17
N GLY A 822 45.35 29.57 42.54
CA GLY A 822 45.38 30.87 43.16
C GLY A 822 44.12 31.70 42.88
N GLN B 7 -36.55 -70.25 22.46
CA GLN B 7 -36.91 -71.63 22.77
C GLN B 7 -37.08 -72.43 21.49
N VAL B 8 -37.99 -71.99 20.64
CA VAL B 8 -38.28 -72.67 19.38
C VAL B 8 -37.73 -71.91 18.18
N HIS B 9 -36.77 -71.00 18.41
CA HIS B 9 -36.23 -70.19 17.33
C HIS B 9 -35.57 -71.06 16.26
N ARG B 10 -34.92 -72.15 16.67
CA ARG B 10 -34.23 -73.00 15.70
C ARG B 10 -35.21 -73.63 14.71
N PHE B 11 -36.39 -74.03 15.17
CA PHE B 11 -37.38 -74.61 14.27
C PHE B 11 -37.86 -73.57 13.26
N LEU B 12 -38.10 -72.33 13.71
CA LEU B 12 -38.56 -71.28 12.81
C LEU B 12 -37.52 -70.97 11.74
N ASP B 13 -36.24 -70.93 12.13
CA ASP B 13 -35.18 -70.71 11.16
C ASP B 13 -35.11 -71.84 10.14
N GLN B 14 -35.27 -73.08 10.59
CA GLN B 14 -35.22 -74.23 9.70
C GLN B 14 -36.41 -74.31 8.75
N ASN B 15 -37.48 -73.56 9.01
CA ASN B 15 -38.68 -73.56 8.18
C ASN B 15 -39.05 -72.13 7.83
N PRO B 16 -38.30 -71.49 6.91
CA PRO B 16 -38.66 -70.12 6.51
C PRO B 16 -40.03 -70.04 5.87
N GLY B 17 -40.44 -71.07 5.12
CA GLY B 17 -41.75 -71.02 4.47
C GLY B 17 -42.90 -71.01 5.46
N PHE B 18 -42.81 -71.82 6.51
CA PHE B 18 -43.85 -71.84 7.53
C PHE B 18 -43.93 -70.51 8.26
N ALA B 19 -42.78 -69.92 8.57
CA ALA B 19 -42.77 -68.63 9.28
C ALA B 19 -43.42 -67.54 8.44
N ASP B 20 -43.10 -67.49 7.14
CA ASP B 20 -43.71 -66.49 6.28
C ASP B 20 -45.22 -66.68 6.17
N GLN B 21 -45.66 -67.94 6.06
CA GLN B 21 -47.10 -68.22 5.97
C GLN B 21 -47.83 -67.83 7.25
N TYR B 22 -47.24 -68.18 8.40
CA TYR B 22 -47.91 -67.87 9.68
C TYR B 22 -47.99 -66.37 9.92
N PHE B 23 -46.89 -65.64 9.69
CA PHE B 23 -46.91 -64.21 9.91
C PHE B 23 -47.79 -63.49 8.89
N GLY B 24 -47.91 -64.03 7.68
CA GLY B 24 -48.79 -63.46 6.67
C GLY B 24 -50.25 -63.53 7.02
N ARG B 25 -50.63 -64.32 8.02
CA ARG B 25 -52.02 -64.40 8.45
C ARG B 25 -52.48 -63.08 9.06
N LYS B 26 -53.76 -62.78 8.90
CA LYS B 26 -54.35 -61.58 9.48
C LYS B 26 -54.50 -61.77 10.98
N LEU B 27 -53.78 -60.97 11.76
CA LEU B 27 -53.85 -61.08 13.21
C LEU B 27 -55.03 -60.30 13.75
N SER B 28 -55.57 -60.75 14.88
CA SER B 28 -56.79 -60.23 15.49
C SER B 28 -56.67 -58.74 15.81
N PRO B 29 -57.79 -58.05 16.07
CA PRO B 29 -57.70 -56.64 16.48
C PRO B 29 -56.89 -56.43 17.74
N GLU B 30 -56.82 -57.42 18.62
CA GLU B 30 -56.04 -57.29 19.85
C GLU B 30 -54.56 -57.15 19.53
N ASP B 31 -53.87 -56.32 20.32
CA ASP B 31 -52.44 -56.06 20.16
C ASP B 31 -51.70 -56.44 21.43
N VAL B 32 -50.42 -56.10 21.48
CA VAL B 32 -49.55 -56.45 22.61
C VAL B 32 -49.50 -55.28 23.59
N ALA B 33 -49.01 -54.13 23.13
CA ALA B 33 -48.87 -52.95 23.98
C ALA B 33 -48.98 -51.71 23.11
N ASN B 34 -50.09 -50.97 23.27
CA ASN B 34 -50.34 -49.73 22.56
C ASN B 34 -50.19 -49.90 21.06
N ALA B 35 -48.96 -49.77 20.56
CA ALA B 35 -48.59 -49.91 19.14
C ALA B 35 -49.30 -48.91 18.24
N CYS B 36 -49.94 -47.89 18.81
CA CYS B 36 -50.68 -46.88 18.04
C CYS B 36 -51.66 -47.54 17.08
N GLU B 37 -52.45 -48.47 17.61
CA GLU B 37 -53.34 -49.30 16.79
C GLU B 37 -54.53 -48.48 16.33
N ASP B 38 -54.35 -47.79 15.20
CA ASP B 38 -55.45 -47.18 14.48
C ASP B 38 -55.98 -48.13 13.42
N GLY B 39 -56.28 -49.36 13.84
CA GLY B 39 -56.69 -50.40 12.91
C GLY B 39 -55.59 -50.83 11.98
N CYS B 40 -54.50 -51.37 12.53
CA CYS B 40 -53.35 -51.81 11.73
C CYS B 40 -52.88 -53.21 12.11
N PRO B 41 -53.74 -54.24 11.98
CA PRO B 41 -53.26 -55.61 12.21
C PRO B 41 -52.93 -56.40 10.95
N GLU B 42 -53.28 -55.89 9.77
CA GLU B 42 -53.36 -56.72 8.57
C GLU B 42 -52.86 -56.00 7.33
N GLY B 43 -51.68 -55.40 7.41
CA GLY B 43 -51.10 -54.76 6.23
C GLY B 43 -50.29 -55.71 5.38
N CYS B 44 -50.98 -56.69 4.77
CA CYS B 44 -50.41 -57.80 4.01
C CYS B 44 -49.58 -58.72 4.91
N THR B 45 -49.45 -58.40 6.20
CA THR B 45 -48.78 -59.25 7.18
C THR B 45 -49.31 -58.85 8.54
N SER B 46 -49.20 -59.78 9.50
CA SER B 46 -49.69 -59.52 10.85
C SER B 46 -48.91 -58.40 11.51
N PHE B 47 -47.60 -58.37 11.32
CA PHE B 47 -46.73 -57.43 12.03
C PHE B 47 -46.21 -56.30 11.15
N ARG B 48 -46.49 -56.31 9.84
CA ARG B 48 -45.86 -55.33 8.96
C ARG B 48 -46.26 -53.90 9.33
N GLU B 49 -47.55 -53.67 9.58
CA GLU B 49 -47.98 -52.33 10.01
C GLU B 49 -47.40 -51.98 11.37
N LEU B 50 -47.32 -52.95 12.28
CA LEU B 50 -46.80 -52.67 13.62
C LEU B 50 -45.35 -52.18 13.55
N CYS B 51 -44.54 -52.81 12.70
CA CYS B 51 -43.17 -52.35 12.53
C CYS B 51 -43.12 -51.06 11.71
N GLN B 52 -44.03 -50.90 10.74
CA GLN B 52 -44.11 -49.66 10.00
C GLN B 52 -44.48 -48.49 10.90
N VAL B 53 -45.46 -48.68 11.77
CA VAL B 53 -45.88 -47.61 12.67
C VAL B 53 -44.76 -47.26 13.65
N GLU B 54 -44.10 -48.29 14.20
CA GLU B 54 -43.02 -48.04 15.15
C GLU B 54 -41.87 -47.28 14.50
N GLU B 55 -41.46 -47.73 13.30
CA GLU B 55 -40.35 -47.06 12.61
C GLU B 55 -40.75 -45.67 12.13
N SER B 56 -41.99 -45.50 11.66
CA SER B 56 -42.44 -44.17 11.25
C SER B 56 -42.46 -43.22 12.43
N ALA B 57 -42.96 -43.68 13.58
CA ALA B 57 -42.94 -42.87 14.78
C ALA B 57 -41.51 -42.59 15.24
N ALA B 58 -40.65 -43.60 15.21
CA ALA B 58 -39.26 -43.43 15.63
C ALA B 58 -38.54 -42.47 14.69
N LEU B 59 -38.72 -42.63 13.39
CA LEU B 59 -38.07 -41.73 12.44
C LEU B 59 -38.63 -40.32 12.53
N PHE B 60 -39.93 -40.18 12.81
CA PHE B 60 -40.52 -38.87 12.97
C PHE B 60 -39.89 -38.12 14.14
N GLU B 61 -39.63 -38.83 15.25
CA GLU B 61 -38.98 -38.20 16.39
C GLU B 61 -37.58 -37.73 16.02
N LEU B 62 -36.86 -38.52 15.22
CA LEU B 62 -35.54 -38.09 14.75
C LEU B 62 -35.66 -36.83 13.89
N VAL B 63 -36.64 -36.79 12.99
CA VAL B 63 -36.82 -35.62 12.14
C VAL B 63 -37.12 -34.38 12.97
N GLN B 64 -37.91 -34.54 14.04
CA GLN B 64 -38.17 -33.43 14.93
C GLN B 64 -36.88 -32.93 15.58
N ASP B 65 -35.98 -33.85 15.93
CA ASP B 65 -34.71 -33.45 16.55
C ASP B 65 -33.88 -32.62 15.60
N MET B 66 -33.84 -32.98 14.31
CA MET B 66 -33.07 -32.22 13.34
C MET B 66 -33.63 -30.82 13.13
N GLN B 67 -34.95 -30.66 13.31
CA GLN B 67 -35.61 -29.42 12.93
C GLN B 67 -35.10 -28.23 13.75
N GLU B 68 -34.97 -28.41 15.06
CA GLU B 68 -34.59 -27.32 15.95
C GLU B 68 -33.34 -27.71 16.74
N ASN B 69 -32.44 -26.73 16.90
CA ASN B 69 -31.20 -26.89 17.68
C ASN B 69 -30.43 -28.12 17.20
N VAL B 70 -29.97 -28.03 15.95
CA VAL B 70 -29.28 -29.14 15.28
C VAL B 70 -28.17 -29.69 16.17
N ASN B 71 -28.25 -30.99 16.46
CA ASN B 71 -27.29 -31.67 17.34
C ASN B 71 -26.97 -33.00 16.66
N MET B 72 -25.90 -33.00 15.86
CA MET B 72 -25.55 -34.18 15.08
C MET B 72 -25.19 -35.35 15.98
N GLU B 73 -24.49 -35.09 17.09
CA GLU B 73 -24.04 -36.16 17.96
C GLU B 73 -25.21 -36.95 18.53
N ARG B 74 -26.26 -36.25 18.98
CA ARG B 74 -27.40 -36.94 19.57
C ARG B 74 -28.22 -37.66 18.52
N VAL B 75 -28.50 -37.00 17.39
CA VAL B 75 -29.34 -37.61 16.35
C VAL B 75 -28.66 -38.83 15.76
N VAL B 76 -27.36 -38.74 15.48
CA VAL B 76 -26.64 -39.89 14.96
C VAL B 76 -26.61 -41.01 15.98
N PHE B 77 -26.49 -40.67 17.27
CA PHE B 77 -26.49 -41.69 18.32
C PHE B 77 -27.79 -42.49 18.31
N LYS B 78 -28.92 -41.79 18.17
CA LYS B 78 -30.21 -42.48 18.14
C LYS B 78 -30.33 -43.37 16.90
N ILE B 79 -29.83 -42.90 15.76
CA ILE B 79 -29.85 -43.70 14.54
C ILE B 79 -28.97 -44.93 14.71
N LEU B 80 -27.77 -44.76 15.26
CA LEU B 80 -26.87 -45.89 15.45
C LEU B 80 -27.44 -46.87 16.47
N ARG B 81 -28.04 -46.37 17.54
CA ARG B 81 -28.63 -47.25 18.54
C ARG B 81 -29.77 -48.06 17.95
N ARG B 82 -30.62 -47.42 17.13
CA ARG B 82 -31.67 -48.17 16.45
C ARG B 82 -31.11 -49.09 15.38
N LEU B 83 -30.08 -48.64 14.66
CA LEU B 83 -29.48 -49.46 13.61
C LEU B 83 -28.79 -50.69 14.19
N CYS B 84 -28.33 -50.63 15.44
CA CYS B 84 -27.70 -51.78 16.06
C CYS B 84 -28.69 -52.94 16.18
N SER B 85 -29.92 -52.64 16.60
CA SER B 85 -30.94 -53.69 16.70
C SER B 85 -31.37 -54.17 15.32
N ILE B 86 -31.39 -53.27 14.35
CA ILE B 86 -31.81 -53.64 12.99
C ILE B 86 -30.81 -54.61 12.38
N LEU B 87 -29.52 -54.28 12.45
CA LEU B 87 -28.49 -55.08 11.82
C LEU B 87 -27.93 -56.19 12.71
N HIS B 88 -28.29 -56.18 13.99
CA HIS B 88 -27.78 -57.10 15.02
C HIS B 88 -26.28 -56.96 15.25
N ALA B 89 -25.65 -55.90 14.76
CA ALA B 89 -24.24 -55.70 15.05
C ALA B 89 -24.05 -55.50 16.54
N ASP B 90 -22.96 -56.06 17.08
CA ASP B 90 -22.70 -55.94 18.50
C ASP B 90 -22.54 -54.50 18.93
N ARG B 91 -22.05 -53.64 18.03
CA ARG B 91 -21.90 -52.22 18.32
C ARG B 91 -21.74 -51.48 17.00
N CYS B 92 -21.91 -50.17 17.06
CA CYS B 92 -21.70 -49.29 15.92
C CYS B 92 -20.74 -48.19 16.35
N SER B 93 -20.24 -47.45 15.35
CA SER B 93 -19.30 -46.38 15.64
C SER B 93 -19.35 -45.35 14.52
N LEU B 94 -18.92 -44.14 14.85
CA LEU B 94 -18.85 -43.04 13.90
C LEU B 94 -17.43 -42.48 13.87
N PHE B 95 -16.89 -42.33 12.68
CA PHE B 95 -15.53 -41.83 12.47
C PHE B 95 -15.62 -40.55 11.64
N MET B 96 -15.31 -39.42 12.27
CA MET B 96 -15.34 -38.15 11.58
C MET B 96 -14.10 -37.98 10.69
N TYR B 97 -14.26 -37.19 9.64
CA TYR B 97 -13.21 -36.95 8.64
C TYR B 97 -12.61 -35.58 8.86
N ARG B 98 -11.28 -35.52 8.94
CA ARG B 98 -10.56 -34.27 9.10
C ARG B 98 -9.36 -34.27 8.18
N GLN B 99 -8.87 -33.07 7.84
CA GLN B 99 -7.74 -32.90 6.94
C GLN B 99 -6.73 -31.98 7.61
N ARG B 100 -5.54 -32.50 7.88
CA ARG B 100 -4.46 -31.73 8.48
C ARG B 100 -3.20 -31.88 7.64
N ASN B 101 -2.48 -30.77 7.44
CA ASN B 101 -1.22 -30.75 6.70
C ASN B 101 -1.36 -31.26 5.28
N GLY B 102 -2.58 -31.27 4.74
CA GLY B 102 -2.82 -31.79 3.42
C GLY B 102 -3.05 -33.28 3.33
N VAL B 103 -2.96 -34.00 4.46
CA VAL B 103 -3.21 -35.44 4.50
C VAL B 103 -4.47 -35.67 5.31
N ALA B 104 -5.31 -36.60 4.86
CA ALA B 104 -6.59 -36.84 5.50
C ALA B 104 -6.44 -37.80 6.67
N GLU B 105 -7.16 -37.50 7.75
CA GLU B 105 -7.18 -38.35 8.94
C GLU B 105 -8.62 -38.54 9.38
N LEU B 106 -8.87 -39.64 10.09
CA LEU B 106 -10.20 -39.97 10.57
C LEU B 106 -10.14 -40.24 12.07
N ALA B 107 -11.00 -39.56 12.83
CA ALA B 107 -10.98 -39.64 14.28
C ALA B 107 -12.36 -40.07 14.78
N THR B 108 -12.37 -40.75 15.93
CA THR B 108 -13.61 -41.25 16.50
C THR B 108 -14.34 -40.15 17.27
N ARG B 109 -15.64 -40.07 17.05
CA ARG B 109 -16.51 -39.19 17.83
C ARG B 109 -17.56 -39.95 18.63
N LEU B 110 -18.06 -41.06 18.12
CA LEU B 110 -19.02 -41.90 18.85
C LEU B 110 -18.58 -43.35 18.69
N PHE B 111 -18.27 -44.00 19.82
CA PHE B 111 -17.62 -45.29 19.81
C PHE B 111 -18.42 -46.31 20.64
N SER B 112 -18.55 -47.51 20.09
CA SER B 112 -19.11 -48.66 20.81
C SER B 112 -20.51 -48.37 21.36
N VAL B 113 -21.37 -47.86 20.50
CA VAL B 113 -22.76 -47.64 20.87
C VAL B 113 -23.50 -48.96 20.81
N GLN B 114 -24.34 -49.20 21.80
CA GLN B 114 -25.11 -50.43 21.95
C GLN B 114 -26.57 -50.10 22.13
N PRO B 115 -27.47 -51.05 21.83
CA PRO B 115 -28.91 -50.75 21.95
C PRO B 115 -29.36 -50.37 23.35
N ASP B 116 -28.45 -50.43 24.32
CA ASP B 116 -28.74 -50.03 25.70
C ASP B 116 -27.66 -49.09 26.22
N SER B 117 -27.21 -48.17 25.37
CA SER B 117 -26.16 -47.23 25.72
C SER B 117 -26.74 -45.83 25.85
N VAL B 118 -25.91 -44.88 26.30
CA VAL B 118 -26.29 -43.49 26.45
C VAL B 118 -25.21 -42.61 25.83
N LEU B 119 -25.54 -41.34 25.64
CA LEU B 119 -24.63 -40.42 24.96
C LEU B 119 -23.34 -40.22 25.75
N GLU B 120 -23.43 -40.16 27.07
CA GLU B 120 -22.24 -39.92 27.89
C GLU B 120 -21.24 -41.06 27.76
N ASP B 121 -21.71 -42.30 27.60
CA ASP B 121 -20.82 -43.44 27.49
C ASP B 121 -20.31 -43.68 26.08
N CYS B 122 -20.78 -42.91 25.09
CA CYS B 122 -20.39 -43.09 23.71
C CYS B 122 -19.67 -41.90 23.11
N LEU B 123 -19.94 -40.69 23.57
CA LEU B 123 -19.25 -39.51 23.05
C LEU B 123 -17.77 -39.56 23.40
N VAL B 124 -16.93 -39.27 22.42
CA VAL B 124 -15.47 -39.32 22.58
C VAL B 124 -14.97 -37.89 22.66
N PRO B 125 -14.37 -37.48 23.78
CA PRO B 125 -13.79 -36.14 23.88
C PRO B 125 -12.60 -36.00 22.93
N PRO B 126 -12.25 -34.77 22.55
CA PRO B 126 -11.15 -34.59 21.58
C PRO B 126 -9.82 -35.16 22.04
N ASP B 127 -9.61 -35.29 23.35
CA ASP B 127 -8.36 -35.84 23.86
C ASP B 127 -8.35 -37.37 23.89
N SER B 128 -9.42 -38.02 23.46
CA SER B 128 -9.52 -39.48 23.46
C SER B 128 -9.82 -39.99 22.05
N GLU B 129 -9.47 -39.20 21.04
CA GLU B 129 -9.73 -39.57 19.66
C GLU B 129 -8.71 -40.57 19.16
N ILE B 130 -9.18 -41.58 18.44
CA ILE B 130 -8.30 -42.52 17.74
C ILE B 130 -8.23 -42.04 16.31
N VAL B 131 -7.27 -41.15 16.03
CA VAL B 131 -7.12 -40.58 14.69
C VAL B 131 -6.52 -41.64 13.78
N PHE B 132 -7.19 -41.91 12.66
CA PHE B 132 -6.75 -42.94 11.74
C PHE B 132 -6.38 -42.32 10.40
N PRO B 133 -5.11 -42.38 9.98
CA PRO B 133 -4.76 -41.94 8.62
C PRO B 133 -5.49 -42.73 7.55
N LEU B 134 -5.36 -42.28 6.29
CA LEU B 134 -6.18 -42.79 5.19
C LEU B 134 -5.84 -44.22 4.77
N ASP B 135 -4.72 -44.78 5.21
CA ASP B 135 -4.28 -46.05 4.63
C ASP B 135 -3.75 -46.99 5.70
N ILE B 136 -4.33 -46.97 6.89
CA ILE B 136 -3.82 -47.81 7.97
C ILE B 136 -5.00 -48.55 8.60
N GLY B 137 -6.10 -48.65 7.87
CA GLY B 137 -7.24 -49.39 8.38
C GLY B 137 -8.31 -49.53 7.31
N VAL B 138 -9.28 -50.40 7.62
CA VAL B 138 -10.46 -50.53 6.78
C VAL B 138 -11.22 -49.21 6.75
N VAL B 139 -11.25 -48.50 7.87
CA VAL B 139 -11.86 -47.17 7.91
C VAL B 139 -11.12 -46.23 6.96
N GLY B 140 -9.79 -46.38 6.86
CA GLY B 140 -9.04 -45.61 5.89
C GLY B 140 -9.34 -46.04 4.46
N HIS B 141 -9.45 -47.35 4.22
CA HIS B 141 -9.69 -47.85 2.87
C HIS B 141 -11.06 -47.40 2.36
N VAL B 142 -12.06 -47.38 3.25
CA VAL B 142 -13.39 -46.93 2.86
C VAL B 142 -13.37 -45.47 2.43
N ALA B 143 -12.70 -44.63 3.22
CA ALA B 143 -12.65 -43.20 2.90
C ALA B 143 -11.84 -42.94 1.64
N GLN B 144 -10.72 -43.65 1.47
CA GLN B 144 -9.89 -43.44 0.28
C GLN B 144 -10.62 -43.86 -0.99
N THR B 145 -11.32 -44.99 -0.96
CA THR B 145 -12.05 -45.46 -2.13
C THR B 145 -13.34 -44.69 -2.34
N LYS B 146 -13.81 -43.95 -1.33
CA LYS B 146 -15.09 -43.24 -1.40
C LYS B 146 -16.24 -44.18 -1.74
N LYS B 147 -16.13 -45.44 -1.30
CA LYS B 147 -17.08 -46.47 -1.67
C LYS B 147 -17.24 -47.42 -0.50
N MET B 148 -18.46 -47.92 -0.33
CA MET B 148 -18.77 -48.80 0.79
C MET B 148 -17.99 -50.11 0.68
N VAL B 149 -17.63 -50.66 1.84
CA VAL B 149 -16.86 -51.90 1.92
C VAL B 149 -17.56 -52.85 2.89
N ASN B 150 -17.80 -54.08 2.44
CA ASN B 150 -18.46 -55.12 3.23
C ASN B 150 -17.45 -56.26 3.40
N VAL B 151 -16.88 -56.38 4.59
CA VAL B 151 -15.88 -57.39 4.87
C VAL B 151 -16.54 -58.51 5.67
N GLN B 152 -16.59 -59.71 5.09
CA GLN B 152 -17.20 -60.84 5.79
C GLN B 152 -16.34 -61.31 6.94
N ASP B 153 -15.05 -61.52 6.71
CA ASP B 153 -14.08 -61.86 7.76
C ASP B 153 -12.89 -60.93 7.62
N VAL B 154 -12.50 -60.28 8.72
CA VAL B 154 -11.52 -59.21 8.67
C VAL B 154 -10.09 -59.73 8.77
N MET B 155 -9.92 -60.99 9.17
CA MET B 155 -8.57 -61.54 9.33
C MET B 155 -7.81 -61.48 8.01
N GLU B 156 -8.48 -61.80 6.90
CA GLU B 156 -7.86 -61.81 5.59
C GLU B 156 -7.91 -60.46 4.89
N CYS B 157 -8.43 -59.43 5.53
CA CYS B 157 -8.49 -58.11 4.92
C CYS B 157 -7.09 -57.50 4.85
N PRO B 158 -6.58 -57.15 3.68
CA PRO B 158 -5.22 -56.61 3.59
C PRO B 158 -5.02 -55.29 4.32
N HIS B 159 -6.03 -54.43 4.38
CA HIS B 159 -5.87 -53.10 4.95
C HIS B 159 -6.16 -53.03 6.44
N PHE B 160 -6.58 -54.14 7.05
CA PHE B 160 -6.96 -54.13 8.46
C PHE B 160 -5.76 -53.90 9.37
N SER B 161 -5.97 -53.12 10.42
CA SER B 161 -4.99 -52.96 11.50
C SER B 161 -5.68 -53.21 12.83
N SER B 162 -5.07 -54.04 13.67
CA SER B 162 -5.63 -54.39 14.97
C SER B 162 -5.28 -53.37 16.05
N PHE B 163 -4.84 -52.16 15.67
CA PHE B 163 -4.41 -51.19 16.66
C PHE B 163 -5.57 -50.75 17.55
N ALA B 164 -6.73 -50.50 16.94
CA ALA B 164 -7.85 -49.95 17.70
C ALA B 164 -8.46 -51.01 18.62
N ASP B 165 -8.67 -52.22 18.10
CA ASP B 165 -9.36 -53.24 18.89
C ASP B 165 -8.46 -53.79 19.99
N GLU B 166 -7.14 -53.77 19.80
CA GLU B 166 -6.24 -54.17 20.88
C GLU B 166 -6.13 -53.07 21.94
N LEU B 167 -6.27 -51.81 21.54
CA LEU B 167 -6.22 -50.72 22.50
C LEU B 167 -7.41 -50.74 23.44
N THR B 168 -8.58 -51.08 22.92
CA THR B 168 -9.81 -51.12 23.71
C THR B 168 -10.14 -52.53 24.22
N ASP B 169 -9.26 -53.49 23.99
CA ASP B 169 -9.46 -54.88 24.43
C ASP B 169 -10.75 -55.45 23.84
N TYR B 170 -10.76 -55.56 22.52
CA TYR B 170 -11.93 -56.05 21.79
C TYR B 170 -11.46 -56.83 20.57
N VAL B 171 -12.38 -57.65 20.04
CA VAL B 171 -12.12 -58.47 18.85
C VAL B 171 -13.21 -58.17 17.84
N THR B 172 -12.81 -57.93 16.59
CA THR B 172 -13.74 -57.67 15.49
C THR B 172 -13.65 -58.80 14.48
N ARG B 173 -14.81 -59.20 13.95
CA ARG B 173 -14.89 -60.29 12.98
C ARG B 173 -15.41 -59.85 11.62
N ASN B 174 -16.49 -59.07 11.58
CA ASN B 174 -17.04 -58.54 10.34
C ASN B 174 -17.27 -57.05 10.49
N ILE B 175 -16.96 -56.30 9.44
CA ILE B 175 -17.02 -54.83 9.47
C ILE B 175 -17.84 -54.34 8.30
N LEU B 176 -18.82 -53.48 8.58
CA LEU B 176 -19.53 -52.70 7.59
C LEU B 176 -19.14 -51.24 7.72
N ALA B 177 -18.90 -50.58 6.59
CA ALA B 177 -18.52 -49.17 6.62
C ALA B 177 -18.82 -48.53 5.27
N THR B 178 -19.24 -47.27 5.31
CA THR B 178 -19.52 -46.49 4.11
C THR B 178 -19.25 -45.04 4.45
N PRO B 179 -18.67 -44.27 3.53
CA PRO B 179 -18.49 -42.84 3.79
C PRO B 179 -19.80 -42.10 3.67
N ILE B 180 -19.87 -40.93 4.30
CA ILE B 180 -21.02 -40.04 4.17
C ILE B 180 -20.56 -38.88 3.29
N MET B 181 -20.80 -39.02 1.98
CA MET B 181 -20.38 -37.99 1.05
C MET B 181 -21.32 -36.79 1.11
N ASN B 182 -20.77 -35.62 0.79
CA ASN B 182 -21.55 -34.38 0.63
C ASN B 182 -20.91 -33.61 -0.52
N GLY B 183 -21.44 -33.81 -1.73
CA GLY B 183 -20.92 -33.13 -2.91
C GLY B 183 -19.47 -33.46 -3.21
N LYS B 184 -19.15 -34.74 -3.32
CA LYS B 184 -17.84 -35.30 -3.63
C LYS B 184 -16.89 -35.19 -2.43
N ASP B 185 -17.33 -34.60 -1.32
CA ASP B 185 -16.51 -34.45 -0.13
C ASP B 185 -16.99 -35.41 0.95
N VAL B 186 -16.04 -36.06 1.62
CA VAL B 186 -16.36 -37.03 2.66
C VAL B 186 -16.52 -36.30 3.98
N VAL B 187 -17.64 -36.55 4.66
CA VAL B 187 -17.91 -35.94 5.96
C VAL B 187 -17.55 -36.89 7.10
N ALA B 188 -18.03 -38.13 7.03
CA ALA B 188 -17.76 -39.12 8.05
C ALA B 188 -18.00 -40.51 7.45
N VAL B 189 -17.65 -41.53 8.22
CA VAL B 189 -17.83 -42.92 7.82
C VAL B 189 -18.42 -43.69 9.00
N ILE B 190 -19.69 -44.06 8.88
CA ILE B 190 -20.34 -44.86 9.93
C ILE B 190 -20.01 -46.33 9.73
N MET B 191 -19.68 -47.01 10.83
CA MET B 191 -19.24 -48.39 10.74
C MET B 191 -19.90 -49.23 11.81
N ALA B 192 -20.33 -50.44 11.41
CA ALA B 192 -20.90 -51.43 12.30
C ALA B 192 -20.07 -52.70 12.24
N VAL B 193 -19.79 -53.28 13.41
CA VAL B 193 -18.89 -54.42 13.51
C VAL B 193 -19.54 -55.52 14.35
N ASN B 194 -18.96 -56.73 14.23
CA ASN B 194 -19.26 -57.86 15.10
C ASN B 194 -20.75 -58.25 15.02
N LYS B 195 -21.13 -58.74 13.84
CA LYS B 195 -22.45 -59.33 13.65
C LYS B 195 -22.71 -60.39 14.70
N LEU B 196 -23.72 -60.14 15.55
CA LEU B 196 -23.98 -61.00 16.69
C LEU B 196 -24.68 -62.31 16.31
N ASP B 197 -25.47 -62.31 15.24
CA ASP B 197 -26.29 -63.47 14.89
C ASP B 197 -25.63 -64.34 13.83
N GLY B 198 -25.32 -63.77 12.67
CA GLY B 198 -24.76 -64.54 11.58
C GLY B 198 -23.24 -64.50 11.56
N PRO B 199 -22.63 -65.36 10.74
CA PRO B 199 -21.17 -65.31 10.59
C PRO B 199 -20.67 -63.99 10.04
N CYS B 200 -21.43 -63.34 9.19
CA CYS B 200 -21.04 -62.06 8.61
C CYS B 200 -22.31 -61.26 8.33
N PHE B 201 -22.17 -60.19 7.54
CA PHE B 201 -23.29 -59.32 7.18
C PHE B 201 -23.75 -59.67 5.78
N THR B 202 -25.05 -59.98 5.65
CA THR B 202 -25.60 -60.46 4.40
C THR B 202 -25.86 -59.29 3.45
N SER B 203 -26.35 -59.63 2.24
CA SER B 203 -26.66 -58.60 1.25
C SER B 203 -27.83 -57.74 1.70
N GLU B 204 -28.87 -58.35 2.25
CA GLU B 204 -30.02 -57.58 2.71
C GLU B 204 -29.65 -56.69 3.89
N ASP B 205 -28.75 -57.17 4.76
CA ASP B 205 -28.28 -56.33 5.86
C ASP B 205 -27.57 -55.10 5.34
N GLU B 206 -26.77 -55.24 4.29
CA GLU B 206 -26.05 -54.09 3.76
C GLU B 206 -26.98 -53.14 3.03
N ASP B 207 -27.99 -53.67 2.34
CA ASP B 207 -28.96 -52.83 1.64
C ASP B 207 -29.68 -51.92 2.62
N VAL B 208 -30.01 -52.43 3.80
CA VAL B 208 -30.59 -51.59 4.85
C VAL B 208 -29.60 -50.51 5.26
N PHE B 209 -28.32 -50.86 5.34
CA PHE B 209 -27.31 -49.94 5.86
C PHE B 209 -27.22 -48.69 4.98
N LEU B 210 -27.28 -48.87 3.66
CA LEU B 210 -27.26 -47.71 2.75
C LEU B 210 -28.53 -46.90 2.89
N LYS B 211 -29.69 -47.55 2.83
CA LYS B 211 -30.95 -46.82 2.75
C LYS B 211 -31.33 -46.19 4.10
N TYR B 212 -31.11 -46.92 5.20
CA TYR B 212 -31.42 -46.36 6.51
C TYR B 212 -30.48 -45.21 6.88
N LEU B 213 -29.31 -45.13 6.25
CA LEU B 213 -28.33 -44.11 6.60
C LEU B 213 -28.55 -42.79 5.86
N ASN B 214 -29.58 -42.70 5.02
CA ASN B 214 -29.88 -41.44 4.35
C ASN B 214 -30.21 -40.35 5.36
N PHE B 215 -30.96 -40.70 6.41
CA PHE B 215 -31.28 -39.72 7.45
C PHE B 215 -30.02 -39.29 8.20
N GLY B 216 -29.15 -40.24 8.53
CA GLY B 216 -27.86 -39.89 9.10
C GLY B 216 -27.00 -39.09 8.13
N THR B 217 -27.12 -39.39 6.83
CA THR B 217 -26.44 -38.59 5.82
C THR B 217 -26.95 -37.15 5.84
N LEU B 218 -28.27 -36.97 6.00
CA LEU B 218 -28.83 -35.63 6.04
C LEU B 218 -28.30 -34.83 7.22
N ASN B 219 -28.22 -35.47 8.40
CA ASN B 219 -27.73 -34.77 9.59
C ASN B 219 -26.28 -34.34 9.41
N LEU B 220 -25.43 -35.24 8.93
CA LEU B 220 -24.04 -34.90 8.70
C LEU B 220 -23.90 -33.89 7.56
N LYS B 221 -24.77 -33.96 6.55
CA LYS B 221 -24.78 -32.95 5.51
C LYS B 221 -25.13 -31.58 6.08
N ILE B 222 -26.12 -31.54 6.98
CA ILE B 222 -26.51 -30.28 7.61
C ILE B 222 -25.38 -29.79 8.52
N TYR B 223 -24.83 -30.69 9.33
CA TYR B 223 -23.77 -30.30 10.25
C TYR B 223 -22.52 -29.84 9.50
N HIS B 224 -22.17 -30.54 8.42
CA HIS B 224 -21.01 -30.14 7.63
C HIS B 224 -21.24 -28.79 6.97
N LEU B 225 -22.44 -28.57 6.42
CA LEU B 225 -22.73 -27.30 5.77
C LEU B 225 -22.70 -26.14 6.76
N SER B 226 -23.23 -26.36 7.96
CA SER B 226 -23.20 -25.31 8.98
C SER B 226 -21.76 -24.99 9.38
N TYR B 227 -20.92 -26.02 9.52
CA TYR B 227 -19.52 -25.77 9.84
C TYR B 227 -18.82 -25.03 8.72
N LEU B 228 -19.06 -25.44 7.48
CA LEU B 228 -18.43 -24.76 6.34
C LEU B 228 -18.94 -23.33 6.20
N HIS B 229 -20.23 -23.12 6.40
CA HIS B 229 -20.80 -21.77 6.29
C HIS B 229 -20.20 -20.85 7.36
N ASN B 230 -20.07 -21.35 8.59
CA ASN B 230 -19.50 -20.54 9.65
C ASN B 230 -18.03 -20.25 9.40
N CYS B 231 -17.28 -21.25 8.91
CA CYS B 231 -15.86 -21.06 8.67
C CYS B 231 -15.62 -20.05 7.55
N GLU B 232 -16.40 -20.12 6.46
CA GLU B 232 -16.25 -19.17 5.38
C GLU B 232 -16.66 -17.77 5.80
N THR B 233 -17.65 -17.67 6.69
CA THR B 233 -18.04 -16.37 7.21
C THR B 233 -16.91 -15.73 8.00
N ARG B 234 -16.22 -16.53 8.82
CA ARG B 234 -15.10 -16.00 9.59
C ARG B 234 -13.95 -15.59 8.69
N ARG B 235 -13.70 -16.36 7.63
CA ARG B 235 -12.63 -16.00 6.70
C ARG B 235 -12.93 -14.69 5.98
N GLY B 236 -14.19 -14.47 5.61
CA GLY B 236 -14.55 -13.21 4.98
C GLY B 236 -14.35 -12.01 5.89
N GLN B 237 -14.59 -12.19 7.19
CA GLN B 237 -14.44 -11.08 8.13
C GLN B 237 -12.98 -10.71 8.32
N VAL B 238 -12.10 -11.71 8.46
CA VAL B 238 -10.69 -11.41 8.73
C VAL B 238 -10.04 -10.75 7.53
N LEU B 239 -10.43 -11.15 6.31
CA LEU B 239 -9.89 -10.50 5.12
C LEU B 239 -10.44 -9.08 4.99
N LEU B 240 -11.69 -8.86 5.39
CA LEU B 240 -12.26 -7.52 5.34
C LEU B 240 -11.64 -6.62 6.40
N TRP B 241 -11.49 -7.14 7.62
CA TRP B 241 -10.92 -6.34 8.71
C TRP B 241 -9.45 -6.06 8.48
N SER B 242 -8.70 -7.05 7.99
CA SER B 242 -7.28 -6.84 7.72
C SER B 242 -7.07 -5.78 6.65
N ALA B 243 -7.88 -5.81 5.59
CA ALA B 243 -7.77 -4.81 4.54
C ALA B 243 -8.08 -3.43 5.06
N ASN B 244 -9.06 -3.32 5.96
CA ASN B 244 -9.40 -2.03 6.55
C ASN B 244 -8.23 -1.46 7.35
N LYS B 245 -7.57 -2.31 8.15
CA LYS B 245 -6.47 -1.84 8.97
C LYS B 245 -5.19 -1.63 8.16
N VAL B 246 -4.96 -2.47 7.15
CA VAL B 246 -3.76 -2.33 6.33
C VAL B 246 -3.81 -1.02 5.54
N PHE B 247 -4.97 -0.68 4.99
CA PHE B 247 -5.13 0.51 4.18
C PHE B 247 -5.42 1.75 4.99
N GLU B 248 -5.35 1.67 6.32
CA GLU B 248 -5.61 2.85 7.15
C GLU B 248 -4.59 3.94 6.89
N GLU B 249 -3.31 3.57 6.79
CA GLU B 249 -2.23 4.53 6.56
C GLU B 249 -1.00 3.75 6.12
N LEU B 250 0.12 4.46 5.98
CA LEU B 250 1.40 3.85 5.64
C LEU B 250 2.23 3.72 6.91
N THR B 251 2.54 2.49 7.30
CA THR B 251 3.28 2.24 8.52
C THR B 251 4.31 1.14 8.25
N ASP B 252 5.18 0.93 9.24
CA ASP B 252 6.19 -0.11 9.13
C ASP B 252 5.57 -1.49 9.32
N ILE B 253 6.41 -2.52 9.24
CA ILE B 253 5.93 -3.90 9.37
C ILE B 253 5.35 -4.13 10.75
N GLU B 254 6.02 -3.65 11.79
CA GLU B 254 5.60 -3.94 13.16
C GLU B 254 4.21 -3.37 13.43
N ARG B 255 3.99 -2.09 13.13
CA ARG B 255 2.71 -1.47 13.41
C ARG B 255 1.60 -2.08 12.55
N GLN B 256 1.88 -2.33 11.27
CA GLN B 256 0.85 -2.86 10.38
C GLN B 256 0.45 -4.28 10.79
N PHE B 257 1.44 -5.12 11.09
CA PHE B 257 1.15 -6.49 11.51
C PHE B 257 0.45 -6.52 12.87
N HIS B 258 0.86 -5.62 13.77
CA HIS B 258 0.24 -5.58 15.10
C HIS B 258 -1.23 -5.20 15.01
N LYS B 259 -1.55 -4.20 14.17
CA LYS B 259 -2.94 -3.75 14.07
C LYS B 259 -3.83 -4.84 13.47
N ALA B 260 -3.34 -5.51 12.42
CA ALA B 260 -4.17 -6.49 11.73
C ALA B 260 -4.46 -7.70 12.60
N PHE B 261 -3.43 -8.26 13.26
CA PHE B 261 -3.62 -9.45 14.07
C PHE B 261 -4.46 -9.14 15.31
N TYR B 262 -4.24 -7.98 15.92
CA TYR B 262 -5.03 -7.59 17.08
C TYR B 262 -6.50 -7.42 16.72
N THR B 263 -6.77 -6.84 15.54
CA THR B 263 -8.15 -6.58 15.13
C THR B 263 -8.94 -7.86 14.96
N VAL B 264 -8.33 -8.89 14.37
CA VAL B 264 -9.04 -10.10 13.98
C VAL B 264 -8.95 -11.15 15.08
N ARG B 265 -8.61 -10.72 16.29
CA ARG B 265 -8.47 -11.67 17.39
C ARG B 265 -9.78 -12.36 17.73
N ALA B 266 -10.92 -11.76 17.37
CA ALA B 266 -12.21 -12.34 17.71
C ALA B 266 -12.50 -13.58 16.87
N TYR B 267 -12.19 -13.53 15.57
CA TYR B 267 -12.56 -14.61 14.66
C TYR B 267 -11.55 -15.75 14.64
N LEU B 268 -10.37 -15.57 15.26
CA LEU B 268 -9.33 -16.58 15.16
C LEU B 268 -9.66 -17.82 15.99
N ASN B 269 -10.30 -17.64 17.14
CA ASN B 269 -10.65 -18.74 18.04
C ASN B 269 -9.41 -19.54 18.47
N CYS B 270 -8.41 -18.80 18.94
CA CYS B 270 -7.17 -19.40 19.45
C CYS B 270 -6.89 -18.84 20.83
N ASP B 271 -6.48 -19.71 21.76
CA ASP B 271 -6.16 -19.27 23.11
C ASP B 271 -4.96 -18.33 23.12
N ARG B 272 -3.93 -18.65 22.33
CA ARG B 272 -2.73 -17.85 22.28
C ARG B 272 -2.16 -17.91 20.86
N TYR B 273 -1.46 -16.86 20.48
CA TYR B 273 -0.67 -16.89 19.25
C TYR B 273 0.36 -15.77 19.29
N SER B 274 1.53 -16.05 18.74
CA SER B 274 2.63 -15.10 18.69
C SER B 274 3.13 -14.96 17.27
N VAL B 275 3.54 -13.74 16.93
CA VAL B 275 4.07 -13.42 15.61
C VAL B 275 5.49 -12.90 15.79
N GLY B 276 6.46 -13.58 15.18
CA GLY B 276 7.86 -13.20 15.24
C GLY B 276 8.32 -12.67 13.89
N LEU B 277 8.99 -11.53 13.92
CA LEU B 277 9.42 -10.84 12.71
C LEU B 277 10.89 -11.15 12.45
N LEU B 278 11.19 -11.50 11.19
CA LEU B 278 12.56 -11.80 10.78
C LEU B 278 13.26 -10.56 10.26
N ASP B 279 14.58 -10.62 10.22
CA ASP B 279 15.39 -9.53 9.68
C ASP B 279 15.33 -9.55 8.15
N MET B 280 15.84 -8.47 7.55
CA MET B 280 15.92 -8.35 6.11
C MET B 280 17.30 -7.93 5.63
N THR B 281 18.29 -7.92 6.52
CA THR B 281 19.65 -7.50 6.17
C THR B 281 20.29 -8.60 5.33
N LYS B 282 20.34 -8.39 4.01
CA LYS B 282 20.87 -9.40 3.11
C LYS B 282 22.38 -9.56 3.26
N GLU B 283 23.11 -8.47 3.25
CA GLU B 283 24.57 -8.49 3.44
C GLU B 283 24.96 -7.64 4.63
N LYS B 284 26.01 -8.07 5.32
CA LYS B 284 26.61 -7.30 6.40
C LYS B 284 27.63 -6.31 5.84
N GLU B 285 27.86 -5.25 6.60
CA GLU B 285 28.77 -4.20 6.17
C GLU B 285 30.22 -4.65 6.41
N PHE B 286 31.16 -3.92 5.81
CA PHE B 286 32.55 -4.37 5.77
C PHE B 286 33.15 -4.49 7.17
N PHE B 287 32.87 -3.53 8.06
CA PHE B 287 33.49 -3.59 9.39
C PHE B 287 32.93 -4.71 10.24
N ASP B 288 31.83 -5.34 9.83
CA ASP B 288 31.34 -6.55 10.47
C ASP B 288 31.89 -7.82 9.82
N VAL B 289 32.38 -7.71 8.58
CA VAL B 289 32.99 -8.86 7.91
C VAL B 289 34.43 -9.06 8.36
N TRP B 290 35.13 -7.98 8.71
CA TRP B 290 36.54 -8.07 9.09
C TRP B 290 36.80 -9.05 10.24
N PRO B 291 36.07 -9.01 11.36
CA PRO B 291 36.36 -9.98 12.43
C PRO B 291 36.20 -11.43 11.99
N VAL B 292 35.23 -11.71 11.12
CA VAL B 292 35.02 -13.07 10.64
C VAL B 292 36.18 -13.52 9.76
N LEU B 293 36.58 -12.67 8.81
CA LEU B 293 37.61 -13.06 7.85
C LEU B 293 38.99 -13.10 8.51
N MET B 294 39.31 -12.10 9.33
CA MET B 294 40.60 -12.07 10.02
C MET B 294 40.72 -13.20 11.03
N GLY B 295 39.65 -13.54 11.74
CA GLY B 295 39.67 -14.59 12.74
C GLY B 295 39.31 -14.15 14.14
N GLU B 296 38.98 -12.88 14.35
CA GLU B 296 38.58 -12.43 15.68
C GLU B 296 37.25 -13.03 16.11
N ALA B 297 36.36 -13.33 15.18
CA ALA B 297 35.05 -13.89 15.50
C ALA B 297 34.77 -15.07 14.57
N GLN B 298 33.93 -15.98 15.06
CA GLN B 298 33.58 -17.18 14.30
C GLN B 298 32.39 -16.90 13.40
N ALA B 299 32.40 -17.52 12.22
CA ALA B 299 31.31 -17.34 11.27
C ALA B 299 30.02 -17.96 11.81
N TYR B 300 28.90 -17.37 11.41
CA TYR B 300 27.60 -17.87 11.84
C TYR B 300 27.29 -19.18 11.13
N SER B 301 27.03 -20.23 11.89
CA SER B 301 26.75 -21.55 11.35
C SER B 301 25.37 -22.08 11.74
N GLY B 302 24.47 -21.20 12.17
CA GLY B 302 23.16 -21.62 12.61
C GLY B 302 22.18 -21.77 11.46
N PRO B 303 20.89 -21.84 11.79
CA PRO B 303 19.88 -22.00 10.73
C PRO B 303 19.82 -20.78 9.82
N ARG B 304 19.41 -21.03 8.57
CA ARG B 304 19.31 -19.99 7.56
C ARG B 304 17.99 -20.13 6.81
N THR B 305 17.52 -19.01 6.27
CA THR B 305 16.32 -18.99 5.44
C THR B 305 16.60 -19.63 4.09
N PRO B 306 15.55 -20.04 3.38
CA PRO B 306 15.75 -20.52 2.00
C PRO B 306 16.32 -19.47 1.08
N ASP B 307 16.18 -18.19 1.44
CA ASP B 307 16.73 -17.08 0.67
C ASP B 307 18.21 -16.82 1.00
N GLY B 308 18.78 -17.63 1.89
CA GLY B 308 20.16 -17.43 2.30
C GLY B 308 20.35 -16.27 3.26
N ARG B 309 19.48 -16.16 4.26
CA ARG B 309 19.53 -15.08 5.23
C ARG B 309 19.71 -15.66 6.63
N GLU B 310 20.42 -14.91 7.48
CA GLU B 310 20.56 -15.30 8.87
C GLU B 310 19.19 -15.32 9.55
N ILE B 311 19.00 -16.28 10.44
CA ILE B 311 17.73 -16.45 11.14
C ILE B 311 17.83 -15.70 12.46
N LEU B 312 17.02 -14.66 12.62
CA LEU B 312 17.03 -13.84 13.83
C LEU B 312 15.69 -13.13 13.97
N PHE B 313 14.89 -13.55 14.95
CA PHE B 313 13.64 -12.87 15.27
C PHE B 313 13.97 -11.66 16.13
N TYR B 314 14.01 -10.47 15.50
CA TYR B 314 14.38 -9.26 16.24
C TYR B 314 13.24 -8.75 17.10
N LYS B 315 12.00 -9.18 16.85
CA LYS B 315 10.86 -8.73 17.64
C LYS B 315 9.75 -9.77 17.53
N VAL B 316 9.20 -10.16 18.67
CA VAL B 316 8.10 -11.12 18.73
C VAL B 316 6.93 -10.45 19.43
N ILE B 317 5.78 -10.44 18.78
CA ILE B 317 4.55 -9.91 19.37
C ILE B 317 3.75 -11.07 19.94
N ASP B 318 3.34 -10.94 21.19
CA ASP B 318 2.65 -12.01 21.92
C ASP B 318 1.21 -11.59 22.15
N TYR B 319 0.27 -12.42 21.70
CA TYR B 319 -1.15 -12.23 21.94
C TYR B 319 -1.64 -13.34 22.88
N ILE B 320 -2.12 -12.95 24.05
CA ILE B 320 -2.68 -13.87 25.02
C ILE B 320 -4.17 -13.57 25.12
N LEU B 321 -5.00 -14.53 24.72
CA LEU B 321 -6.45 -14.33 24.73
C LEU B 321 -7.17 -15.14 25.80
N HIS B 322 -6.53 -16.17 26.37
CA HIS B 322 -7.15 -16.95 27.43
C HIS B 322 -6.94 -16.26 28.76
N GLY B 323 -8.02 -16.03 29.49
CA GLY B 323 -7.94 -15.35 30.76
C GLY B 323 -7.98 -13.85 30.64
N LYS B 324 -6.81 -13.21 30.69
CA LYS B 324 -6.69 -11.77 30.60
C LYS B 324 -5.94 -11.39 29.33
N GLU B 325 -6.38 -10.32 28.67
CA GLU B 325 -5.75 -9.82 27.45
C GLU B 325 -4.60 -8.89 27.85
N ASP B 326 -3.38 -9.38 27.71
CA ASP B 326 -2.17 -8.65 28.10
C ASP B 326 -1.13 -8.74 26.98
N ILE B 327 -1.54 -8.39 25.77
CA ILE B 327 -0.67 -8.42 24.61
C ILE B 327 0.67 -7.76 24.91
N LYS B 328 1.75 -8.43 24.55
CA LYS B 328 3.11 -7.96 24.82
C LYS B 328 3.90 -7.89 23.53
N VAL B 329 4.86 -6.97 23.50
CA VAL B 329 5.82 -6.85 22.40
C VAL B 329 7.22 -6.96 23.01
N ILE B 330 7.99 -7.94 22.55
CA ILE B 330 9.30 -8.22 23.12
C ILE B 330 10.39 -7.93 22.09
N PRO B 331 11.04 -6.77 22.14
CA PRO B 331 12.16 -6.51 21.23
C PRO B 331 13.36 -7.38 21.57
N SER B 332 13.99 -7.93 20.54
CA SER B 332 15.10 -8.85 20.68
C SER B 332 14.77 -9.98 21.67
N PRO B 333 13.78 -10.81 21.37
CA PRO B 333 13.37 -11.86 22.31
C PRO B 333 14.47 -12.88 22.49
N PRO B 334 14.63 -13.43 23.70
CA PRO B 334 15.61 -14.48 23.90
C PRO B 334 15.13 -15.81 23.35
N ALA B 335 16.09 -16.72 23.18
CA ALA B 335 15.76 -18.08 22.75
C ALA B 335 14.97 -18.84 23.80
N ASP B 336 14.92 -18.35 25.03
CA ASP B 336 14.15 -18.98 26.11
C ASP B 336 12.68 -18.56 26.11
N HIS B 337 12.28 -17.68 25.19
CA HIS B 337 10.88 -17.27 25.11
C HIS B 337 9.98 -18.47 24.87
N TRP B 338 8.81 -18.48 25.51
CA TRP B 338 7.93 -19.64 25.46
C TRP B 338 7.51 -19.98 24.04
N ALA B 339 7.37 -18.97 23.17
CA ALA B 339 6.97 -19.23 21.79
C ALA B 339 8.13 -19.80 20.98
N LEU B 340 9.34 -19.25 21.16
CA LEU B 340 10.49 -19.69 20.38
C LEU B 340 11.21 -20.86 21.02
N ALA B 341 10.89 -21.22 22.26
CA ALA B 341 11.57 -22.34 22.91
C ALA B 341 11.28 -23.65 22.19
N SER B 342 10.05 -23.83 21.71
CA SER B 342 9.68 -25.08 21.04
C SER B 342 10.50 -25.31 19.78
N GLY B 343 10.98 -24.23 19.15
CA GLY B 343 11.75 -24.35 17.93
C GLY B 343 10.91 -24.45 16.68
N LEU B 344 9.59 -24.58 16.80
CA LEU B 344 8.73 -24.61 15.61
C LEU B 344 8.79 -23.30 14.82
N PRO B 345 8.71 -22.11 15.43
CA PRO B 345 8.87 -20.88 14.63
C PRO B 345 10.21 -20.82 13.91
N THR B 346 11.26 -21.37 14.52
CA THR B 346 12.55 -21.44 13.84
C THR B 346 12.48 -22.36 12.62
N TYR B 347 11.94 -23.58 12.82
CA TYR B 347 11.92 -24.56 11.74
C TYR B 347 11.08 -24.06 10.57
N VAL B 348 9.93 -23.42 10.85
CA VAL B 348 9.08 -22.92 9.78
C VAL B 348 9.84 -21.91 8.93
N ALA B 349 10.66 -21.07 9.57
CA ALA B 349 11.41 -20.07 8.82
C ALA B 349 12.51 -20.70 7.97
N GLU B 350 13.14 -21.78 8.48
CA GLU B 350 14.16 -22.46 7.70
C GLU B 350 13.58 -23.12 6.45
N SER B 351 12.42 -23.75 6.58
CA SER B 351 11.85 -24.55 5.50
C SER B 351 10.76 -23.84 4.73
N GLY B 352 10.07 -22.88 5.33
CA GLY B 352 8.93 -22.26 4.68
C GLY B 352 7.76 -23.20 4.53
N PHE B 353 7.50 -24.04 5.53
CA PHE B 353 6.40 -24.99 5.49
C PHE B 353 5.22 -24.45 6.29
N ILE B 354 4.12 -25.20 6.25
CA ILE B 354 2.96 -24.94 7.09
C ILE B 354 2.82 -26.13 8.02
N CYS B 355 3.03 -25.91 9.31
CA CYS B 355 3.12 -26.99 10.29
C CYS B 355 1.86 -27.04 11.13
N ASN B 356 1.21 -28.21 11.15
CA ASN B 356 0.06 -28.46 12.02
C ASN B 356 0.46 -29.56 13.00
N ILE B 357 0.33 -29.27 14.29
CA ILE B 357 0.75 -30.19 15.34
C ILE B 357 -0.47 -30.55 16.17
N MET B 358 -0.74 -31.84 16.32
CA MET B 358 -1.79 -32.34 17.19
C MET B 358 -1.13 -33.07 18.36
N ASN B 359 -1.64 -32.83 19.57
CA ASN B 359 -1.08 -33.39 20.79
C ASN B 359 0.40 -33.00 20.95
N ALA B 360 0.61 -31.70 21.11
CA ALA B 360 1.96 -31.15 21.22
C ALA B 360 2.84 -31.81 22.28
N PRO B 361 2.37 -32.10 23.49
CA PRO B 361 3.28 -32.75 24.46
C PRO B 361 3.80 -34.10 24.00
N ALA B 362 3.08 -34.78 23.12
CA ALA B 362 3.52 -36.06 22.60
C ALA B 362 4.47 -35.93 21.42
N ASP B 363 4.73 -34.72 20.95
CA ASP B 363 5.64 -34.53 19.84
C ASP B 363 7.09 -34.75 20.29
N GLU B 364 7.94 -35.12 19.33
CA GLU B 364 9.32 -35.46 19.60
C GLU B 364 10.31 -34.50 18.96
N MET B 365 10.06 -34.10 17.71
CA MET B 365 11.02 -33.25 17.00
C MET B 365 11.18 -31.90 17.66
N PHE B 366 10.09 -31.30 18.12
CA PHE B 366 10.10 -29.96 18.69
C PHE B 366 9.98 -30.08 20.21
N ASN B 367 10.88 -29.42 20.93
CA ASN B 367 10.93 -29.51 22.38
C ASN B 367 9.81 -28.61 22.88
N PHE B 368 8.60 -29.17 22.92
CA PHE B 368 7.47 -28.49 23.51
C PHE B 368 7.52 -28.65 25.03
N GLN B 369 7.02 -27.65 25.75
CA GLN B 369 7.16 -27.63 27.19
C GLN B 369 6.45 -28.82 27.82
N GLU B 370 7.07 -29.38 28.86
CA GLU B 370 6.52 -30.58 29.50
C GLU B 370 5.17 -30.31 30.14
N GLY B 371 5.02 -29.17 30.81
CA GLY B 371 3.82 -28.88 31.55
C GLY B 371 3.33 -27.45 31.38
N PRO B 372 2.76 -26.90 32.45
CA PRO B 372 2.19 -25.55 32.39
C PRO B 372 3.24 -24.51 32.00
N LEU B 373 2.80 -23.51 31.24
CA LEU B 373 3.68 -22.39 30.88
C LEU B 373 3.71 -21.34 31.99
N ASP B 374 2.56 -20.79 32.32
CA ASP B 374 2.43 -19.74 33.32
C ASP B 374 1.72 -20.29 34.55
N ASP B 375 1.42 -19.37 35.49
CA ASP B 375 0.75 -19.76 36.73
C ASP B 375 -0.68 -20.25 36.49
N SER B 376 -1.24 -19.98 35.32
CA SER B 376 -2.62 -20.39 35.02
C SER B 376 -2.73 -21.85 34.60
N GLY B 377 -1.61 -22.56 34.47
CA GLY B 377 -1.65 -23.95 34.08
C GLY B 377 -2.13 -24.20 32.67
N TRP B 378 -1.67 -23.39 31.71
CA TRP B 378 -2.06 -23.55 30.31
C TRP B 378 -1.02 -24.42 29.62
N ILE B 379 -1.46 -25.54 29.07
CA ILE B 379 -0.59 -26.52 28.43
C ILE B 379 -0.82 -26.48 26.92
N VAL B 380 0.27 -26.36 26.16
CA VAL B 380 0.16 -26.32 24.71
C VAL B 380 -0.23 -27.71 24.21
N LYS B 381 -1.31 -27.77 23.43
CA LYS B 381 -1.81 -29.04 22.91
C LYS B 381 -1.85 -29.10 21.39
N ASN B 382 -2.33 -28.06 20.73
CA ASN B 382 -2.42 -28.03 19.27
C ASN B 382 -1.74 -26.76 18.77
N VAL B 383 -0.88 -26.90 17.76
CA VAL B 383 -0.10 -25.79 17.24
C VAL B 383 -0.26 -25.73 15.73
N LEU B 384 -0.32 -24.51 15.20
CA LEU B 384 -0.38 -24.27 13.77
C LEU B 384 0.49 -23.08 13.43
N SER B 385 1.51 -23.30 12.61
CA SER B 385 2.47 -22.26 12.25
C SER B 385 2.61 -22.18 10.73
N MET B 386 2.64 -20.95 10.22
CA MET B 386 2.78 -20.67 8.80
C MET B 386 3.73 -19.49 8.60
N PRO B 387 4.38 -19.41 7.44
CA PRO B 387 5.26 -18.26 7.18
C PRO B 387 4.55 -17.13 6.45
N ILE B 388 4.92 -15.91 6.82
CA ILE B 388 4.41 -14.70 6.18
C ILE B 388 5.39 -14.33 5.07
N VAL B 389 4.97 -14.53 3.82
CA VAL B 389 5.84 -14.38 2.66
C VAL B 389 5.29 -13.26 1.80
N ASN B 390 6.18 -12.34 1.39
CA ASN B 390 5.77 -11.22 0.55
C ASN B 390 5.77 -11.64 -0.92
N LYS B 391 5.55 -10.67 -1.80
CA LYS B 391 5.46 -10.95 -3.24
C LYS B 391 6.77 -11.44 -3.84
N LYS B 392 7.90 -11.18 -3.19
CA LYS B 392 9.20 -11.59 -3.71
C LYS B 392 9.64 -12.96 -3.19
N GLU B 393 8.70 -13.75 -2.66
CA GLU B 393 8.97 -15.10 -2.17
C GLU B 393 10.04 -15.11 -1.08
N GLU B 394 9.95 -14.14 -0.17
CA GLU B 394 10.85 -14.07 0.98
C GLU B 394 10.02 -14.09 2.26
N ILE B 395 10.49 -14.85 3.25
CA ILE B 395 9.79 -14.95 4.52
C ILE B 395 10.17 -13.75 5.38
N VAL B 396 9.16 -12.98 5.80
CA VAL B 396 9.39 -11.82 6.65
C VAL B 396 8.99 -12.07 8.09
N GLY B 397 8.32 -13.18 8.38
CA GLY B 397 7.94 -13.49 9.75
C GLY B 397 7.29 -14.86 9.81
N VAL B 398 7.03 -15.28 11.05
CA VAL B 398 6.39 -16.57 11.32
C VAL B 398 5.24 -16.33 12.28
N ALA B 399 4.05 -16.79 11.91
CA ALA B 399 2.87 -16.70 12.75
C ALA B 399 2.53 -18.08 13.28
N THR B 400 2.40 -18.19 14.60
CA THR B 400 2.15 -19.47 15.26
C THR B 400 0.96 -19.35 16.17
N PHE B 401 -0.01 -20.25 16.00
CA PHE B 401 -1.26 -20.23 16.77
C PHE B 401 -1.34 -21.49 17.64
N TYR B 402 -1.80 -21.32 18.87
CA TYR B 402 -1.82 -22.38 19.87
C TYR B 402 -3.25 -22.60 20.38
N ASN B 403 -3.58 -23.87 20.64
CA ASN B 403 -4.71 -24.24 21.50
C ASN B 403 -6.03 -23.63 21.01
N ARG B 404 -6.49 -24.14 19.87
CA ARG B 404 -7.82 -23.80 19.36
C ARG B 404 -8.85 -23.77 20.47
N LYS B 405 -9.68 -22.73 20.48
CA LYS B 405 -10.59 -22.49 21.60
C LYS B 405 -11.60 -23.61 21.78
N ASP B 406 -12.05 -24.22 20.68
CA ASP B 406 -13.05 -25.27 20.78
C ASP B 406 -12.50 -26.53 21.42
N GLY B 407 -11.18 -26.75 21.31
CA GLY B 407 -10.54 -27.93 21.85
C GLY B 407 -10.19 -28.98 20.82
N LYS B 408 -10.80 -28.93 19.65
CA LYS B 408 -10.46 -29.85 18.57
C LYS B 408 -9.16 -29.42 17.90
N PRO B 409 -8.44 -30.37 17.30
CA PRO B 409 -7.20 -30.02 16.61
C PRO B 409 -7.47 -29.16 15.38
N PHE B 410 -6.44 -28.41 14.99
CA PHE B 410 -6.53 -27.51 13.85
C PHE B 410 -6.75 -28.30 12.56
N ASP B 411 -7.94 -28.23 12.00
CA ASP B 411 -8.30 -28.97 10.80
C ASP B 411 -8.03 -28.13 9.56
N GLU B 412 -8.52 -28.62 8.41
CA GLU B 412 -8.27 -27.93 7.14
C GLU B 412 -8.92 -26.55 7.11
N GLN B 413 -10.14 -26.45 7.66
CA GLN B 413 -10.85 -25.17 7.62
C GLN B 413 -10.11 -24.11 8.41
N ASP B 414 -9.55 -24.47 9.56
CA ASP B 414 -8.72 -23.55 10.31
C ASP B 414 -7.42 -23.28 9.58
N GLU B 415 -6.88 -24.29 8.89
CA GLU B 415 -5.62 -24.11 8.16
C GLU B 415 -5.77 -23.07 7.06
N VAL B 416 -6.87 -23.13 6.31
CA VAL B 416 -7.07 -22.20 5.20
C VAL B 416 -7.49 -20.84 5.71
N LEU B 417 -8.09 -20.78 6.90
CA LEU B 417 -8.48 -19.50 7.47
C LEU B 417 -7.26 -18.67 7.85
N MET B 418 -6.32 -19.28 8.57
CA MET B 418 -5.13 -18.55 8.98
C MET B 418 -4.17 -18.35 7.80
N GLU B 419 -4.13 -19.30 6.87
CA GLU B 419 -3.28 -19.15 5.70
C GLU B 419 -3.70 -17.96 4.86
N SER B 420 -5.01 -17.75 4.70
CA SER B 420 -5.50 -16.59 3.96
C SER B 420 -5.09 -15.29 4.66
N LEU B 421 -5.18 -15.26 5.99
CA LEU B 421 -4.78 -14.07 6.73
C LEU B 421 -3.30 -13.77 6.54
N THR B 422 -2.45 -14.79 6.67
CA THR B 422 -1.01 -14.60 6.50
C THR B 422 -0.68 -14.27 5.05
N GLN B 423 -1.36 -14.91 4.10
CA GLN B 423 -1.10 -14.63 2.69
C GLN B 423 -1.44 -13.18 2.35
N PHE B 424 -2.57 -12.68 2.86
CA PHE B 424 -2.95 -11.29 2.61
C PHE B 424 -1.97 -10.33 3.25
N LEU B 425 -1.55 -10.61 4.49
CA LEU B 425 -0.62 -9.73 5.17
C LEU B 425 0.77 -9.79 4.53
N GLY B 426 1.12 -10.93 3.95
CA GLY B 426 2.41 -11.02 3.26
C GLY B 426 2.48 -10.07 2.07
N TRP B 427 1.42 -10.02 1.28
CA TRP B 427 1.38 -9.09 0.15
C TRP B 427 1.36 -7.65 0.62
N SER B 428 0.83 -7.40 1.84
CA SER B 428 0.77 -6.04 2.37
C SER B 428 2.14 -5.49 2.74
N VAL B 429 3.18 -6.33 2.72
CA VAL B 429 4.54 -5.84 2.99
C VAL B 429 4.96 -4.80 1.95
N LEU B 430 4.41 -4.88 0.74
CA LEU B 430 4.69 -3.86 -0.28
C LEU B 430 4.36 -2.47 0.24
N ASN B 431 3.30 -2.34 1.03
CA ASN B 431 2.97 -1.05 1.63
C ASN B 431 4.08 -0.58 2.55
N THR B 432 4.63 -1.49 3.37
CA THR B 432 5.75 -1.12 4.24
C THR B 432 6.98 -0.74 3.44
N ASP B 433 7.29 -1.52 2.39
CA ASP B 433 8.43 -1.20 1.55
C ASP B 433 8.26 0.16 0.88
N THR B 434 7.03 0.44 0.42
CA THR B 434 6.74 1.78 -0.12
C THR B 434 6.89 2.84 0.95
N TYR B 435 6.43 2.56 2.16
CA TYR B 435 6.55 3.52 3.25
C TYR B 435 8.01 3.84 3.55
N ASP B 436 8.87 2.81 3.57
CA ASP B 436 10.29 3.04 3.78
C ASP B 436 10.90 3.84 2.63
N LYS B 437 10.52 3.52 1.40
CA LYS B 437 11.05 4.25 0.25
C LYS B 437 10.62 5.70 0.26
N MET B 438 9.35 5.97 0.63
CA MET B 438 8.87 7.35 0.68
C MET B 438 9.63 8.15 1.73
N ASN B 439 9.89 7.55 2.90
CA ASN B 439 10.65 8.24 3.93
C ASN B 439 12.07 8.52 3.46
N LYS B 440 12.69 7.56 2.77
CA LYS B 440 14.03 7.78 2.23
C LYS B 440 14.03 8.89 1.19
N LEU B 441 13.01 8.92 0.32
CA LEU B 441 12.92 9.97 -0.69
C LEU B 441 12.71 11.34 -0.04
N GLU B 442 11.84 11.40 0.98
CA GLU B 442 11.58 12.66 1.65
C GLU B 442 12.83 13.17 2.37
N ASN B 443 13.55 12.27 3.06
CA ASN B 443 14.78 12.68 3.73
C ASN B 443 15.84 13.13 2.73
N ARG B 444 15.96 12.41 1.61
CA ARG B 444 16.93 12.80 0.59
C ARG B 444 16.59 14.16 -0.02
N LYS B 445 15.29 14.41 -0.24
CA LYS B 445 14.89 15.71 -0.78
C LYS B 445 15.19 16.83 0.19
N ASP B 446 14.95 16.60 1.49
CA ASP B 446 15.22 17.64 2.48
C ASP B 446 16.70 17.97 2.56
N ILE B 447 17.55 16.95 2.45
CA ILE B 447 18.99 17.17 2.44
C ILE B 447 19.38 18.02 1.23
N ALA B 448 18.83 17.70 0.07
CA ALA B 448 19.12 18.48 -1.14
C ALA B 448 18.60 19.91 -1.00
N GLN B 449 17.42 20.08 -0.39
CA GLN B 449 16.88 21.42 -0.19
C GLN B 449 17.79 22.26 0.71
N ASP B 450 18.32 21.66 1.76
CA ASP B 450 19.26 22.37 2.64
C ASP B 450 20.51 22.75 1.86
N MET B 451 21.01 21.84 1.02
CA MET B 451 22.18 22.14 0.21
C MET B 451 21.90 23.28 -0.77
N VAL B 452 20.69 23.33 -1.32
CA VAL B 452 20.28 24.45 -2.16
C VAL B 452 20.32 25.75 -1.36
N LEU B 453 19.76 25.72 -0.15
CA LEU B 453 19.59 26.95 0.63
C LEU B 453 20.93 27.58 0.97
N TYR B 454 21.91 26.78 1.40
CA TYR B 454 23.20 27.33 1.75
C TYR B 454 23.90 27.95 0.55
N HIS B 455 23.87 27.26 -0.58
CA HIS B 455 24.54 27.76 -1.77
C HIS B 455 23.85 28.98 -2.38
N VAL B 456 22.62 29.26 -1.96
CA VAL B 456 21.88 30.40 -2.47
C VAL B 456 21.75 31.52 -1.45
N ARG B 457 21.47 31.20 -0.18
CA ARG B 457 21.33 32.23 0.84
C ARG B 457 22.63 33.00 1.02
N CYS B 458 22.50 34.30 1.21
CA CYS B 458 23.66 35.15 1.48
C CYS B 458 24.23 34.84 2.86
N ASP B 459 25.53 34.62 2.92
CA ASP B 459 26.18 34.18 4.14
C ASP B 459 26.42 35.38 5.06
N ARG B 460 27.17 35.15 6.14
CA ARG B 460 27.43 36.21 7.11
C ARG B 460 28.42 37.23 6.56
N GLU B 461 29.40 36.77 5.78
CA GLU B 461 30.43 37.68 5.27
C GLU B 461 30.02 38.39 3.99
N GLU B 462 29.08 37.82 3.23
CA GLU B 462 28.67 38.45 1.98
C GLU B 462 27.75 39.64 2.23
N ILE B 463 26.95 39.59 3.29
CA ILE B 463 26.01 40.67 3.58
C ILE B 463 26.74 41.95 4.00
N GLN B 464 28.02 41.84 4.38
CA GLN B 464 28.76 43.03 4.81
C GLN B 464 29.06 43.97 3.65
N LEU B 465 28.92 43.51 2.40
CA LEU B 465 29.14 44.39 1.26
C LEU B 465 28.06 45.45 1.14
N ILE B 466 26.83 45.13 1.54
CA ILE B 466 25.71 46.05 1.42
C ILE B 466 25.40 46.67 2.77
N LEU B 467 25.58 45.87 3.84
CA LEU B 467 25.24 46.28 5.20
C LEU B 467 26.46 46.10 6.08
N PRO B 468 27.45 46.99 5.98
CA PRO B 468 28.64 46.86 6.82
C PRO B 468 28.38 47.30 8.26
N THR B 469 28.28 46.34 9.17
CA THR B 469 28.08 46.63 10.58
C THR B 469 29.28 46.26 11.45
N ARG B 470 30.13 45.34 11.00
CA ARG B 470 31.33 45.01 11.75
C ARG B 470 32.35 46.15 11.75
N GLU B 471 32.19 47.10 10.83
CA GLU B 471 33.09 48.26 10.74
C GLU B 471 32.47 49.52 11.32
N ARG B 472 31.25 49.85 10.90
CA ARG B 472 30.60 51.06 11.41
C ARG B 472 30.26 50.94 12.89
N LEU B 473 29.79 49.77 13.31
CA LEU B 473 29.40 49.56 14.70
C LEU B 473 30.15 48.44 15.40
N GLY B 474 30.81 47.55 14.65
CA GLY B 474 31.55 46.47 15.26
C GLY B 474 30.73 45.29 15.73
N LYS B 475 29.46 45.22 15.35
CA LYS B 475 28.58 44.15 15.76
C LYS B 475 28.03 43.42 14.53
N GLU B 476 27.65 42.17 14.73
CA GLU B 476 27.01 41.41 13.67
C GLU B 476 25.61 41.99 13.39
N PRO B 477 25.13 41.88 12.15
CA PRO B 477 23.82 42.47 11.83
C PRO B 477 22.68 41.92 12.66
N ALA B 478 22.77 40.67 13.15
CA ALA B 478 21.69 40.09 13.93
C ALA B 478 21.50 40.78 15.27
N ASP B 479 22.49 41.53 15.74
CA ASP B 479 22.39 42.20 17.03
C ASP B 479 22.05 43.67 16.93
N CYS B 480 22.28 44.31 15.79
CA CYS B 480 22.00 45.73 15.65
C CYS B 480 20.50 45.99 15.65
N GLU B 481 20.10 47.08 16.30
CA GLU B 481 18.70 47.46 16.31
C GLU B 481 18.28 48.00 14.95
N GLU B 482 16.97 48.06 14.74
CA GLU B 482 16.44 48.46 13.43
C GLU B 482 16.77 49.91 13.11
N ASP B 483 16.76 50.79 14.11
CA ASP B 483 17.09 52.20 13.87
C ASP B 483 18.52 52.36 13.38
N GLU B 484 19.46 51.60 13.97
CA GLU B 484 20.85 51.65 13.51
C GLU B 484 20.97 51.14 12.08
N LEU B 485 20.28 50.05 11.76
CA LEU B 485 20.37 49.47 10.42
C LEU B 485 19.89 50.44 9.37
N GLY B 486 18.78 51.13 9.62
CA GLY B 486 18.29 52.12 8.68
C GLY B 486 19.27 53.25 8.46
N LYS B 487 19.98 53.66 9.51
CA LYS B 487 20.99 54.70 9.37
C LYS B 487 22.14 54.22 8.48
N ILE B 488 22.53 52.96 8.64
CA ILE B 488 23.59 52.40 7.78
C ILE B 488 23.11 52.33 6.33
N LEU B 489 21.86 51.88 6.14
CA LEU B 489 21.35 51.71 4.78
C LEU B 489 21.16 53.06 4.10
N LYS B 490 20.60 54.04 4.82
CA LYS B 490 20.34 55.35 4.22
C LYS B 490 21.63 55.99 3.73
N GLU B 491 22.74 55.77 4.45
CA GLU B 491 24.02 56.33 4.02
C GLU B 491 24.61 55.55 2.85
N VAL B 492 24.38 54.23 2.79
CA VAL B 492 24.99 53.39 1.78
C VAL B 492 24.12 53.30 0.52
N LEU B 493 22.81 53.17 0.68
CA LEU B 493 21.95 52.96 -0.47
C LEU B 493 21.96 54.19 -1.38
N PRO B 494 22.01 53.98 -2.70
CA PRO B 494 21.93 55.12 -3.62
C PRO B 494 20.58 55.82 -3.51
N GLY B 495 20.60 57.14 -3.71
CA GLY B 495 19.40 57.92 -3.66
C GLY B 495 18.55 57.71 -4.89
N PRO B 496 17.31 58.23 -4.87
CA PRO B 496 16.44 58.10 -6.05
C PRO B 496 16.96 58.79 -7.28
N ALA B 497 17.87 59.76 -7.13
CA ALA B 497 18.39 60.51 -8.26
C ALA B 497 19.73 59.98 -8.77
N LYS B 498 20.43 59.16 -7.98
CA LYS B 498 21.71 58.63 -8.42
C LYS B 498 21.54 57.74 -9.65
N PHE B 499 20.53 56.88 -9.64
CA PHE B 499 20.17 56.05 -10.78
C PHE B 499 18.71 56.27 -11.09
N ASP B 500 18.39 56.47 -12.37
CA ASP B 500 17.02 56.79 -12.78
C ASP B 500 16.12 55.57 -12.71
N ILE B 501 15.86 55.07 -11.49
CA ILE B 501 14.92 53.98 -11.31
C ILE B 501 13.48 54.39 -11.53
N TYR B 502 13.22 55.69 -11.63
CA TYR B 502 11.88 56.22 -11.83
C TYR B 502 11.53 56.40 -13.30
N GLU B 503 12.43 56.07 -14.22
CA GLU B 503 12.27 56.36 -15.63
C GLU B 503 12.04 55.09 -16.43
N PHE B 504 11.45 55.27 -17.62
CA PHE B 504 11.18 54.17 -18.52
C PHE B 504 12.40 53.77 -19.35
N HIS B 505 13.48 54.55 -19.30
CA HIS B 505 14.68 54.30 -20.10
C HIS B 505 15.86 53.85 -19.24
N PHE B 506 15.59 53.25 -18.08
CA PHE B 506 16.66 52.82 -17.19
C PHE B 506 17.51 51.74 -17.85
N SER B 507 18.83 51.88 -17.73
CA SER B 507 19.77 50.94 -18.31
C SER B 507 20.60 50.32 -17.19
N ASP B 508 20.73 48.99 -17.22
CA ASP B 508 21.47 48.25 -16.21
C ASP B 508 22.87 47.84 -16.68
N LEU B 509 23.30 48.31 -17.84
CA LEU B 509 24.58 47.91 -18.39
C LEU B 509 25.74 48.80 -17.94
N GLU B 510 25.49 49.79 -17.08
CA GLU B 510 26.53 50.65 -16.55
C GLU B 510 26.61 50.55 -15.03
N CYS B 511 26.03 49.49 -14.46
CA CYS B 511 26.05 49.29 -13.03
C CYS B 511 26.46 47.85 -12.73
N THR B 512 27.20 47.68 -11.64
CA THR B 512 27.61 46.34 -11.22
C THR B 512 26.43 45.61 -10.57
N GLU B 513 26.58 44.30 -10.45
CA GLU B 513 25.50 43.49 -9.89
C GLU B 513 25.19 43.89 -8.45
N LEU B 514 26.21 44.28 -7.69
CA LEU B 514 25.98 44.73 -6.31
C LEU B 514 25.12 45.98 -6.28
N GLU B 515 25.37 46.93 -7.20
CA GLU B 515 24.55 48.13 -7.25
C GLU B 515 23.12 47.81 -7.68
N LEU B 516 22.94 46.80 -8.52
CA LEU B 516 21.58 46.38 -8.88
C LEU B 516 20.82 45.87 -7.66
N VAL B 517 21.49 45.11 -6.80
CA VAL B 517 20.86 44.66 -5.56
C VAL B 517 20.56 45.84 -4.65
N LYS B 518 21.50 46.79 -4.56
CA LYS B 518 21.25 48.00 -3.79
C LYS B 518 20.09 48.79 -4.37
N CYS B 519 20.04 48.94 -5.69
CA CYS B 519 18.93 49.65 -6.31
C CYS B 519 17.61 48.94 -6.04
N GLY B 520 17.64 47.61 -5.95
CA GLY B 520 16.44 46.87 -5.58
C GLY B 520 15.96 47.21 -4.18
N ILE B 521 16.88 47.34 -3.23
CA ILE B 521 16.51 47.73 -1.88
C ILE B 521 15.96 49.15 -1.87
N GLN B 522 16.53 50.03 -2.70
CA GLN B 522 16.03 51.40 -2.79
C GLN B 522 14.59 51.42 -3.31
N MET B 523 14.25 50.52 -4.23
CA MET B 523 12.90 50.46 -4.77
C MET B 523 11.88 50.16 -3.68
N TYR B 524 12.22 49.22 -2.79
CA TYR B 524 11.31 48.87 -1.70
C TYR B 524 11.16 50.04 -0.73
N TYR B 525 12.22 50.82 -0.51
CA TYR B 525 12.14 51.96 0.39
C TYR B 525 11.24 53.05 -0.18
N GLU B 526 11.33 53.28 -1.50
CA GLU B 526 10.52 54.34 -2.11
C GLU B 526 9.04 54.01 -2.10
N LEU B 527 8.69 52.73 -2.20
CA LEU B 527 7.28 52.33 -2.14
C LEU B 527 6.68 52.50 -0.75
N GLY B 528 7.51 52.72 0.27
CA GLY B 528 7.02 52.85 1.62
C GLY B 528 6.61 51.56 2.28
N VAL B 529 6.89 50.41 1.65
CA VAL B 529 6.49 49.13 2.22
C VAL B 529 7.38 48.69 3.37
N VAL B 530 8.57 49.29 3.52
CA VAL B 530 9.46 48.91 4.60
C VAL B 530 8.89 49.35 5.95
N ARG B 531 8.30 50.54 6.00
CA ARG B 531 7.87 51.11 7.28
C ARG B 531 6.54 50.52 7.73
N LYS B 532 5.52 50.59 6.87
CA LYS B 532 4.18 50.20 7.29
C LYS B 532 4.08 48.70 7.56
N PHE B 533 4.85 47.89 6.84
CA PHE B 533 4.84 46.45 7.06
C PHE B 533 5.90 45.98 8.04
N GLN B 534 6.72 46.89 8.55
CA GLN B 534 7.71 46.58 9.57
C GLN B 534 8.63 45.45 9.13
N ILE B 535 9.06 45.50 7.87
CA ILE B 535 9.97 44.50 7.32
C ILE B 535 11.33 44.64 8.00
N PRO B 536 11.89 43.57 8.54
CA PRO B 536 13.25 43.65 9.10
C PRO B 536 14.25 44.02 8.00
N GLN B 537 14.94 45.13 8.21
CA GLN B 537 15.83 45.64 7.16
C GLN B 537 16.97 44.67 6.87
N GLU B 538 17.48 44.00 7.91
CA GLU B 538 18.50 42.99 7.69
C GLU B 538 17.97 41.84 6.84
N VAL B 539 16.73 41.42 7.08
CA VAL B 539 16.13 40.36 6.29
C VAL B 539 15.93 40.81 4.85
N LEU B 540 15.53 42.05 4.65
CA LEU B 540 15.31 42.56 3.29
C LEU B 540 16.61 42.53 2.49
N VAL B 541 17.72 42.94 3.10
CA VAL B 541 19.00 42.89 2.41
C VAL B 541 19.41 41.45 2.13
N ARG B 542 19.21 40.57 3.11
CA ARG B 542 19.57 39.16 2.92
C ARG B 542 18.71 38.51 1.83
N PHE B 543 17.42 38.83 1.80
CA PHE B 543 16.54 38.26 0.77
C PHE B 543 16.94 38.74 -0.62
N LEU B 544 17.25 40.04 -0.75
CA LEU B 544 17.61 40.58 -2.04
C LEU B 544 18.91 39.96 -2.56
N PHE B 545 19.90 39.79 -1.68
CA PHE B 545 21.14 39.13 -2.08
C PHE B 545 20.90 37.68 -2.45
N SER B 546 20.03 36.99 -1.69
CA SER B 546 19.74 35.59 -1.98
C SER B 546 19.09 35.44 -3.36
N VAL B 547 18.17 36.34 -3.70
CA VAL B 547 17.57 36.32 -5.03
C VAL B 547 18.63 36.54 -6.09
N SER B 548 19.57 37.46 -5.84
CA SER B 548 20.66 37.69 -6.78
C SER B 548 21.50 36.44 -6.98
N LYS B 549 21.80 35.73 -5.89
CA LYS B 549 22.55 34.48 -6.01
C LYS B 549 21.68 33.37 -6.59
N GLY B 550 20.38 33.42 -6.34
CA GLY B 550 19.48 32.40 -6.87
C GLY B 550 19.47 32.37 -8.38
N TYR B 551 19.54 33.54 -9.01
CA TYR B 551 19.63 33.60 -10.47
C TYR B 551 20.92 32.96 -10.95
N ARG B 552 20.84 32.27 -12.08
CA ARG B 552 22.00 31.59 -12.63
C ARG B 552 22.95 32.59 -13.28
N ARG B 553 23.97 32.07 -13.95
CA ARG B 553 24.97 32.90 -14.60
C ARG B 553 24.91 32.70 -16.10
N ILE B 554 23.71 32.72 -16.66
CA ILE B 554 23.50 32.45 -18.06
C ILE B 554 23.41 33.76 -18.82
N THR B 555 23.41 33.67 -20.16
CA THR B 555 23.56 34.85 -21.01
C THR B 555 22.50 35.91 -20.72
N TYR B 556 21.23 35.59 -20.94
CA TYR B 556 20.16 36.57 -20.83
C TYR B 556 19.35 36.44 -19.55
N HIS B 557 18.88 35.24 -19.22
CA HIS B 557 18.03 35.03 -18.05
C HIS B 557 18.88 34.96 -16.78
N ASN B 558 19.68 36.00 -16.57
CA ASN B 558 20.54 36.14 -15.41
C ASN B 558 19.89 37.08 -14.40
N TRP B 559 20.64 37.46 -13.37
CA TRP B 559 20.11 38.35 -12.35
C TRP B 559 19.70 39.69 -12.92
N ARG B 560 20.36 40.14 -13.99
CA ARG B 560 20.02 41.43 -14.59
C ARG B 560 18.61 41.42 -15.14
N HIS B 561 18.19 40.30 -15.76
CA HIS B 561 16.79 40.09 -16.09
C HIS B 561 16.09 39.56 -14.85
N GLY B 562 15.33 40.42 -14.18
CA GLY B 562 14.75 40.08 -12.90
C GLY B 562 14.83 41.30 -12.00
N PHE B 563 15.81 42.15 -12.27
CA PHE B 563 15.80 43.51 -11.75
C PHE B 563 15.21 44.49 -12.76
N ASN B 564 15.56 44.32 -14.04
CA ASN B 564 14.96 45.16 -15.08
C ASN B 564 13.45 44.96 -15.14
N VAL B 565 12.99 43.72 -15.04
CA VAL B 565 11.56 43.46 -14.95
C VAL B 565 10.99 44.05 -13.68
N ALA B 566 11.71 43.89 -12.56
CA ALA B 566 11.26 44.49 -11.31
C ALA B 566 11.29 46.02 -11.37
N GLN B 567 12.36 46.58 -11.92
CA GLN B 567 12.45 48.04 -12.04
C GLN B 567 11.36 48.58 -12.95
N THR B 568 11.09 47.89 -14.06
CA THR B 568 10.01 48.31 -14.95
C THR B 568 8.67 48.27 -14.22
N MET B 569 8.44 47.22 -13.42
CA MET B 569 7.22 47.17 -12.63
C MET B 569 7.15 48.30 -11.62
N PHE B 570 8.30 48.63 -11.01
CA PHE B 570 8.35 49.78 -10.13
C PHE B 570 8.07 51.08 -10.89
N THR B 571 8.62 51.20 -12.10
CA THR B 571 8.36 52.38 -12.92
C THR B 571 6.89 52.47 -13.30
N LEU B 572 6.29 51.33 -13.68
CA LEU B 572 4.88 51.34 -14.08
C LEU B 572 3.99 51.78 -12.93
N LEU B 573 4.27 51.29 -11.72
CA LEU B 573 3.43 51.63 -10.57
C LEU B 573 3.58 53.10 -10.18
N MET B 574 4.79 53.64 -10.26
CA MET B 574 5.05 54.99 -9.76
C MET B 574 5.06 56.05 -10.85
N THR B 575 5.63 55.76 -12.02
CA THR B 575 5.65 56.71 -13.12
C THR B 575 4.45 56.57 -14.04
N GLY B 576 3.99 55.35 -14.28
CA GLY B 576 2.78 55.14 -15.06
C GLY B 576 1.50 55.35 -14.29
N LYS B 577 1.59 55.59 -12.98
CA LYS B 577 0.44 55.90 -12.13
C LYS B 577 -0.61 54.79 -12.16
N LEU B 578 -0.18 53.54 -12.29
CA LEU B 578 -1.07 52.41 -12.14
C LEU B 578 -1.23 51.97 -10.69
N LYS B 579 -0.52 52.62 -9.76
CA LYS B 579 -0.68 52.31 -8.35
C LYS B 579 -2.06 52.72 -7.82
N SER B 580 -2.74 53.64 -8.50
CA SER B 580 -4.04 54.12 -8.02
C SER B 580 -5.04 52.98 -7.86
N TYR B 581 -4.89 51.91 -8.63
CA TYR B 581 -5.77 50.76 -8.51
C TYR B 581 -5.29 49.72 -7.50
N TYR B 582 -4.10 49.90 -6.92
CA TYR B 582 -3.49 48.88 -6.09
C TYR B 582 -3.07 49.45 -4.74
N THR B 583 -3.27 48.67 -3.69
CA THR B 583 -2.81 49.06 -2.37
C THR B 583 -1.29 48.92 -2.28
N ASP B 584 -0.72 49.46 -1.21
CA ASP B 584 0.72 49.32 -0.99
C ASP B 584 1.11 47.86 -0.85
N LEU B 585 0.27 47.05 -0.19
CA LEU B 585 0.55 45.63 -0.06
C LEU B 585 0.54 44.94 -1.42
N GLU B 586 -0.43 45.27 -2.27
CA GLU B 586 -0.47 44.68 -3.60
C GLU B 586 0.74 45.09 -4.43
N ALA B 587 1.15 46.35 -4.32
CA ALA B 587 2.37 46.80 -4.99
C ALA B 587 3.60 46.11 -4.41
N PHE B 588 3.59 45.86 -3.10
CA PHE B 588 4.71 45.19 -2.46
C PHE B 588 4.90 43.78 -3.03
N ALA B 589 3.80 43.04 -3.18
CA ALA B 589 3.90 41.70 -3.75
C ALA B 589 4.18 41.74 -5.24
N MET B 590 3.65 42.76 -5.94
CA MET B 590 3.79 42.82 -7.38
C MET B 590 5.23 43.10 -7.79
N VAL B 591 5.93 43.94 -7.04
CA VAL B 591 7.34 44.22 -7.35
C VAL B 591 8.20 42.99 -7.06
N THR B 592 7.90 42.29 -5.97
CA THR B 592 8.69 41.10 -5.62
C THR B 592 8.55 40.02 -6.68
N ALA B 593 7.35 39.85 -7.25
CA ALA B 593 7.18 38.90 -8.33
C ALA B 593 8.05 39.26 -9.53
N GLY B 594 8.39 40.55 -9.68
CA GLY B 594 9.36 40.92 -10.68
C GLY B 594 10.75 40.40 -10.36
N LEU B 595 11.11 40.39 -9.08
CA LEU B 595 12.42 39.88 -8.68
C LEU B 595 12.54 38.39 -8.93
N CYS B 596 11.53 37.63 -8.51
CA CYS B 596 11.50 36.18 -8.72
C CYS B 596 10.86 35.79 -10.05
N HIS B 597 10.86 36.71 -11.02
CA HIS B 597 10.20 36.47 -12.30
C HIS B 597 10.84 35.34 -13.08
N ASP B 598 12.17 35.26 -13.05
CA ASP B 598 12.89 34.19 -13.77
C ASP B 598 13.95 33.58 -12.88
N ILE B 599 13.58 33.32 -11.62
CA ILE B 599 14.53 32.79 -10.66
C ILE B 599 14.87 31.34 -11.02
N ASP B 600 16.16 31.01 -10.98
CA ASP B 600 16.67 29.67 -11.31
C ASP B 600 16.26 29.22 -12.71
N HIS B 601 16.21 30.15 -13.66
CA HIS B 601 15.95 29.78 -15.04
C HIS B 601 17.14 29.03 -15.61
N ARG B 602 16.89 27.86 -16.17
CA ARG B 602 17.97 27.00 -16.65
C ARG B 602 18.48 27.40 -18.03
N GLY B 603 17.85 28.37 -18.69
CA GLY B 603 18.28 28.81 -20.00
C GLY B 603 17.57 28.19 -21.17
N THR B 604 16.59 27.33 -20.94
CA THR B 604 15.83 26.70 -22.00
C THR B 604 14.34 26.96 -21.78
N ASN B 605 13.59 27.10 -22.86
CA ASN B 605 12.19 27.46 -22.76
C ASN B 605 11.36 26.27 -22.27
N ASN B 606 10.05 26.50 -22.14
CA ASN B 606 9.16 25.47 -21.61
C ASN B 606 9.10 24.25 -22.52
N LEU B 607 9.11 24.47 -23.84
CA LEU B 607 9.01 23.37 -24.78
C LEU B 607 10.19 22.41 -24.65
N TYR B 608 11.40 22.96 -24.44
CA TYR B 608 12.58 22.12 -24.29
C TYR B 608 12.48 21.21 -23.08
N GLN B 609 11.84 21.69 -22.00
CA GLN B 609 11.71 20.87 -20.80
C GLN B 609 10.88 19.61 -21.06
N MET B 610 9.79 19.74 -21.81
CA MET B 610 8.95 18.59 -22.11
C MET B 610 9.67 17.62 -23.06
N LYS B 611 10.29 18.15 -24.11
CA LYS B 611 10.95 17.30 -25.09
C LYS B 611 12.13 16.56 -24.48
N SER B 612 12.94 17.25 -23.67
CA SER B 612 14.06 16.60 -22.99
C SER B 612 13.61 15.71 -21.84
N GLN B 613 12.33 15.77 -21.47
CA GLN B 613 11.78 14.97 -20.36
C GLN B 613 12.54 15.24 -19.06
N ASN B 614 12.69 16.53 -18.74
CA ASN B 614 13.28 16.93 -17.48
C ASN B 614 12.34 16.56 -16.34
N PRO B 615 12.87 16.39 -15.12
CA PRO B 615 11.98 16.18 -13.97
C PRO B 615 11.01 17.32 -13.75
N LEU B 616 11.34 18.51 -14.25
CA LEU B 616 10.39 19.63 -14.21
C LEU B 616 9.14 19.31 -15.02
N ALA B 617 9.31 18.70 -16.20
CA ALA B 617 8.17 18.42 -17.07
C ALA B 617 7.21 17.42 -16.43
N LYS B 618 7.74 16.37 -15.81
CA LYS B 618 6.88 15.38 -15.18
C LYS B 618 6.15 15.95 -13.97
N LEU B 619 6.78 16.88 -13.25
CA LEU B 619 6.19 17.39 -12.01
C LEU B 619 5.05 18.38 -12.28
N HIS B 620 5.17 19.19 -13.32
CA HIS B 620 4.24 20.30 -13.55
C HIS B 620 3.31 20.06 -14.73
N GLY B 621 3.86 19.79 -15.91
CA GLY B 621 3.02 19.56 -17.08
C GLY B 621 2.67 20.82 -17.83
N SER B 622 1.88 21.70 -17.22
CA SER B 622 1.46 22.96 -17.81
C SER B 622 2.17 24.11 -17.12
N SER B 623 2.73 25.03 -17.91
CA SER B 623 3.53 26.14 -17.40
C SER B 623 4.67 25.60 -16.52
N ILE B 624 5.57 24.85 -17.16
CA ILE B 624 6.57 24.08 -16.43
C ILE B 624 7.52 25.02 -15.67
N LEU B 625 8.16 25.93 -16.39
CA LEU B 625 9.15 26.79 -15.75
C LEU B 625 8.50 27.86 -14.89
N GLU B 626 7.36 28.41 -15.35
CA GLU B 626 6.71 29.48 -14.59
C GLU B 626 6.27 29.00 -13.22
N ARG B 627 5.75 27.76 -13.14
CA ARG B 627 5.42 27.19 -11.84
C ARG B 627 6.67 26.88 -11.04
N HIS B 628 7.75 26.50 -11.72
CA HIS B 628 9.01 26.22 -11.03
C HIS B 628 9.57 27.46 -10.36
N HIS B 629 9.54 28.60 -11.07
CA HIS B 629 10.00 29.84 -10.47
C HIS B 629 9.17 30.21 -9.25
N LEU B 630 7.85 30.04 -9.34
CA LEU B 630 6.98 30.34 -8.20
C LEU B 630 7.29 29.43 -7.03
N GLU B 631 7.50 28.13 -7.29
CA GLU B 631 7.80 27.19 -6.22
C GLU B 631 9.13 27.52 -5.56
N PHE B 632 10.15 27.83 -6.36
CA PHE B 632 11.45 28.17 -5.79
C PHE B 632 11.41 29.49 -5.04
N GLY B 633 10.72 30.49 -5.61
CA GLY B 633 10.62 31.77 -4.94
C GLY B 633 9.91 31.70 -3.61
N LYS B 634 8.81 30.94 -3.55
CA LYS B 634 8.09 30.78 -2.30
C LYS B 634 8.90 29.97 -1.29
N PHE B 635 9.63 28.96 -1.77
CA PHE B 635 10.51 28.19 -0.88
C PHE B 635 11.60 29.08 -0.32
N LEU B 636 12.18 29.95 -1.16
CA LEU B 636 13.19 30.88 -0.68
C LEU B 636 12.60 31.85 0.33
N LEU B 637 11.34 32.23 0.15
CA LEU B 637 10.67 33.14 1.08
C LEU B 637 10.23 32.43 2.35
N SER B 638 10.13 31.11 2.34
CA SER B 638 9.71 30.38 3.54
C SER B 638 10.81 30.34 4.58
N GLU B 639 12.07 30.49 4.17
CA GLU B 639 13.18 30.49 5.11
C GLU B 639 13.07 31.71 6.02
N GLU B 640 13.34 31.49 7.31
CA GLU B 640 13.13 32.53 8.31
C GLU B 640 13.99 33.75 8.05
N THR B 641 15.27 33.54 7.72
CA THR B 641 16.18 34.66 7.52
C THR B 641 15.92 35.43 6.22
N LEU B 642 15.10 34.89 5.32
CA LEU B 642 14.79 35.56 4.07
C LEU B 642 13.31 35.88 3.91
N ASN B 643 12.53 35.77 4.99
CA ASN B 643 11.09 35.97 4.92
C ASN B 643 10.78 37.45 5.17
N ILE B 644 10.66 38.21 4.07
CA ILE B 644 10.20 39.59 4.20
C ILE B 644 8.72 39.62 4.58
N TYR B 645 7.95 38.63 4.14
CA TYR B 645 6.55 38.52 4.53
C TYR B 645 6.42 37.85 5.89
N GLN B 646 7.12 38.36 6.90
CA GLN B 646 7.06 37.77 8.23
C GLN B 646 6.29 38.61 9.23
N ASN B 647 6.31 39.93 9.09
CA ASN B 647 5.52 40.81 9.94
C ASN B 647 4.22 41.22 9.22
N LEU B 648 3.41 40.22 8.92
CA LEU B 648 2.15 40.42 8.23
C LEU B 648 1.09 39.51 8.82
N ASN B 649 -0.17 39.94 8.68
CA ASN B 649 -1.28 39.11 9.15
C ASN B 649 -1.42 37.87 8.30
N ARG B 650 -2.07 36.84 8.86
CA ARG B 650 -2.27 35.60 8.14
C ARG B 650 -3.11 35.82 6.89
N ARG B 651 -4.16 36.65 7.00
CA ARG B 651 -4.94 37.00 5.83
C ARG B 651 -4.10 37.78 4.82
N GLN B 652 -3.30 38.74 5.31
CA GLN B 652 -2.44 39.51 4.42
C GLN B 652 -1.38 38.63 3.79
N HIS B 653 -0.76 37.75 4.58
CA HIS B 653 0.29 36.88 4.03
C HIS B 653 -0.27 35.96 2.96
N GLU B 654 -1.44 35.39 3.20
CA GLU B 654 -2.08 34.54 2.18
C GLU B 654 -2.41 35.35 0.93
N HIS B 655 -2.89 36.59 1.12
CA HIS B 655 -3.18 37.44 -0.02
C HIS B 655 -1.93 37.75 -0.83
N VAL B 656 -0.81 38.01 -0.14
CA VAL B 656 0.44 38.27 -0.84
C VAL B 656 0.89 37.04 -1.62
N ILE B 657 0.83 35.86 -0.98
CA ILE B 657 1.23 34.62 -1.66
C ILE B 657 0.32 34.34 -2.84
N HIS B 658 -1.00 34.52 -2.66
CA HIS B 658 -1.94 34.29 -3.74
C HIS B 658 -1.71 35.26 -4.89
N LEU B 659 -1.39 36.51 -4.59
CA LEU B 659 -1.07 37.48 -5.63
C LEU B 659 0.21 37.10 -6.36
N MET B 660 1.21 36.60 -5.62
CA MET B 660 2.45 36.18 -6.25
C MET B 660 2.23 35.01 -7.20
N ASP B 661 1.30 34.12 -6.87
CA ASP B 661 1.03 32.96 -7.71
C ASP B 661 0.55 33.39 -9.10
N ILE B 662 -0.37 34.36 -9.15
CA ILE B 662 -0.91 34.78 -10.45
C ILE B 662 0.15 35.52 -11.25
N ALA B 663 0.87 36.44 -10.60
CA ALA B 663 1.81 37.29 -11.33
C ALA B 663 2.94 36.47 -11.94
N ILE B 664 3.47 35.50 -11.20
CA ILE B 664 4.58 34.70 -11.71
C ILE B 664 4.13 33.86 -12.89
N ILE B 665 3.00 33.17 -12.76
CA ILE B 665 2.51 32.33 -13.85
C ILE B 665 2.00 33.16 -15.02
N ALA B 666 1.57 34.40 -14.77
CA ALA B 666 1.09 35.25 -15.86
C ALA B 666 2.21 35.60 -16.83
N THR B 667 3.47 35.49 -16.40
CA THR B 667 4.59 35.80 -17.28
C THR B 667 4.68 34.83 -18.45
N ASP B 668 4.03 33.67 -18.37
CA ASP B 668 3.99 32.75 -19.50
C ASP B 668 3.28 33.39 -20.67
N LEU B 669 3.89 33.32 -21.85
CA LEU B 669 3.31 33.94 -23.03
C LEU B 669 2.13 33.16 -23.57
N ALA B 670 2.11 31.84 -23.38
CA ALA B 670 0.97 31.05 -23.81
C ALA B 670 -0.30 31.45 -23.07
N LEU B 671 -0.19 31.68 -21.76
CA LEU B 671 -1.35 32.11 -20.98
C LEU B 671 -1.77 33.54 -21.37
N TYR B 672 -0.79 34.40 -21.66
CA TYR B 672 -1.11 35.77 -22.05
C TYR B 672 -1.90 35.80 -23.35
N PHE B 673 -1.52 34.97 -24.33
CA PHE B 673 -2.15 35.01 -25.64
C PHE B 673 -3.63 34.62 -25.57
N LYS B 674 -4.00 33.79 -24.60
CA LYS B 674 -5.37 33.33 -24.47
C LYS B 674 -6.26 34.26 -23.66
N LYS B 675 -5.68 35.23 -22.94
CA LYS B 675 -6.45 36.11 -22.07
C LYS B 675 -6.23 37.59 -22.35
N ARG B 676 -5.57 37.95 -23.45
CA ARG B 676 -5.34 39.36 -23.73
C ARG B 676 -6.58 40.05 -24.23
N THR B 677 -7.56 39.30 -24.74
CA THR B 677 -8.84 39.89 -25.13
C THR B 677 -9.60 40.42 -23.92
N MET B 678 -9.45 39.76 -22.77
CA MET B 678 -10.10 40.23 -21.55
C MET B 678 -9.60 41.62 -21.16
N PHE B 679 -8.28 41.83 -21.26
CA PHE B 679 -7.73 43.15 -20.99
C PHE B 679 -8.17 44.16 -22.03
N GLN B 680 -8.41 43.71 -23.27
CA GLN B 680 -8.96 44.60 -24.29
C GLN B 680 -10.36 45.08 -23.90
N LYS B 681 -11.16 44.19 -23.31
CA LYS B 681 -12.48 44.59 -22.84
C LYS B 681 -12.38 45.56 -21.66
N ILE B 682 -11.42 45.33 -20.76
CA ILE B 682 -11.29 46.17 -19.57
C ILE B 682 -10.91 47.59 -19.95
N VAL B 683 -9.94 47.74 -20.84
CA VAL B 683 -9.51 49.07 -21.27
C VAL B 683 -10.63 49.76 -22.03
N ASP B 684 -11.45 49.00 -22.76
CA ASP B 684 -12.58 49.61 -23.45
C ASP B 684 -13.60 50.17 -22.47
N GLU B 685 -13.73 49.52 -21.30
CA GLU B 685 -14.63 50.04 -20.27
C GLU B 685 -14.14 51.37 -19.69
N SER B 686 -12.86 51.68 -19.82
CA SER B 686 -12.35 52.96 -19.35
C SER B 686 -12.95 54.12 -20.14
N LYS B 687 -13.06 53.95 -21.46
CA LYS B 687 -13.64 55.00 -22.30
C LYS B 687 -15.12 55.22 -21.97
N ASN B 688 -15.79 54.20 -21.43
CA ASN B 688 -17.18 54.37 -21.01
C ASN B 688 -17.30 55.41 -19.90
N TYR B 689 -16.39 55.36 -18.94
CA TYR B 689 -16.44 56.28 -17.82
C TYR B 689 -16.05 57.70 -18.25
N GLU B 690 -16.36 58.67 -17.40
CA GLU B 690 -16.18 60.09 -17.74
C GLU B 690 -14.76 60.56 -17.46
N ASP B 691 -14.32 60.44 -16.22
CA ASP B 691 -13.00 60.91 -15.82
C ASP B 691 -12.21 59.80 -15.13
N ARG B 692 -10.91 60.03 -14.97
CA ARG B 692 -10.05 59.04 -14.34
C ARG B 692 -10.41 58.81 -12.88
N LYS B 693 -10.91 59.84 -12.20
CA LYS B 693 -11.31 59.69 -10.81
C LYS B 693 -12.40 58.65 -10.66
N SER B 694 -13.44 58.73 -11.51
CA SER B 694 -14.50 57.73 -11.48
C SER B 694 -13.98 56.35 -11.86
N TRP B 695 -13.10 56.30 -12.87
CA TRP B 695 -12.53 55.02 -13.29
C TRP B 695 -11.67 54.41 -12.19
N VAL B 696 -10.90 55.23 -11.48
CA VAL B 696 -10.07 54.73 -10.39
C VAL B 696 -10.95 54.14 -9.28
N GLU B 697 -12.03 54.83 -8.92
CA GLU B 697 -12.91 54.34 -7.86
C GLU B 697 -13.53 53.01 -8.23
N TYR B 698 -13.96 52.86 -9.49
CA TYR B 698 -14.58 51.61 -9.91
C TYR B 698 -13.56 50.48 -9.98
N LEU B 699 -12.39 50.74 -10.56
CA LEU B 699 -11.40 49.68 -10.78
C LEU B 699 -10.72 49.25 -9.49
N SER B 700 -10.55 50.15 -8.53
CA SER B 700 -9.82 49.82 -7.31
C SER B 700 -10.57 48.82 -6.44
N LEU B 701 -11.87 48.60 -6.70
CA LEU B 701 -12.66 47.66 -5.92
C LEU B 701 -12.77 46.29 -6.57
N GLU B 702 -12.89 46.22 -7.89
CA GLU B 702 -13.03 44.94 -8.57
C GLU B 702 -11.75 44.13 -8.44
N THR B 703 -11.88 42.87 -8.04
CA THR B 703 -10.73 42.01 -7.80
C THR B 703 -10.28 41.29 -9.06
N THR B 704 -11.21 40.64 -9.76
CA THR B 704 -10.85 39.93 -10.98
C THR B 704 -10.33 40.89 -12.05
N ARG B 705 -10.97 42.05 -12.19
CA ARG B 705 -10.52 43.03 -13.17
C ARG B 705 -9.13 43.53 -12.84
N LYS B 706 -8.84 43.76 -11.56
CA LYS B 706 -7.50 44.17 -11.16
C LYS B 706 -6.49 43.07 -11.43
N GLU B 707 -6.87 41.82 -11.16
CA GLU B 707 -5.95 40.70 -11.40
C GLU B 707 -5.65 40.55 -12.89
N ILE B 708 -6.64 40.78 -13.75
CA ILE B 708 -6.42 40.68 -15.18
C ILE B 708 -5.42 41.74 -15.64
N VAL B 709 -5.58 42.97 -15.16
CA VAL B 709 -4.68 44.06 -15.58
C VAL B 709 -3.26 43.81 -15.06
N MET B 710 -3.15 43.32 -13.82
CA MET B 710 -1.83 43.02 -13.27
C MET B 710 -1.17 41.88 -14.04
N ALA B 711 -1.96 40.92 -14.53
CA ALA B 711 -1.39 39.81 -15.28
C ALA B 711 -0.69 40.30 -16.55
N MET B 712 -1.33 41.20 -17.30
CA MET B 712 -0.68 41.77 -18.47
C MET B 712 0.32 42.85 -18.09
N MET B 713 0.27 43.35 -16.85
CA MET B 713 1.34 44.21 -16.37
C MET B 713 2.64 43.42 -16.22
N MET B 714 2.54 42.15 -15.84
CA MET B 714 3.70 41.27 -15.86
C MET B 714 4.24 41.12 -17.27
N THR B 715 3.35 40.93 -18.25
CA THR B 715 3.80 40.74 -19.63
C THR B 715 4.48 42.00 -20.17
N ALA B 716 3.93 43.17 -19.86
CA ALA B 716 4.54 44.42 -20.32
C ALA B 716 5.94 44.60 -19.73
N CYS B 717 6.10 44.30 -18.44
CA CYS B 717 7.43 44.38 -17.83
C CYS B 717 8.34 43.28 -18.36
N ASP B 718 7.77 42.12 -18.67
CA ASP B 718 8.57 41.00 -19.16
C ASP B 718 9.23 41.33 -20.49
N LEU B 719 8.50 41.99 -21.39
CA LEU B 719 9.02 42.39 -22.69
C LEU B 719 9.43 43.86 -22.72
N SER B 720 9.76 44.44 -21.57
CA SER B 720 10.06 45.86 -21.50
C SER B 720 11.38 46.20 -22.20
N ALA B 721 12.22 45.20 -22.45
CA ALA B 721 13.51 45.46 -23.07
C ALA B 721 13.35 46.09 -24.45
N ILE B 722 12.27 45.75 -25.15
CA ILE B 722 12.03 46.31 -26.48
C ILE B 722 11.72 47.80 -26.38
N THR B 723 10.98 48.23 -25.36
CA THR B 723 10.64 49.63 -25.18
C THR B 723 11.82 50.48 -24.74
N LYS B 724 12.96 49.88 -24.42
CA LYS B 724 14.14 50.64 -24.07
C LYS B 724 14.69 51.35 -25.31
N PRO B 725 15.49 52.40 -25.12
CA PRO B 725 16.08 53.09 -26.27
C PRO B 725 16.89 52.15 -27.14
N TRP B 726 17.10 52.57 -28.39
CA TRP B 726 17.69 51.69 -29.39
C TRP B 726 19.10 51.26 -29.00
N GLU B 727 19.86 52.13 -28.33
CA GLU B 727 21.19 51.76 -27.90
C GLU B 727 21.18 50.67 -26.84
N VAL B 728 20.02 50.42 -26.21
CA VAL B 728 19.87 49.36 -25.23
C VAL B 728 19.20 48.13 -25.84
N GLN B 729 18.15 48.33 -26.64
CA GLN B 729 17.44 47.21 -27.25
C GLN B 729 18.33 46.42 -28.19
N SER B 730 19.24 47.11 -28.90
CA SER B 730 20.11 46.41 -29.85
C SER B 730 21.00 45.40 -29.13
N LYS B 731 21.54 45.77 -27.98
CA LYS B 731 22.41 44.86 -27.24
C LYS B 731 21.63 43.75 -26.56
N VAL B 732 20.47 44.08 -25.99
CA VAL B 732 19.68 43.08 -25.27
C VAL B 732 19.15 42.02 -26.22
N ALA B 733 18.76 42.42 -27.43
CA ALA B 733 18.29 41.45 -28.41
C ALA B 733 19.38 40.43 -28.75
N LEU B 734 20.64 40.88 -28.79
CA LEU B 734 21.74 39.95 -29.01
C LEU B 734 21.84 38.95 -27.87
N LEU B 735 21.65 39.41 -26.64
CA LEU B 735 21.65 38.49 -25.49
C LEU B 735 20.51 37.49 -25.61
N VAL B 736 19.33 37.96 -26.02
CA VAL B 736 18.20 37.06 -26.21
C VAL B 736 18.48 36.07 -27.33
N ALA B 737 19.04 36.55 -28.44
CA ALA B 737 19.38 35.67 -29.55
C ALA B 737 20.44 34.66 -29.16
N ALA B 738 21.45 35.09 -28.40
CA ALA B 738 22.51 34.19 -27.99
C ALA B 738 22.00 33.05 -27.13
N GLU B 739 21.08 33.37 -26.19
CA GLU B 739 20.52 32.33 -25.34
C GLU B 739 19.69 31.34 -26.16
N PHE B 740 18.93 31.83 -27.13
CA PHE B 740 18.14 30.94 -27.96
C PHE B 740 19.03 30.07 -28.85
N TRP B 741 20.15 30.62 -29.32
CA TRP B 741 21.09 29.81 -30.08
C TRP B 741 21.72 28.74 -29.20
N GLU B 742 21.98 29.05 -27.93
CA GLU B 742 22.51 28.06 -27.01
C GLU B 742 21.54 26.89 -26.84
N GLN B 743 20.25 27.20 -26.72
CA GLN B 743 19.25 26.14 -26.67
C GLN B 743 19.16 25.40 -28.00
N GLY B 744 19.27 26.13 -29.11
CA GLY B 744 19.24 25.49 -30.41
C GLY B 744 20.40 24.53 -30.62
N ASP B 745 21.60 24.91 -30.17
CA ASP B 745 22.74 24.01 -30.23
C ASP B 745 22.51 22.79 -29.33
N LEU B 746 21.92 23.01 -28.16
CA LEU B 746 21.61 21.89 -27.26
C LEU B 746 20.63 20.93 -27.91
N GLU B 747 19.60 21.46 -28.57
CA GLU B 747 18.59 20.59 -29.19
C GLU B 747 19.21 19.74 -30.30
N ARG B 748 20.14 20.33 -31.07
CA ARG B 748 20.79 19.57 -32.13
C ARG B 748 21.71 18.50 -31.57
N THR B 749 22.27 18.73 -30.38
CA THR B 749 23.26 17.81 -29.83
C THR B 749 22.61 16.58 -29.21
N VAL B 750 21.81 16.78 -28.17
CA VAL B 750 21.24 15.66 -27.43
C VAL B 750 19.89 15.24 -28.00
N LEU B 751 19.00 16.20 -28.27
CA LEU B 751 17.68 15.88 -28.79
C LEU B 751 17.72 15.46 -30.26
N ASP B 752 18.78 15.80 -30.99
CA ASP B 752 18.93 15.42 -32.39
C ASP B 752 17.74 15.88 -33.22
N GLN B 753 17.34 17.14 -33.01
CA GLN B 753 16.23 17.73 -33.73
C GLN B 753 16.67 19.04 -34.35
N GLN B 754 16.19 19.30 -35.57
CA GLN B 754 16.53 20.54 -36.25
C GLN B 754 15.83 21.71 -35.59
N PRO B 755 16.56 22.73 -35.13
CA PRO B 755 15.91 23.85 -34.46
C PRO B 755 15.17 24.74 -35.44
N ILE B 756 14.24 25.53 -34.89
CA ILE B 756 13.47 26.50 -35.67
C ILE B 756 14.41 27.60 -36.12
N PRO B 757 14.10 28.33 -37.20
CA PRO B 757 14.98 29.42 -37.63
C PRO B 757 15.20 30.48 -36.56
N MET B 758 14.24 30.66 -35.66
CA MET B 758 14.41 31.59 -34.55
C MET B 758 15.52 31.12 -33.61
N MET B 759 15.63 29.82 -33.38
CA MET B 759 16.59 29.26 -32.44
C MET B 759 17.84 28.73 -33.13
N ASP B 760 17.97 28.92 -34.45
CA ASP B 760 19.10 28.37 -35.20
C ASP B 760 20.24 29.36 -35.23
N ARG B 761 21.44 28.90 -34.85
CA ARG B 761 22.61 29.76 -34.90
C ARG B 761 23.03 30.06 -36.33
N ASN B 762 22.80 29.12 -37.26
CA ASN B 762 23.18 29.33 -38.65
C ASN B 762 22.44 30.50 -39.26
N LYS B 763 21.15 30.62 -38.97
CA LYS B 763 20.34 31.73 -39.48
C LYS B 763 20.38 32.93 -38.55
N ALA B 764 21.59 33.38 -38.23
CA ALA B 764 21.74 34.54 -37.36
C ALA B 764 21.40 35.84 -38.08
N ALA B 765 21.61 35.89 -39.39
CA ALA B 765 21.33 37.10 -40.15
C ALA B 765 19.85 37.39 -40.26
N GLU B 766 18.99 36.42 -39.94
CA GLU B 766 17.54 36.62 -39.98
C GLU B 766 17.01 37.27 -38.71
N LEU B 767 17.86 37.53 -37.72
CA LEU B 767 17.40 38.10 -36.45
C LEU B 767 16.59 39.38 -36.60
N PRO B 768 16.98 40.38 -37.40
CA PRO B 768 16.14 41.57 -37.51
C PRO B 768 14.73 41.28 -38.00
N LYS B 769 14.58 40.35 -38.95
CA LYS B 769 13.24 40.00 -39.42
C LYS B 769 12.41 39.34 -38.33
N LEU B 770 13.02 38.44 -37.56
CA LEU B 770 12.30 37.79 -36.47
C LEU B 770 11.89 38.78 -35.40
N GLN B 771 12.76 39.75 -35.10
CA GLN B 771 12.42 40.77 -34.11
C GLN B 771 11.24 41.61 -34.57
N VAL B 772 11.21 41.97 -35.87
CA VAL B 772 10.08 42.74 -36.39
C VAL B 772 8.80 41.94 -36.31
N GLY B 773 8.85 40.66 -36.70
CA GLY B 773 7.66 39.83 -36.61
C GLY B 773 7.20 39.64 -35.17
N PHE B 774 8.14 39.48 -34.25
CA PHE B 774 7.78 39.32 -32.84
C PHE B 774 7.20 40.61 -32.28
N ILE B 775 7.73 41.76 -32.71
CA ILE B 775 7.19 43.04 -32.28
C ILE B 775 5.76 43.21 -32.80
N ASP B 776 5.53 42.87 -34.07
CA ASP B 776 4.22 43.01 -34.66
C ASP B 776 3.24 41.97 -34.16
N PHE B 777 3.71 40.96 -33.42
CA PHE B 777 2.85 39.88 -32.97
C PHE B 777 2.45 40.03 -31.50
N VAL B 778 3.42 40.26 -30.61
CA VAL B 778 3.20 40.24 -29.18
C VAL B 778 3.28 41.64 -28.57
N CYS B 779 4.41 42.31 -28.72
CA CYS B 779 4.62 43.58 -28.01
C CYS B 779 3.74 44.69 -28.56
N THR B 780 3.24 44.54 -29.78
CA THR B 780 2.38 45.57 -30.35
C THR B 780 1.10 45.74 -29.55
N PHE B 781 0.47 44.63 -29.17
CA PHE B 781 -0.81 44.70 -28.49
C PHE B 781 -0.66 45.23 -27.07
N VAL B 782 0.35 44.76 -26.35
CA VAL B 782 0.45 45.06 -24.91
C VAL B 782 0.62 46.56 -24.69
N TYR B 783 1.52 47.19 -25.43
CA TYR B 783 1.83 48.59 -25.17
C TYR B 783 0.86 49.54 -25.85
N LYS B 784 0.23 49.09 -26.94
CA LYS B 784 -0.81 49.91 -27.56
C LYS B 784 -2.02 50.06 -26.64
N GLU B 785 -2.42 48.96 -26.00
CA GLU B 785 -3.56 49.02 -25.09
C GLU B 785 -3.22 49.78 -23.82
N PHE B 786 -2.01 49.57 -23.29
CA PHE B 786 -1.61 50.29 -22.08
C PHE B 786 -1.51 51.79 -22.33
N SER B 787 -0.99 52.18 -23.50
CA SER B 787 -0.97 53.60 -23.84
C SER B 787 -2.38 54.15 -23.95
N ARG B 788 -3.29 53.40 -24.56
CA ARG B 788 -4.69 53.78 -24.58
C ARG B 788 -5.28 53.79 -23.18
N PHE B 789 -4.93 52.79 -22.36
CA PHE B 789 -5.40 52.74 -20.98
C PHE B 789 -4.89 53.93 -20.19
N HIS B 790 -3.57 54.04 -20.04
CA HIS B 790 -2.93 55.14 -19.34
C HIS B 790 -2.07 55.92 -20.33
N GLU B 791 -2.31 57.23 -20.41
CA GLU B 791 -1.59 58.06 -21.35
C GLU B 791 -0.14 58.33 -20.95
N GLU B 792 0.25 57.97 -19.72
CA GLU B 792 1.63 58.10 -19.29
C GLU B 792 2.52 56.98 -19.81
N ILE B 793 1.94 55.89 -20.32
CA ILE B 793 2.71 54.80 -20.91
C ILE B 793 3.11 55.10 -22.35
N LEU B 794 2.72 56.25 -22.88
CA LEU B 794 3.04 56.61 -24.26
C LEU B 794 4.52 56.53 -24.60
N PRO B 795 5.46 56.97 -23.75
CA PRO B 795 6.88 56.79 -24.10
C PRO B 795 7.26 55.34 -24.34
N MET B 796 6.63 54.39 -23.66
CA MET B 796 6.89 52.98 -23.94
C MET B 796 6.41 52.57 -25.32
N PHE B 797 5.36 53.20 -25.85
CA PHE B 797 4.84 52.86 -27.16
C PHE B 797 5.59 53.55 -28.29
N ASP B 798 5.96 54.83 -28.09
CA ASP B 798 6.74 55.52 -29.12
C ASP B 798 8.11 54.90 -29.30
N ARG B 799 8.76 54.51 -28.19
CA ARG B 799 10.08 53.90 -28.29
C ARG B 799 10.02 52.55 -28.99
N LEU B 800 8.96 51.78 -28.76
CA LEU B 800 8.81 50.51 -29.44
C LEU B 800 8.69 50.70 -30.95
N GLN B 801 7.90 51.69 -31.38
CA GLN B 801 7.73 51.94 -32.81
C GLN B 801 9.04 52.38 -33.44
N ASN B 802 9.82 53.21 -32.73
CA ASN B 802 11.15 53.58 -33.23
C ASN B 802 12.05 52.35 -33.32
N ASN B 803 12.03 51.50 -32.29
CA ASN B 803 12.82 50.28 -32.34
C ASN B 803 12.35 49.35 -33.44
N ARG B 804 11.04 49.26 -33.66
CA ARG B 804 10.52 48.49 -34.78
C ARG B 804 10.99 49.06 -36.11
N LYS B 805 11.06 50.39 -36.21
CA LYS B 805 11.58 51.02 -37.40
C LYS B 805 13.05 50.67 -37.63
N GLU B 806 13.84 50.69 -36.55
CA GLU B 806 15.26 50.36 -36.67
C GLU B 806 15.45 48.90 -37.08
N TRP B 807 14.68 48.00 -36.46
CA TRP B 807 14.79 46.58 -36.82
C TRP B 807 14.29 46.33 -38.24
N LYS B 808 13.27 47.07 -38.67
CA LYS B 808 12.78 46.91 -40.03
C LYS B 808 13.83 47.29 -41.06
N ALA B 809 14.58 48.37 -40.79
CA ALA B 809 15.64 48.77 -41.72
C ALA B 809 16.73 47.71 -41.81
N LEU B 810 17.13 47.14 -40.66
CA LEU B 810 18.15 46.09 -40.68
C LEU B 810 17.66 44.86 -41.43
N ALA B 811 16.40 44.46 -41.23
CA ALA B 811 15.85 43.34 -41.98
C ALA B 811 15.78 43.65 -43.47
N ASP B 812 15.40 44.88 -43.82
CA ASP B 812 15.36 45.27 -45.22
C ASP B 812 16.75 45.26 -45.84
N GLU B 813 17.75 45.74 -45.09
CA GLU B 813 19.13 45.72 -45.60
C GLU B 813 19.62 44.30 -45.83
N TYR B 814 19.32 43.39 -44.89
CA TYR B 814 19.68 42.00 -45.08
C TYR B 814 18.94 41.39 -46.27
N GLU B 815 17.66 41.72 -46.42
CA GLU B 815 16.89 41.21 -47.55
C GLU B 815 17.46 41.72 -48.86
N ALA B 816 17.86 43.00 -48.91
CA ALA B 816 18.46 43.54 -50.13
C ALA B 816 19.77 42.84 -50.46
N LYS B 817 20.58 42.55 -49.44
CA LYS B 817 21.85 41.86 -49.68
C LYS B 817 21.63 40.47 -50.25
N VAL B 818 20.63 39.75 -49.74
CA VAL B 818 20.33 38.40 -50.24
C VAL B 818 19.89 38.48 -51.70
N LYS B 819 19.02 39.43 -52.01
CA LYS B 819 18.56 39.58 -53.40
C LYS B 819 19.71 39.96 -54.32
N ALA B 820 20.60 40.85 -53.86
CA ALA B 820 21.76 41.21 -54.65
C ALA B 820 22.67 40.02 -54.89
N LEU B 821 22.89 39.21 -53.86
CA LEU B 821 23.71 38.01 -54.01
C LEU B 821 23.06 37.01 -54.98
N GLU B 822 21.74 36.86 -54.89
CA GLU B 822 21.01 35.94 -55.76
C GLU B 822 21.01 36.46 -57.20
N SER C 12 -48.79 -19.27 -17.56
CA SER C 12 -48.10 -19.75 -16.38
C SER C 12 -49.03 -19.76 -15.17
N ALA C 13 -48.50 -20.24 -14.04
CA ALA C 13 -49.31 -20.32 -12.83
C ALA C 13 -49.69 -18.93 -12.33
N THR C 14 -48.76 -17.99 -12.38
CA THR C 14 -49.00 -16.65 -11.85
C THR C 14 -49.64 -15.71 -12.87
N ARG C 15 -49.88 -16.18 -14.10
CA ARG C 15 -50.47 -15.40 -15.19
C ARG C 15 -49.63 -14.19 -15.57
N VAL C 16 -48.36 -14.15 -15.19
CA VAL C 16 -47.48 -13.01 -15.46
C VAL C 16 -46.38 -13.48 -16.40
N MET C 17 -46.37 -12.94 -17.62
CA MET C 17 -45.37 -13.31 -18.62
C MET C 17 -44.24 -12.29 -18.74
N GLY C 18 -44.53 -11.00 -18.60
CA GLY C 18 -43.55 -9.97 -18.85
C GLY C 18 -42.41 -9.89 -17.86
N GLY C 19 -42.71 -9.50 -16.63
CA GLY C 19 -41.70 -9.37 -15.61
C GLY C 19 -42.31 -9.35 -14.22
N PRO C 20 -41.48 -9.30 -13.19
CA PRO C 20 -42.01 -9.27 -11.82
C PRO C 20 -42.88 -8.04 -11.60
N VAL C 21 -44.00 -8.23 -10.91
CA VAL C 21 -44.97 -7.17 -10.67
C VAL C 21 -45.05 -6.91 -9.16
N THR C 22 -45.16 -5.64 -8.80
CA THR C 22 -45.33 -5.25 -7.41
C THR C 22 -46.67 -4.57 -7.21
N PRO C 23 -47.36 -4.86 -6.10
CA PRO C 23 -48.68 -4.25 -5.91
C PRO C 23 -48.62 -2.75 -5.68
N ARG C 24 -47.68 -2.30 -4.86
CA ARG C 24 -47.52 -0.88 -4.55
C ARG C 24 -46.33 -0.33 -5.33
N LYS C 25 -46.58 0.69 -6.15
CA LYS C 25 -45.54 1.29 -6.98
C LYS C 25 -45.46 2.78 -6.68
N GLY C 26 -44.38 3.19 -6.04
CA GLY C 26 -44.13 4.59 -5.76
C GLY C 26 -42.71 4.97 -6.15
N PRO C 27 -42.21 6.06 -5.59
CA PRO C 27 -40.81 6.43 -5.82
C PRO C 27 -39.88 5.35 -5.31
N PRO C 28 -38.80 5.07 -6.02
CA PRO C 28 -37.91 3.99 -5.61
C PRO C 28 -37.17 4.32 -4.32
N LYS C 29 -36.88 3.27 -3.55
CA LYS C 29 -36.13 3.38 -2.31
C LYS C 29 -34.78 2.68 -2.45
N PHE C 30 -33.75 3.27 -1.86
CA PHE C 30 -32.38 2.79 -2.01
C PHE C 30 -31.72 2.62 -0.65
N LYS C 31 -30.79 1.69 -0.59
CA LYS C 31 -30.10 1.38 0.66
C LYS C 31 -29.07 2.46 0.98
N GLN C 32 -28.84 2.65 2.27
CA GLN C 32 -27.81 3.58 2.74
C GLN C 32 -26.45 2.88 2.75
N ARG C 33 -25.42 3.65 2.40
CA ARG C 33 -24.07 3.11 2.37
C ARG C 33 -23.62 2.67 3.75
N GLN C 34 -22.97 1.51 3.81
CA GLN C 34 -22.52 0.94 5.07
C GLN C 34 -21.23 1.62 5.52
N THR C 35 -21.29 2.34 6.64
CA THR C 35 -20.12 2.99 7.20
C THR C 35 -19.98 2.85 8.71
N ARG C 36 -20.98 2.28 9.40
CA ARG C 36 -20.91 2.21 10.86
C ARG C 36 -19.87 1.21 11.34
N GLN C 37 -19.72 0.08 10.63
CA GLN C 37 -18.80 -0.95 11.09
C GLN C 37 -17.36 -0.51 10.97
N PHE C 38 -17.00 0.17 9.88
CA PHE C 38 -15.63 0.61 9.67
C PHE C 38 -15.52 2.13 9.68
N GLU C 80 35.45 8.21 28.63
CA GLU C 80 36.28 9.21 27.96
C GLU C 80 35.84 9.42 26.52
N LEU C 81 35.28 8.37 25.91
CA LEU C 81 34.84 8.46 24.53
C LEU C 81 33.71 9.48 24.37
N ALA C 82 32.76 9.49 25.30
CA ALA C 82 31.67 10.45 25.24
C ALA C 82 32.16 11.89 25.41
N GLN C 83 33.29 12.08 26.07
CA GLN C 83 33.79 13.43 26.26
C GLN C 83 34.32 14.01 24.96
N TYR C 84 34.95 13.18 24.12
CA TYR C 84 35.63 13.63 22.92
C TYR C 84 34.73 13.59 21.68
N GLY C 85 33.43 13.78 21.85
CA GLY C 85 32.53 13.85 20.72
C GLY C 85 31.83 12.55 20.38
N ILE C 86 32.43 11.42 20.75
CA ILE C 86 31.88 10.13 20.41
C ILE C 86 31.33 9.45 21.67
N ARG D 11 -15.05 -42.62 32.56
CA ARG D 11 -14.01 -43.00 31.61
C ARG D 11 -14.57 -43.12 30.20
N SER D 12 -13.72 -42.97 29.20
CA SER D 12 -14.15 -43.03 27.82
C SER D 12 -14.22 -44.49 27.35
N ALA D 13 -15.18 -44.77 26.45
CA ALA D 13 -15.33 -46.10 25.91
C ALA D 13 -14.16 -46.51 25.02
N THR D 14 -13.39 -45.55 24.52
CA THR D 14 -12.24 -45.84 23.66
C THR D 14 -11.00 -46.23 24.46
N ARG D 15 -11.05 -46.17 25.78
CA ARG D 15 -9.95 -46.59 26.66
C ARG D 15 -8.64 -45.85 26.37
N VAL D 16 -8.71 -44.55 26.10
CA VAL D 16 -7.52 -43.71 25.96
C VAL D 16 -7.79 -42.37 26.62
N MET D 17 -6.80 -41.87 27.36
CA MET D 17 -6.93 -40.59 28.05
C MET D 17 -5.72 -39.73 27.73
N GLY D 18 -5.97 -38.41 27.67
CA GLY D 18 -4.91 -37.43 27.63
C GLY D 18 -4.18 -37.26 26.32
N GLY D 19 -4.64 -37.87 25.24
CA GLY D 19 -3.97 -37.73 23.97
C GLY D 19 -4.66 -38.43 22.81
N PRO D 20 -4.79 -37.72 21.69
CA PRO D 20 -5.31 -38.37 20.47
C PRO D 20 -4.28 -39.31 19.88
N VAL D 21 -4.20 -40.52 20.41
CA VAL D 21 -3.13 -41.45 20.03
C VAL D 21 -3.24 -41.79 18.55
N THR D 22 -2.11 -41.69 17.84
CA THR D 22 -2.02 -41.97 16.42
C THR D 22 -1.27 -43.27 16.17
N PRO D 23 -1.90 -44.22 15.49
CA PRO D 23 -1.23 -45.49 15.16
C PRO D 23 -0.18 -45.38 14.07
N ARG D 24 0.10 -44.18 13.57
CA ARG D 24 1.13 -43.97 12.56
C ARG D 24 2.39 -43.45 13.22
N LYS D 25 3.50 -44.14 13.00
CA LYS D 25 4.80 -43.78 13.58
C LYS D 25 5.75 -43.46 12.43
N GLY D 26 6.04 -42.18 12.24
CA GLY D 26 6.93 -41.75 11.18
C GLY D 26 7.15 -40.26 11.20
N PRO D 27 8.01 -39.77 10.30
CA PRO D 27 8.26 -38.33 10.22
C PRO D 27 7.04 -37.58 9.72
N PRO D 28 6.55 -36.61 10.48
CA PRO D 28 5.36 -35.87 10.04
C PRO D 28 5.64 -35.08 8.76
N LYS D 29 4.59 -34.93 7.96
CA LYS D 29 4.65 -34.17 6.72
C LYS D 29 3.86 -32.88 6.88
N PHE D 30 4.38 -31.80 6.31
CA PHE D 30 3.80 -30.48 6.48
C PHE D 30 3.43 -29.88 5.13
N LYS D 31 2.33 -29.13 5.11
CA LYS D 31 1.77 -28.62 3.87
C LYS D 31 2.69 -27.59 3.24
N GLN D 32 2.76 -27.63 1.90
CA GLN D 32 3.50 -26.65 1.12
C GLN D 32 2.66 -25.39 0.93
N ARG D 33 3.36 -24.26 0.78
CA ARG D 33 2.67 -23.00 0.52
C ARG D 33 2.00 -23.02 -0.84
N GLN D 34 0.85 -22.37 -0.94
CA GLN D 34 0.14 -22.28 -2.20
C GLN D 34 0.66 -21.10 -3.01
N THR D 35 1.24 -21.40 -4.17
CA THR D 35 1.80 -20.39 -5.07
C THR D 35 1.03 -20.35 -6.38
N ARG D 36 -0.30 -20.33 -6.29
CA ARG D 36 -1.17 -20.33 -7.45
C ARG D 36 -1.72 -18.94 -7.79
N GLN D 37 -0.90 -17.90 -7.61
CA GLN D 37 -1.32 -16.49 -7.76
C GLN D 37 -2.68 -16.23 -7.12
N PHE D 38 -2.91 -16.86 -5.97
CA PHE D 38 -4.15 -16.73 -5.22
C PHE D 38 -4.38 -15.30 -4.76
N GLU D 80 1.93 30.28 -35.96
CA GLU D 80 2.94 31.30 -35.74
C GLU D 80 3.40 31.23 -34.29
N LEU D 81 2.52 30.72 -33.42
CA LEU D 81 2.87 30.52 -32.02
C LEU D 81 4.02 29.53 -31.87
N ALA D 82 3.98 28.44 -32.64
CA ALA D 82 5.05 27.45 -32.59
C ALA D 82 6.35 27.99 -33.17
N GLN D 83 6.29 29.07 -33.95
CA GLN D 83 7.50 29.66 -34.51
C GLN D 83 8.35 30.32 -33.42
N TYR D 84 7.71 30.83 -32.37
CA TYR D 84 8.40 31.48 -31.26
C TYR D 84 8.52 30.58 -30.04
N GLY D 85 8.48 29.26 -30.23
CA GLY D 85 8.64 28.32 -29.14
C GLY D 85 7.56 28.39 -28.08
N ILE D 86 6.30 28.51 -28.51
CA ILE D 86 5.18 28.55 -27.59
C ILE D 86 4.14 27.51 -27.98
#